data_9JLQ
#
_entry.id   9JLQ
#
_cell.length_a   72.658
_cell.length_b   166.730
_cell.length_c   99.514
_cell.angle_alpha   90.00
_cell.angle_beta   110.31
_cell.angle_gamma   90.00
#
_symmetry.space_group_name_H-M   'P 1 21 1'
#
loop_
_entity.id
_entity.type
_entity.pdbx_description
1 polymer 'Glycoside hydrolase family 57 N-terminal domain-containing protein'
2 water water
#
_entity_poly.entity_id   1
_entity_poly.type   'polypeptide(L)'
_entity_poly.pdbx_seq_one_letter_code
;MKKLFLVFWWHMHQPLYREPYTGEYLLPWTFFHAVKDYYDMPAYLKDFEIKLNFNLTPVLIDQIQEYAQGKAKDVFLEAI
RKDPDDLEKEEVEKLIEFTKLNYEKPIYRFERIRELMNKEKLNREELLDLQTLNLLAWCGRTLRKDLKDLLNKGRNYTQE
EKEYVLNKYFEIIKKTLSIYREIKEEGKGSVSTSPYYHPLIPILLNPNCVYETTPNVKIPDFAVSFREDASKHVELAKEK
YFEIFGEHPVYMWPPEASVSNEALELYYEKGINMLATDEVILKNSVERASPYLRYYFRELISVFFRDKTLSDLIGFSYHA
WNAEDAVRDFIGRLKKIHESVDFQPVVFVVLDGENCWEYYEENGIPFLEKLYSTLEKEEWIETLTLEEAMRKEDVKTEVI
ESVKAGTWFDGNFLKWIGNKEKNEYWKILIEAKKKAKNDYILVAEGSDWFWWQGEEKAPFVEVFDKLFRSFVRRAQELEH
HHHH
;
_entity_poly.pdbx_strand_id   A,B,C,D
#
# COMPACT_ATOMS: atom_id res chain seq x y z
N MET A 1 -5.39 -12.62 20.97
CA MET A 1 -6.28 -12.27 19.86
C MET A 1 -7.59 -13.04 19.92
N LYS A 2 -8.68 -12.33 20.15
CA LYS A 2 -10.01 -12.94 20.06
C LYS A 2 -10.32 -13.26 18.61
N LYS A 3 -10.86 -14.45 18.37
CA LYS A 3 -11.08 -14.95 17.03
C LYS A 3 -12.54 -15.30 16.80
N LEU A 4 -12.94 -15.25 15.54
CA LEU A 4 -14.16 -15.90 15.08
C LEU A 4 -13.78 -17.15 14.33
N PHE A 5 -14.34 -18.28 14.73
CA PHE A 5 -14.10 -19.55 14.06
C PHE A 5 -15.21 -19.78 13.05
N LEU A 6 -14.84 -19.86 11.77
CA LEU A 6 -15.79 -19.99 10.68
C LEU A 6 -15.73 -21.42 10.15
N VAL A 7 -16.90 -22.04 9.99
CA VAL A 7 -17.00 -23.38 9.42
C VAL A 7 -17.93 -23.32 8.21
N PHE A 8 -17.41 -23.65 7.05
CA PHE A 8 -18.18 -23.80 5.82
C PHE A 8 -18.53 -25.27 5.64
N TRP A 9 -19.79 -25.55 5.31
CA TRP A 9 -20.26 -26.92 5.15
C TRP A 9 -21.21 -26.97 3.95
N TRP A 10 -20.66 -27.29 2.78
CA TRP A 10 -21.44 -27.43 1.57
C TRP A 10 -22.06 -28.82 1.50
N HIS A 11 -23.35 -28.89 1.19
CA HIS A 11 -24.09 -30.13 1.11
C HIS A 11 -24.38 -30.46 -0.34
N MET A 12 -23.86 -31.58 -0.82
CA MET A 12 -24.04 -32.03 -2.19
C MET A 12 -24.98 -33.22 -2.21
N HIS A 13 -26.05 -33.14 -3.01
CA HIS A 13 -27.01 -34.23 -3.09
C HIS A 13 -27.78 -34.14 -4.39
N GLN A 14 -28.09 -35.31 -4.95
CA GLN A 14 -29.01 -35.45 -6.08
C GLN A 14 -29.80 -36.72 -5.83
N PRO A 15 -31.13 -36.67 -5.94
CA PRO A 15 -31.92 -37.91 -5.80
C PRO A 15 -31.66 -38.84 -6.97
N LEU A 16 -31.91 -40.13 -6.72
CA LEU A 16 -31.70 -41.14 -7.75
C LEU A 16 -32.58 -40.88 -8.96
N TYR A 17 -31.98 -40.48 -10.08
CA TYR A 17 -32.70 -40.23 -11.31
C TYR A 17 -32.76 -41.45 -12.21
N ARG A 18 -32.16 -42.57 -11.80
CA ARG A 18 -32.08 -43.76 -12.64
C ARG A 18 -33.37 -44.55 -12.52
N GLU A 19 -34.16 -44.56 -13.58
CA GLU A 19 -35.40 -45.31 -13.58
C GLU A 19 -35.08 -46.81 -13.52
N PRO A 20 -35.64 -47.54 -12.55
CA PRO A 20 -35.17 -48.92 -12.32
C PRO A 20 -35.40 -49.87 -13.49
N TYR A 21 -36.49 -49.71 -14.24
CA TYR A 21 -36.81 -50.68 -15.29
C TYR A 21 -35.92 -50.48 -16.51
N THR A 22 -35.99 -49.30 -17.13
CA THR A 22 -35.16 -49.02 -18.29
C THR A 22 -33.72 -48.69 -17.94
N GLY A 23 -33.43 -48.35 -16.69
CA GLY A 23 -32.09 -47.98 -16.31
C GLY A 23 -31.64 -46.61 -16.77
N GLU A 24 -32.55 -45.82 -17.34
CA GLU A 24 -32.20 -44.55 -17.95
C GLU A 24 -32.30 -43.42 -16.93
N TYR A 25 -31.33 -42.50 -16.99
CA TYR A 25 -31.38 -41.28 -16.20
C TYR A 25 -32.29 -40.29 -16.90
N LEU A 26 -33.45 -40.00 -16.30
CA LEU A 26 -34.45 -39.15 -16.93
C LEU A 26 -34.12 -37.67 -16.82
N LEU A 27 -33.19 -37.28 -15.95
CA LEU A 27 -32.81 -35.88 -15.78
C LEU A 27 -31.29 -35.81 -15.68
N PRO A 28 -30.66 -34.90 -16.42
CA PRO A 28 -29.19 -34.85 -16.44
C PRO A 28 -28.60 -34.03 -15.29
N TRP A 29 -29.41 -33.78 -14.25
CA TRP A 29 -28.96 -32.90 -13.18
C TRP A 29 -27.72 -33.42 -12.49
N THR A 30 -27.61 -34.74 -12.33
CA THR A 30 -26.42 -35.32 -11.71
C THR A 30 -25.18 -34.99 -12.53
N PHE A 31 -25.26 -35.15 -13.85
CA PHE A 31 -24.11 -34.91 -14.71
C PHE A 31 -23.69 -33.44 -14.68
N PHE A 32 -24.64 -32.54 -14.92
CA PHE A 32 -24.30 -31.13 -15.13
C PHE A 32 -23.75 -30.49 -13.86
N HIS A 33 -24.25 -30.88 -12.69
CA HIS A 33 -23.67 -30.38 -11.46
C HIS A 33 -22.34 -31.06 -11.13
N ALA A 34 -22.11 -32.26 -11.66
CA ALA A 34 -20.84 -32.95 -11.40
C ALA A 34 -19.70 -32.33 -12.19
N VAL A 35 -19.97 -31.84 -13.41
CA VAL A 35 -18.92 -31.20 -14.20
C VAL A 35 -18.70 -29.76 -13.78
N LYS A 36 -19.68 -29.14 -13.13
CA LYS A 36 -19.63 -27.72 -12.79
C LYS A 36 -19.30 -27.46 -11.33
N ASP A 37 -19.80 -28.27 -10.40
CA ASP A 37 -19.64 -27.96 -8.98
C ASP A 37 -19.01 -29.07 -8.16
N TYR A 38 -19.36 -30.33 -8.40
CA TYR A 38 -18.98 -31.40 -7.46
C TYR A 38 -17.47 -31.57 -7.38
N TYR A 39 -16.75 -31.39 -8.50
CA TYR A 39 -15.31 -31.46 -8.44
C TYR A 39 -14.69 -30.12 -8.07
N ASP A 40 -15.18 -29.03 -8.65
CA ASP A 40 -14.52 -27.74 -8.52
C ASP A 40 -14.75 -27.10 -7.16
N MET A 41 -15.88 -27.38 -6.51
CA MET A 41 -16.11 -26.82 -5.18
C MET A 41 -15.07 -27.26 -4.17
N PRO A 42 -14.75 -28.57 -4.01
CA PRO A 42 -13.62 -28.93 -3.15
C PRO A 42 -12.27 -28.55 -3.73
N ALA A 43 -12.18 -28.32 -5.04
CA ALA A 43 -10.89 -28.04 -5.67
C ALA A 43 -10.35 -26.66 -5.32
N TYR A 44 -11.20 -25.76 -4.80
CA TYR A 44 -10.69 -24.48 -4.31
C TYR A 44 -9.64 -24.68 -3.21
N LEU A 45 -9.76 -25.77 -2.46
CA LEU A 45 -8.86 -26.02 -1.33
C LEU A 45 -7.42 -26.20 -1.77
N LYS A 46 -7.17 -26.52 -3.04
CA LYS A 46 -5.81 -26.60 -3.54
C LYS A 46 -5.22 -25.21 -3.79
N ASP A 47 -6.06 -24.22 -4.09
CA ASP A 47 -5.60 -22.89 -4.44
C ASP A 47 -5.63 -21.90 -3.27
N PHE A 48 -6.41 -22.17 -2.23
CA PHE A 48 -6.56 -21.26 -1.12
C PHE A 48 -6.25 -21.98 0.19
N GLU A 49 -5.59 -21.28 1.10
CA GLU A 49 -5.15 -21.88 2.36
C GLU A 49 -6.21 -21.68 3.45
N ILE A 50 -7.40 -22.20 3.16
CA ILE A 50 -8.52 -22.17 4.09
C ILE A 50 -9.06 -23.60 4.24
N LYS A 51 -9.98 -23.75 5.18
CA LYS A 51 -10.62 -25.04 5.44
C LYS A 51 -12.07 -24.98 4.97
N LEU A 52 -12.52 -26.07 4.34
CA LEU A 52 -13.87 -26.17 3.83
C LEU A 52 -14.36 -27.59 4.00
N ASN A 53 -15.63 -27.76 4.32
CA ASN A 53 -16.19 -29.07 4.66
C ASN A 53 -17.35 -29.41 3.73
N PHE A 54 -17.50 -30.70 3.44
CA PHE A 54 -18.45 -31.15 2.43
C PHE A 54 -19.25 -32.34 2.94
N ASN A 55 -20.53 -32.35 2.59
CA ASN A 55 -21.42 -33.47 2.84
C ASN A 55 -21.77 -34.12 1.51
N LEU A 56 -21.70 -35.46 1.47
CA LEU A 56 -22.02 -36.23 0.28
C LEU A 56 -23.06 -37.27 0.62
N THR A 57 -24.22 -37.18 -0.02
CA THR A 57 -25.23 -38.21 0.17
C THR A 57 -24.82 -39.48 -0.57
N PRO A 58 -25.05 -40.66 0.01
CA PRO A 58 -24.67 -41.90 -0.67
C PRO A 58 -25.36 -42.10 -2.01
N VAL A 59 -26.60 -41.63 -2.15
CA VAL A 59 -27.31 -41.78 -3.42
C VAL A 59 -26.61 -40.98 -4.51
N LEU A 60 -26.10 -39.79 -4.17
CA LEU A 60 -25.33 -39.03 -5.14
C LEU A 60 -24.01 -39.71 -5.48
N ILE A 61 -23.38 -40.34 -4.48
CA ILE A 61 -22.12 -41.04 -4.73
C ILE A 61 -22.33 -42.19 -5.72
N ASP A 62 -23.47 -42.86 -5.62
CA ASP A 62 -23.78 -43.94 -6.56
C ASP A 62 -23.87 -43.41 -7.99
N GLN A 63 -24.52 -42.26 -8.18
CA GLN A 63 -24.70 -41.73 -9.52
C GLN A 63 -23.40 -41.17 -10.08
N ILE A 64 -22.59 -40.52 -9.24
CA ILE A 64 -21.28 -40.05 -9.68
C ILE A 64 -20.43 -41.22 -10.16
N GLN A 65 -20.49 -42.33 -9.44
CA GLN A 65 -19.70 -43.51 -9.83
C GLN A 65 -20.20 -44.11 -11.14
N GLU A 66 -21.52 -44.12 -11.34
CA GLU A 66 -22.07 -44.72 -12.57
C GLU A 66 -21.64 -43.95 -13.81
N TYR A 67 -21.61 -42.61 -13.72
CA TYR A 67 -21.12 -41.81 -14.83
C TYR A 67 -19.61 -41.99 -15.02
N ALA A 68 -18.87 -42.12 -13.92
CA ALA A 68 -17.42 -42.25 -13.99
C ALA A 68 -17.00 -43.60 -14.56
N GLN A 69 -17.89 -44.60 -14.54
CA GLN A 69 -17.62 -45.89 -15.16
C GLN A 69 -18.24 -46.02 -16.54
N GLY A 70 -18.81 -44.95 -17.08
CA GLY A 70 -19.45 -45.00 -18.38
C GLY A 70 -20.62 -45.96 -18.41
N LYS A 71 -21.48 -45.89 -17.40
CA LYS A 71 -22.62 -46.78 -17.29
C LYS A 71 -23.97 -46.08 -17.31
N ALA A 72 -24.02 -44.78 -17.02
CA ALA A 72 -25.30 -44.07 -16.98
C ALA A 72 -25.86 -43.93 -18.39
N LYS A 73 -27.07 -44.44 -18.60
CA LYS A 73 -27.77 -44.27 -19.88
C LYS A 73 -28.59 -42.99 -19.81
N ASP A 74 -27.88 -41.86 -19.91
CA ASP A 74 -28.49 -40.54 -19.77
C ASP A 74 -29.11 -40.14 -21.10
N VAL A 75 -30.45 -40.06 -21.13
CA VAL A 75 -31.17 -39.86 -22.39
C VAL A 75 -30.89 -38.47 -22.96
N PHE A 76 -30.79 -37.45 -22.10
CA PHE A 76 -30.50 -36.11 -22.59
C PHE A 76 -29.05 -35.98 -23.01
N LEU A 77 -28.14 -36.60 -22.24
CA LEU A 77 -26.72 -36.55 -22.58
C LEU A 77 -26.46 -37.23 -23.92
N GLU A 78 -27.21 -38.31 -24.20
CA GLU A 78 -27.08 -38.97 -25.49
C GLU A 78 -27.51 -38.07 -26.64
N ALA A 79 -28.46 -37.16 -26.39
CA ALA A 79 -28.88 -36.23 -27.43
C ALA A 79 -27.79 -35.21 -27.74
N ILE A 80 -27.09 -34.72 -26.71
CA ILE A 80 -25.96 -33.82 -26.95
C ILE A 80 -24.86 -34.54 -27.72
N ARG A 81 -24.57 -35.79 -27.33
CA ARG A 81 -23.50 -36.55 -27.97
C ARG A 81 -23.78 -36.77 -29.45
N LYS A 82 -25.05 -36.96 -29.81
CA LYS A 82 -25.42 -37.34 -31.16
C LYS A 82 -25.01 -36.28 -32.18
N ASP A 83 -24.68 -36.74 -33.39
CA ASP A 83 -24.61 -35.83 -34.52
C ASP A 83 -26.00 -35.27 -34.79
N PRO A 84 -26.13 -33.97 -35.04
CA PRO A 84 -27.47 -33.38 -35.20
C PRO A 84 -28.29 -34.00 -36.31
N ASP A 85 -27.64 -34.60 -37.32
CA ASP A 85 -28.37 -35.32 -38.36
C ASP A 85 -29.18 -36.48 -37.81
N ASP A 86 -28.81 -37.01 -36.64
CA ASP A 86 -29.46 -38.17 -36.05
C ASP A 86 -30.67 -37.82 -35.18
N LEU A 87 -30.85 -36.54 -34.84
CA LEU A 87 -31.79 -36.17 -33.80
C LEU A 87 -33.23 -36.20 -34.32
N GLU A 88 -34.12 -36.83 -33.55
CA GLU A 88 -35.54 -36.80 -33.86
C GLU A 88 -36.14 -35.47 -33.42
N LYS A 89 -37.31 -35.17 -33.99
CA LYS A 89 -37.97 -33.90 -33.70
C LYS A 89 -38.25 -33.73 -32.21
N GLU A 90 -38.45 -34.83 -31.49
CA GLU A 90 -38.65 -34.76 -30.05
C GLU A 90 -37.34 -34.53 -29.29
N GLU A 91 -36.22 -35.04 -29.80
CA GLU A 91 -34.94 -34.77 -29.18
C GLU A 91 -34.53 -33.31 -29.33
N VAL A 92 -34.88 -32.70 -30.47
CA VAL A 92 -34.59 -31.29 -30.68
C VAL A 92 -35.46 -30.41 -29.79
N GLU A 93 -36.76 -30.72 -29.70
CA GLU A 93 -37.65 -29.95 -28.84
C GLU A 93 -37.24 -30.06 -27.37
N LYS A 94 -36.62 -31.18 -26.99
CA LYS A 94 -36.08 -31.30 -25.65
C LYS A 94 -34.88 -30.39 -25.44
N LEU A 95 -33.99 -30.32 -26.43
CA LEU A 95 -32.80 -29.48 -26.31
C LEU A 95 -33.15 -27.99 -26.28
N ILE A 96 -34.25 -27.61 -26.93
CA ILE A 96 -34.71 -26.23 -26.86
C ILE A 96 -35.36 -25.95 -25.52
N GLU A 97 -36.18 -26.87 -25.02
CA GLU A 97 -36.85 -26.68 -23.73
C GLU A 97 -35.85 -26.51 -22.61
N PHE A 98 -34.76 -27.29 -22.63
CA PHE A 98 -33.72 -27.12 -21.63
C PHE A 98 -33.08 -25.73 -21.72
N THR A 99 -32.83 -25.25 -22.94
CA THR A 99 -32.22 -23.93 -23.10
C THR A 99 -33.17 -22.82 -22.65
N LYS A 100 -34.46 -22.95 -22.93
CA LYS A 100 -35.42 -21.95 -22.46
C LYS A 100 -35.46 -21.90 -20.94
N LEU A 101 -35.24 -23.04 -20.28
CA LEU A 101 -35.26 -23.07 -18.82
C LEU A 101 -34.10 -22.29 -18.21
N ASN A 102 -32.91 -22.40 -18.81
CA ASN A 102 -31.71 -21.78 -18.28
C ASN A 102 -31.38 -20.44 -18.94
N TYR A 103 -32.29 -19.91 -19.76
CA TYR A 103 -31.95 -18.79 -20.63
C TYR A 103 -31.49 -17.57 -19.83
N GLU A 104 -32.20 -17.26 -18.74
CA GLU A 104 -31.90 -16.05 -17.98
C GLU A 104 -30.76 -16.24 -16.99
N LYS A 105 -30.23 -17.45 -16.84
CA LYS A 105 -29.14 -17.66 -15.92
C LYS A 105 -27.85 -17.08 -16.48
N PRO A 106 -27.02 -16.42 -15.65
CA PRO A 106 -25.80 -15.78 -16.17
C PRO A 106 -24.81 -16.74 -16.81
N ILE A 107 -24.90 -18.04 -16.50
CA ILE A 107 -23.98 -19.00 -17.12
C ILE A 107 -24.42 -19.41 -18.51
N TYR A 108 -25.50 -18.83 -19.04
CA TYR A 108 -25.93 -19.06 -20.40
C TYR A 108 -25.83 -17.80 -21.27
N ARG A 109 -25.08 -16.80 -20.81
CA ARG A 109 -24.97 -15.55 -21.57
C ARG A 109 -23.95 -15.76 -22.68
N PHE A 110 -24.46 -16.25 -23.81
CA PHE A 110 -23.71 -16.34 -25.06
C PHE A 110 -24.49 -15.58 -26.12
N GLU A 111 -23.77 -14.80 -26.93
CA GLU A 111 -24.44 -14.11 -28.03
C GLU A 111 -25.02 -15.11 -29.02
N ARG A 112 -24.32 -16.23 -29.23
CA ARG A 112 -24.83 -17.29 -30.11
C ARG A 112 -26.15 -17.85 -29.58
N ILE A 113 -26.20 -18.17 -28.28
CA ILE A 113 -27.43 -18.71 -27.70
C ILE A 113 -28.58 -17.72 -27.86
N ARG A 114 -28.28 -16.42 -27.73
CA ARG A 114 -29.29 -15.40 -27.99
C ARG A 114 -29.83 -15.52 -29.41
N GLU A 115 -28.97 -15.89 -30.36
CA GLU A 115 -29.39 -15.97 -31.76
C GLU A 115 -30.18 -17.24 -32.05
N LEU A 116 -29.74 -18.40 -31.53
CA LEU A 116 -30.46 -19.64 -31.83
C LEU A 116 -31.89 -19.61 -31.32
N MET A 117 -32.09 -19.08 -30.10
CA MET A 117 -33.43 -19.06 -29.54
C MET A 117 -34.37 -18.15 -30.32
N ASN A 118 -33.83 -17.13 -30.98
CA ASN A 118 -34.64 -16.26 -31.83
C ASN A 118 -34.80 -16.79 -33.25
N LYS A 119 -34.12 -17.88 -33.59
CA LYS A 119 -34.24 -18.46 -34.91
C LYS A 119 -35.54 -19.27 -35.01
N GLU A 120 -35.96 -19.50 -36.26
CA GLU A 120 -37.20 -20.24 -36.51
C GLU A 120 -36.97 -21.74 -36.58
N LYS A 121 -36.05 -22.20 -37.45
CA LYS A 121 -35.72 -23.60 -37.59
C LYS A 121 -34.21 -23.75 -37.65
N LEU A 122 -33.66 -24.69 -36.88
CA LEU A 122 -32.22 -24.83 -36.69
C LEU A 122 -31.65 -25.89 -37.63
N ASN A 123 -30.56 -25.56 -38.31
CA ASN A 123 -29.89 -26.50 -39.19
C ASN A 123 -28.83 -27.29 -38.43
N ARG A 124 -28.13 -28.19 -39.14
CA ARG A 124 -27.22 -29.12 -38.48
C ARG A 124 -26.10 -28.39 -37.76
N GLU A 125 -25.55 -27.34 -38.38
CA GLU A 125 -24.51 -26.58 -37.71
C GLU A 125 -25.07 -25.73 -36.58
N GLU A 126 -26.31 -25.25 -36.71
CA GLU A 126 -26.93 -24.53 -35.61
C GLU A 126 -27.24 -25.46 -34.43
N LEU A 127 -27.72 -26.67 -34.72
CA LEU A 127 -27.93 -27.64 -33.64
C LEU A 127 -26.62 -28.06 -33.01
N LEU A 128 -25.53 -28.10 -33.80
CA LEU A 128 -24.22 -28.36 -33.22
C LEU A 128 -23.81 -27.27 -32.24
N ASP A 129 -24.05 -26.01 -32.60
CA ASP A 129 -23.75 -24.91 -31.70
C ASP A 129 -24.62 -24.96 -30.45
N LEU A 130 -25.88 -25.39 -30.60
CA LEU A 130 -26.77 -25.48 -29.44
C LEU A 130 -26.38 -26.65 -28.54
N GLN A 131 -26.05 -27.80 -29.14
CA GLN A 131 -25.56 -28.92 -28.33
C GLN A 131 -24.32 -28.52 -27.55
N THR A 132 -23.37 -27.86 -28.21
CA THR A 132 -22.07 -27.60 -27.60
C THR A 132 -22.15 -26.49 -26.55
N LEU A 133 -22.92 -25.44 -26.82
CA LEU A 133 -23.03 -24.35 -25.85
C LEU A 133 -23.75 -24.79 -24.58
N ASN A 134 -24.70 -25.73 -24.70
CA ASN A 134 -25.32 -26.30 -23.50
C ASN A 134 -24.29 -27.03 -22.64
N LEU A 135 -23.27 -27.62 -23.26
CA LEU A 135 -22.19 -28.23 -22.50
C LEU A 135 -21.27 -27.18 -21.89
N LEU A 136 -20.87 -26.19 -22.69
CA LEU A 136 -19.92 -25.18 -22.23
C LEU A 136 -20.52 -24.28 -21.16
N ALA A 137 -21.84 -24.16 -21.10
CA ALA A 137 -22.47 -23.32 -20.09
C ALA A 137 -22.21 -23.85 -18.68
N TRP A 138 -22.10 -25.17 -18.52
CA TRP A 138 -21.91 -25.80 -17.22
C TRP A 138 -20.44 -26.13 -16.97
N CYS A 139 -19.54 -25.29 -17.45
CA CYS A 139 -18.10 -25.54 -17.34
C CYS A 139 -17.62 -25.07 -15.97
N GLY A 140 -17.02 -25.99 -15.21
CA GLY A 140 -16.52 -25.66 -13.90
C GLY A 140 -15.29 -24.77 -13.97
N ARG A 141 -14.85 -24.32 -12.78
CA ARG A 141 -13.72 -23.40 -12.72
C ARG A 141 -12.46 -24.00 -13.30
N THR A 142 -12.22 -25.29 -13.04
CA THR A 142 -11.00 -25.94 -13.52
C THR A 142 -10.93 -25.95 -15.04
N LEU A 143 -12.01 -26.37 -15.69
CA LEU A 143 -11.99 -26.50 -17.14
C LEU A 143 -12.21 -25.17 -17.87
N ARG A 144 -12.74 -24.15 -17.18
CA ARG A 144 -12.82 -22.83 -17.80
C ARG A 144 -11.46 -22.25 -18.08
N LYS A 145 -10.41 -22.79 -17.45
CA LYS A 145 -9.03 -22.41 -17.76
C LYS A 145 -8.45 -23.22 -18.91
N ASP A 146 -8.87 -24.48 -19.07
CA ASP A 146 -8.33 -25.36 -20.09
C ASP A 146 -9.02 -25.22 -21.44
N LEU A 147 -10.29 -24.80 -21.45
CA LEU A 147 -11.06 -24.65 -22.68
C LEU A 147 -11.24 -23.19 -23.07
N LYS A 148 -10.25 -22.35 -22.74
CA LYS A 148 -10.38 -20.91 -22.99
C LYS A 148 -10.62 -20.62 -24.46
N ASP A 149 -9.91 -21.31 -25.36
CA ASP A 149 -10.08 -21.08 -26.78
C ASP A 149 -11.46 -21.54 -27.27
N LEU A 150 -11.90 -22.71 -26.81
CA LEU A 150 -13.24 -23.18 -27.15
C LEU A 150 -14.31 -22.22 -26.64
N LEU A 151 -14.15 -21.75 -25.40
CA LEU A 151 -15.11 -20.82 -24.83
C LEU A 151 -15.03 -19.45 -25.50
N ASN A 152 -13.85 -19.07 -25.99
CA ASN A 152 -13.73 -17.80 -26.70
C ASN A 152 -14.35 -17.88 -28.09
N LYS A 153 -14.38 -19.07 -28.69
CA LYS A 153 -14.96 -19.22 -30.02
C LYS A 153 -16.42 -18.80 -30.04
N GLY A 154 -17.19 -19.27 -29.06
CA GLY A 154 -18.57 -18.85 -28.90
C GLY A 154 -19.55 -19.43 -29.91
N ARG A 155 -19.05 -19.88 -31.05
CA ARG A 155 -19.91 -20.28 -32.15
C ARG A 155 -19.12 -21.16 -33.11
N ASN A 156 -19.85 -21.78 -34.04
CA ASN A 156 -19.26 -22.60 -35.11
C ASN A 156 -18.48 -23.77 -34.53
N TYR A 157 -19.18 -24.59 -33.76
CA TYR A 157 -18.58 -25.76 -33.13
C TYR A 157 -18.75 -26.99 -34.01
N THR A 158 -17.69 -27.78 -34.11
CA THR A 158 -17.69 -29.00 -34.91
C THR A 158 -17.94 -30.21 -34.01
N GLN A 159 -18.25 -31.34 -34.65
CA GLN A 159 -18.59 -32.55 -33.89
C GLN A 159 -17.40 -33.05 -33.08
N GLU A 160 -16.19 -32.96 -33.64
CA GLU A 160 -15.02 -33.38 -32.88
C GLU A 160 -14.74 -32.44 -31.71
N GLU A 161 -14.99 -31.15 -31.88
CA GLU A 161 -14.86 -30.23 -30.75
C GLU A 161 -15.86 -30.55 -29.65
N LYS A 162 -17.11 -30.85 -30.04
CA LYS A 162 -18.10 -31.25 -29.05
C LYS A 162 -17.71 -32.53 -28.35
N GLU A 163 -17.16 -33.49 -29.10
CA GLU A 163 -16.66 -34.71 -28.47
C GLU A 163 -15.49 -34.42 -27.55
N TYR A 164 -14.64 -33.47 -27.93
CA TYR A 164 -13.50 -33.10 -27.08
C TYR A 164 -13.97 -32.60 -25.72
N VAL A 165 -15.00 -31.75 -25.71
CA VAL A 165 -15.55 -31.25 -24.45
C VAL A 165 -16.05 -32.40 -23.61
N LEU A 166 -16.86 -33.29 -24.20
CA LEU A 166 -17.44 -34.41 -23.46
C LEU A 166 -16.36 -35.28 -22.85
N ASN A 167 -15.24 -35.46 -23.56
CA ASN A 167 -14.14 -36.25 -23.00
C ASN A 167 -13.51 -35.55 -21.80
N LYS A 168 -13.34 -34.23 -21.87
CA LYS A 168 -12.84 -33.49 -20.72
C LYS A 168 -13.81 -33.58 -19.56
N TYR A 169 -15.11 -33.49 -19.84
CA TYR A 169 -16.11 -33.53 -18.78
C TYR A 169 -16.10 -34.88 -18.08
N PHE A 170 -15.96 -35.97 -18.84
CA PHE A 170 -15.97 -37.29 -18.21
C PHE A 170 -14.69 -37.54 -17.41
N GLU A 171 -13.56 -37.00 -17.87
CA GLU A 171 -12.35 -37.06 -17.05
C GLU A 171 -12.56 -36.39 -15.70
N ILE A 172 -13.36 -35.32 -15.67
CA ILE A 172 -13.63 -34.61 -14.42
C ILE A 172 -14.46 -35.48 -13.48
N ILE A 173 -15.44 -36.22 -14.01
CA ILE A 173 -16.27 -37.07 -13.17
C ILE A 173 -15.45 -38.21 -12.57
N LYS A 174 -14.55 -38.80 -13.36
CA LYS A 174 -13.66 -39.84 -12.82
C LYS A 174 -12.74 -39.30 -11.73
N LYS A 175 -12.48 -37.98 -11.73
CA LYS A 175 -11.62 -37.36 -10.73
C LYS A 175 -12.36 -36.96 -9.46
N THR A 176 -13.69 -36.93 -9.48
CA THR A 176 -14.45 -36.21 -8.46
C THR A 176 -14.27 -36.80 -7.08
N LEU A 177 -14.48 -38.11 -6.93
CA LEU A 177 -14.44 -38.70 -5.58
C LEU A 177 -13.02 -38.75 -5.03
N SER A 178 -12.02 -38.82 -5.90
CA SER A 178 -10.63 -38.82 -5.44
C SER A 178 -10.28 -37.52 -4.73
N ILE A 179 -10.75 -36.39 -5.26
CA ILE A 179 -10.42 -35.11 -4.65
C ILE A 179 -11.11 -34.93 -3.31
N TYR A 180 -12.17 -35.68 -3.04
CA TYR A 180 -12.75 -35.68 -1.70
C TYR A 180 -11.88 -36.49 -0.74
N ARG A 181 -11.36 -37.63 -1.19
CA ARG A 181 -10.37 -38.36 -0.41
C ARG A 181 -9.15 -37.49 -0.14
N GLU A 182 -8.64 -36.83 -1.17
CA GLU A 182 -7.39 -36.09 -1.05
C GLU A 182 -7.48 -34.96 -0.02
N ILE A 183 -8.59 -34.20 -0.05
CA ILE A 183 -8.73 -33.10 0.89
C ILE A 183 -9.05 -33.58 2.30
N LYS A 184 -9.64 -34.78 2.44
CA LYS A 184 -9.92 -35.31 3.77
C LYS A 184 -8.63 -35.79 4.44
N GLU A 185 -7.75 -36.43 3.68
CA GLU A 185 -6.53 -36.99 4.26
C GLU A 185 -5.46 -35.94 4.51
N GLU A 186 -5.38 -34.90 3.68
CA GLU A 186 -4.43 -33.83 3.89
C GLU A 186 -4.97 -32.75 4.83
N GLY A 187 -6.14 -32.99 5.43
CA GLY A 187 -6.62 -32.14 6.50
C GLY A 187 -7.18 -30.80 6.08
N LYS A 188 -7.39 -30.57 4.79
CA LYS A 188 -7.95 -29.30 4.35
C LYS A 188 -9.46 -29.23 4.54
N GLY A 189 -10.10 -30.33 4.89
CA GLY A 189 -11.52 -30.30 5.19
C GLY A 189 -12.01 -31.64 5.70
N SER A 190 -13.20 -31.60 6.28
CA SER A 190 -13.89 -32.80 6.74
C SER A 190 -14.98 -33.17 5.74
N VAL A 191 -15.30 -34.47 5.69
CA VAL A 191 -16.36 -34.97 4.81
C VAL A 191 -17.34 -35.76 5.65
N SER A 192 -18.61 -35.39 5.57
CA SER A 192 -19.71 -36.09 6.23
C SER A 192 -20.61 -36.70 5.17
N THR A 193 -21.48 -37.60 5.60
CA THR A 193 -22.51 -38.18 4.76
C THR A 193 -23.87 -37.89 5.39
N SER A 194 -24.91 -38.18 4.62
CA SER A 194 -26.28 -38.16 5.10
C SER A 194 -26.84 -39.57 5.06
N PRO A 195 -27.96 -39.82 5.74
CA PRO A 195 -28.65 -41.11 5.56
C PRO A 195 -28.90 -41.37 4.09
N TYR A 196 -28.92 -42.66 3.73
CA TYR A 196 -28.61 -43.08 2.36
C TYR A 196 -29.35 -42.26 1.29
N TYR A 197 -30.68 -42.33 1.30
CA TYR A 197 -31.46 -41.70 0.23
C TYR A 197 -32.10 -40.39 0.65
N HIS A 198 -31.47 -39.67 1.59
CA HIS A 198 -31.87 -38.34 2.03
C HIS A 198 -33.30 -38.29 2.55
N PRO A 199 -33.72 -39.17 3.46
CA PRO A 199 -35.08 -39.12 3.96
C PRO A 199 -35.21 -38.16 5.16
N LEU A 200 -36.46 -37.83 5.47
CA LEU A 200 -36.77 -37.05 6.66
C LEU A 200 -36.83 -38.03 7.84
N ILE A 201 -35.67 -38.27 8.43
CA ILE A 201 -35.49 -39.24 9.51
C ILE A 201 -36.48 -39.02 10.66
N PRO A 202 -36.75 -37.78 11.09
CA PRO A 202 -37.76 -37.60 12.16
C PRO A 202 -39.12 -38.18 11.83
N ILE A 203 -39.61 -37.99 10.60
CA ILE A 203 -40.92 -38.52 10.24
C ILE A 203 -40.88 -40.03 10.17
N LEU A 204 -39.75 -40.60 9.73
CA LEU A 204 -39.65 -42.05 9.64
C LEU A 204 -39.71 -42.69 11.02
N LEU A 205 -39.15 -42.04 12.05
CA LEU A 205 -39.12 -42.64 13.38
C LEU A 205 -40.42 -42.42 14.14
N ASN A 206 -41.00 -41.22 14.04
CA ASN A 206 -42.27 -40.93 14.69
C ASN A 206 -42.99 -39.83 13.92
N PRO A 207 -44.02 -40.18 13.14
CA PRO A 207 -44.74 -39.16 12.36
C PRO A 207 -45.44 -38.10 13.21
N ASN A 208 -45.60 -38.32 14.52
CA ASN A 208 -46.24 -37.32 15.36
C ASN A 208 -45.38 -36.09 15.59
N CYS A 209 -44.11 -36.11 15.15
CA CYS A 209 -43.24 -34.96 15.30
C CYS A 209 -43.67 -33.77 14.44
N VAL A 210 -44.54 -33.99 13.45
CA VAL A 210 -45.08 -32.88 12.68
C VAL A 210 -45.91 -31.96 13.56
N TYR A 211 -46.44 -32.47 14.68
CA TYR A 211 -47.30 -31.71 15.57
C TYR A 211 -46.54 -30.88 16.59
N GLU A 212 -45.22 -31.04 16.69
CA GLU A 212 -44.46 -30.23 17.64
C GLU A 212 -44.57 -28.75 17.30
N THR A 213 -44.51 -28.40 16.02
CA THR A 213 -44.53 -27.01 15.58
C THR A 213 -45.79 -26.61 14.83
N THR A 214 -46.58 -27.57 14.33
CA THR A 214 -47.81 -27.28 13.60
C THR A 214 -48.89 -28.24 14.08
N PRO A 215 -49.60 -27.89 15.15
CA PRO A 215 -50.45 -28.87 15.85
C PRO A 215 -51.78 -29.18 15.21
N ASN A 216 -52.12 -28.63 14.05
CA ASN A 216 -53.43 -28.84 13.45
C ASN A 216 -53.38 -29.55 12.10
N VAL A 217 -52.20 -29.97 11.65
CA VAL A 217 -52.09 -30.53 10.31
C VAL A 217 -52.70 -31.92 10.25
N LYS A 218 -53.17 -32.29 9.05
CA LYS A 218 -53.79 -33.58 8.79
C LYS A 218 -52.80 -34.45 8.01
N ILE A 219 -52.12 -35.35 8.72
CA ILE A 219 -51.18 -36.26 8.07
C ILE A 219 -51.86 -37.61 7.90
N PRO A 220 -51.41 -38.47 6.96
CA PRO A 220 -52.14 -39.72 6.71
C PRO A 220 -52.02 -40.71 7.85
N ASP A 221 -52.72 -41.83 7.72
CA ASP A 221 -52.68 -42.88 8.73
C ASP A 221 -51.52 -43.81 8.43
N PHE A 222 -50.54 -43.85 9.35
CA PHE A 222 -49.32 -44.64 9.16
C PHE A 222 -49.57 -46.04 9.72
N ALA A 223 -50.08 -46.93 8.87
CA ALA A 223 -50.40 -48.29 9.26
C ALA A 223 -49.18 -49.21 9.26
N VAL A 224 -47.99 -48.68 8.97
CA VAL A 224 -46.74 -49.44 9.01
C VAL A 224 -45.71 -48.62 9.79
N SER A 225 -44.67 -49.30 10.25
CA SER A 225 -43.58 -48.68 10.98
C SER A 225 -42.40 -48.47 10.03
N PHE A 226 -41.97 -47.22 9.89
CA PHE A 226 -40.78 -46.87 9.13
C PHE A 226 -39.53 -46.79 10.00
N ARG A 227 -39.55 -47.43 11.18
CA ARG A 227 -38.46 -47.28 12.12
C ARG A 227 -37.22 -48.11 11.75
N GLU A 228 -37.41 -49.29 11.17
CA GLU A 228 -36.27 -50.08 10.72
C GLU A 228 -35.66 -49.52 9.45
N ASP A 229 -36.51 -49.03 8.54
CA ASP A 229 -36.00 -48.42 7.31
C ASP A 229 -35.14 -47.20 7.60
N ALA A 230 -35.54 -46.42 8.61
CA ALA A 230 -34.73 -45.28 9.03
C ALA A 230 -33.36 -45.73 9.53
N SER A 231 -33.32 -46.86 10.26
CA SER A 231 -32.04 -47.41 10.68
C SER A 231 -31.20 -47.84 9.49
N LYS A 232 -31.85 -48.42 8.47
CA LYS A 232 -31.12 -48.84 7.27
C LYS A 232 -30.50 -47.64 6.56
N HIS A 233 -31.19 -46.51 6.55
CA HIS A 233 -30.66 -45.32 5.88
C HIS A 233 -29.34 -44.89 6.50
N VAL A 234 -29.25 -44.91 7.84
CA VAL A 234 -27.99 -44.59 8.49
C VAL A 234 -26.99 -45.72 8.31
N GLU A 235 -27.44 -46.97 8.55
CA GLU A 235 -26.51 -48.09 8.55
C GLU A 235 -25.85 -48.28 7.19
N LEU A 236 -26.61 -48.12 6.11
CA LEU A 236 -26.05 -48.24 4.77
C LEU A 236 -25.26 -47.00 4.38
N ALA A 237 -25.63 -45.83 4.89
CA ALA A 237 -24.86 -44.63 4.63
C ALA A 237 -23.45 -44.76 5.19
N LYS A 238 -23.31 -45.39 6.37
CA LYS A 238 -22.00 -45.56 6.98
C LYS A 238 -21.13 -46.51 6.15
N GLU A 239 -21.74 -47.55 5.56
CA GLU A 239 -20.94 -48.50 4.79
C GLU A 239 -20.55 -47.95 3.43
N LYS A 240 -21.45 -47.21 2.77
CA LYS A 240 -21.07 -46.56 1.51
C LYS A 240 -19.95 -45.55 1.73
N TYR A 241 -20.05 -44.78 2.82
CA TYR A 241 -18.97 -43.87 3.19
C TYR A 241 -17.69 -44.64 3.49
N PHE A 242 -17.82 -45.82 4.11
CA PHE A 242 -16.66 -46.65 4.36
C PHE A 242 -16.00 -47.09 3.06
N GLU A 243 -16.81 -47.39 2.04
CA GLU A 243 -16.26 -47.85 0.77
C GLU A 243 -15.33 -46.81 0.16
N ILE A 244 -15.74 -45.55 0.17
CA ILE A 244 -14.93 -44.51 -0.47
C ILE A 244 -13.77 -44.08 0.43
N PHE A 245 -14.04 -43.83 1.70
CA PHE A 245 -13.05 -43.20 2.58
C PHE A 245 -12.37 -44.17 3.53
N GLY A 246 -12.74 -45.45 3.53
CA GLY A 246 -12.02 -46.44 4.30
C GLY A 246 -12.17 -46.33 5.80
N GLU A 247 -13.22 -45.65 6.28
CA GLU A 247 -13.47 -45.52 7.70
C GLU A 247 -14.92 -45.10 7.89
N HIS A 248 -15.47 -45.43 9.06
CA HIS A 248 -16.83 -45.02 9.37
C HIS A 248 -16.90 -43.50 9.50
N PRO A 249 -18.00 -42.89 9.08
CA PRO A 249 -18.20 -41.47 9.36
C PRO A 249 -18.62 -41.27 10.82
N VAL A 250 -18.16 -40.16 11.38
CA VAL A 250 -18.62 -39.73 12.70
C VAL A 250 -19.40 -38.43 12.63
N TYR A 251 -19.34 -37.72 11.51
CA TYR A 251 -20.10 -36.50 11.29
C TYR A 251 -21.13 -36.76 10.21
N MET A 252 -22.35 -36.27 10.42
CA MET A 252 -23.43 -36.48 9.50
C MET A 252 -24.29 -35.23 9.42
N TRP A 253 -24.76 -34.90 8.22
CA TRP A 253 -25.68 -33.78 8.03
C TRP A 253 -27.09 -34.33 7.93
N PRO A 254 -27.99 -34.02 8.86
CA PRO A 254 -29.36 -34.54 8.77
C PRO A 254 -30.07 -33.94 7.57
N PRO A 255 -30.70 -34.76 6.76
CA PRO A 255 -31.38 -34.27 5.58
C PRO A 255 -32.33 -33.15 5.83
N GLU A 256 -32.15 -32.06 5.14
CA GLU A 256 -32.99 -30.91 5.34
C GLU A 256 -32.86 -30.29 6.75
N ALA A 257 -31.83 -30.69 7.45
CA ALA A 257 -31.48 -30.28 8.81
C ALA A 257 -32.49 -30.75 9.81
N SER A 258 -33.33 -31.69 9.41
CA SER A 258 -34.42 -32.12 10.27
C SER A 258 -33.89 -32.91 11.46
N VAL A 259 -34.34 -32.53 12.65
CA VAL A 259 -33.91 -33.17 13.89
C VAL A 259 -35.13 -33.45 14.75
N SER A 260 -34.94 -34.34 15.72
CA SER A 260 -35.89 -34.58 16.78
C SER A 260 -35.16 -35.33 17.89
N ASN A 261 -35.77 -35.34 19.09
CA ASN A 261 -35.22 -36.12 20.18
C ASN A 261 -35.07 -37.58 19.79
N GLU A 262 -35.98 -38.09 18.96
CA GLU A 262 -35.90 -39.48 18.51
C GLU A 262 -34.84 -39.67 17.44
N ALA A 263 -34.66 -38.69 16.56
CA ALA A 263 -33.62 -38.80 15.53
C ALA A 263 -32.23 -38.60 16.14
N LEU A 264 -32.08 -37.63 17.04
CA LEU A 264 -30.81 -37.43 17.71
C LEU A 264 -30.41 -38.66 18.53
N GLU A 265 -31.40 -39.36 19.09
CA GLU A 265 -31.12 -40.64 19.74
C GLU A 265 -30.60 -41.66 18.73
N LEU A 266 -31.24 -41.73 17.56
CA LEU A 266 -30.87 -42.74 16.57
C LEU A 266 -29.46 -42.50 16.03
N TYR A 267 -29.10 -41.23 15.81
CA TYR A 267 -27.75 -40.94 15.32
C TYR A 267 -26.69 -41.37 16.32
N TYR A 268 -26.95 -41.13 17.61
CA TYR A 268 -26.00 -41.50 18.65
C TYR A 268 -25.82 -43.01 18.73
N GLU A 269 -26.91 -43.76 18.56
CA GLU A 269 -26.83 -45.22 18.61
C GLU A 269 -26.10 -45.82 17.42
N LYS A 270 -25.82 -45.03 16.38
CA LYS A 270 -25.08 -45.49 15.21
C LYS A 270 -23.64 -45.00 15.20
N GLY A 271 -23.17 -44.38 16.28
CA GLY A 271 -21.81 -43.90 16.34
C GLY A 271 -21.57 -42.53 15.75
N ILE A 272 -22.61 -41.73 15.58
CA ILE A 272 -22.45 -40.36 15.09
C ILE A 272 -22.14 -39.47 16.28
N ASN A 273 -20.99 -38.79 16.23
CA ASN A 273 -20.56 -37.93 17.32
C ASN A 273 -21.09 -36.51 17.19
N MET A 274 -21.44 -36.07 15.98
CA MET A 274 -21.80 -34.69 15.79
C MET A 274 -22.73 -34.55 14.60
N LEU A 275 -23.66 -33.61 14.69
CA LEU A 275 -24.47 -33.18 13.56
C LEU A 275 -24.83 -31.72 13.77
N ALA A 276 -25.42 -31.11 12.75
CA ALA A 276 -25.81 -29.71 12.79
C ALA A 276 -27.26 -29.56 12.34
N THR A 277 -27.83 -28.39 12.60
CA THR A 277 -29.19 -28.11 12.16
C THR A 277 -29.38 -26.59 12.14
N ASP A 278 -30.61 -26.19 11.82
CA ASP A 278 -30.94 -24.77 11.65
C ASP A 278 -31.02 -24.06 12.99
N GLU A 279 -30.79 -22.74 12.96
CA GLU A 279 -30.93 -21.96 14.19
C GLU A 279 -32.38 -21.57 14.46
N VAL A 280 -33.26 -21.68 13.48
CA VAL A 280 -34.69 -21.58 13.75
C VAL A 280 -35.11 -22.71 14.69
N ILE A 281 -34.54 -23.89 14.50
CA ILE A 281 -34.78 -25.01 15.41
C ILE A 281 -34.29 -24.67 16.81
N LEU A 282 -33.14 -24.00 16.89
CA LEU A 282 -32.60 -23.59 18.19
C LEU A 282 -33.54 -22.64 18.91
N LYS A 283 -34.13 -21.69 18.18
CA LYS A 283 -35.06 -20.75 18.79
C LYS A 283 -36.30 -21.46 19.29
N ASN A 284 -36.79 -22.45 18.54
CA ASN A 284 -37.97 -23.21 18.96
C ASN A 284 -37.67 -24.08 20.18
N SER A 285 -36.43 -24.54 20.32
CA SER A 285 -36.09 -25.55 21.33
C SER A 285 -35.63 -24.93 22.65
N VAL A 286 -34.62 -24.07 22.61
CA VAL A 286 -34.04 -23.50 23.81
C VAL A 286 -34.49 -22.05 23.92
N GLU A 287 -34.36 -21.49 25.13
CA GLU A 287 -35.11 -20.29 25.50
C GLU A 287 -34.52 -19.01 24.92
N ARG A 288 -33.31 -18.64 25.38
CA ARG A 288 -32.62 -17.45 24.86
C ARG A 288 -31.21 -17.90 24.51
N ALA A 289 -31.05 -18.44 23.32
CA ALA A 289 -29.83 -19.11 22.91
C ALA A 289 -29.10 -18.31 21.84
N SER A 290 -27.83 -18.65 21.68
CA SER A 290 -26.98 -18.09 20.65
C SER A 290 -26.48 -19.22 19.76
N PRO A 291 -26.53 -19.08 18.43
CA PRO A 291 -26.06 -20.15 17.55
C PRO A 291 -24.55 -20.26 17.50
N TYR A 292 -23.83 -19.42 18.24
CA TYR A 292 -22.38 -19.36 18.19
C TYR A 292 -21.71 -20.19 19.27
N LEU A 293 -22.36 -21.28 19.69
CA LEU A 293 -21.86 -22.15 20.74
C LEU A 293 -21.82 -23.59 20.26
N ARG A 294 -20.98 -24.38 20.90
CA ARG A 294 -21.03 -25.84 20.78
C ARG A 294 -22.05 -26.36 21.78
N TYR A 295 -22.92 -27.25 21.35
CA TYR A 295 -23.99 -27.75 22.21
C TYR A 295 -23.83 -29.24 22.43
N TYR A 296 -24.00 -29.66 23.68
CA TYR A 296 -24.04 -31.06 24.06
C TYR A 296 -25.50 -31.45 24.23
N PHE A 297 -26.01 -32.26 23.31
CA PHE A 297 -27.38 -32.76 23.44
C PHE A 297 -27.40 -33.92 24.41
N ARG A 298 -27.87 -33.68 25.63
CA ARG A 298 -28.03 -34.71 26.67
C ARG A 298 -26.74 -35.47 26.96
N GLU A 299 -25.59 -34.85 26.68
CA GLU A 299 -24.29 -35.47 26.88
C GLU A 299 -24.14 -36.78 26.10
N LEU A 300 -24.84 -36.88 24.97
CA LEU A 300 -24.68 -37.98 24.02
C LEU A 300 -24.01 -37.55 22.73
N ILE A 301 -24.50 -36.48 22.12
CA ILE A 301 -24.07 -36.04 20.80
C ILE A 301 -23.76 -34.55 20.86
N SER A 302 -23.03 -34.07 19.86
CA SER A 302 -22.70 -32.67 19.71
C SER A 302 -23.51 -32.09 18.55
N VAL A 303 -24.15 -30.95 18.79
CA VAL A 303 -24.98 -30.29 17.80
C VAL A 303 -24.47 -28.87 17.58
N PHE A 304 -24.50 -28.43 16.32
CA PHE A 304 -24.23 -27.05 15.95
C PHE A 304 -25.42 -26.48 15.19
N PHE A 305 -25.65 -25.19 15.34
CA PHE A 305 -26.76 -24.52 14.68
C PHE A 305 -26.20 -23.49 13.71
N ARG A 306 -26.57 -23.63 12.43
CA ARG A 306 -26.03 -22.74 11.40
C ARG A 306 -26.58 -21.34 11.58
N ASP A 307 -25.79 -20.36 11.14
CA ASP A 307 -26.22 -18.97 11.13
C ASP A 307 -27.12 -18.77 9.91
N LYS A 308 -28.43 -18.78 10.15
CA LYS A 308 -29.39 -18.91 9.05
C LYS A 308 -29.27 -17.75 8.07
N THR A 309 -29.16 -16.51 8.58
CA THR A 309 -29.13 -15.35 7.70
C THR A 309 -27.88 -15.34 6.82
N LEU A 310 -26.73 -15.70 7.39
CA LEU A 310 -25.49 -15.71 6.61
C LEU A 310 -25.53 -16.78 5.52
N SER A 311 -25.99 -17.98 5.85
CA SER A 311 -26.09 -19.03 4.84
C SER A 311 -27.14 -18.69 3.79
N ASP A 312 -28.24 -18.05 4.20
CA ASP A 312 -29.27 -17.65 3.25
C ASP A 312 -28.75 -16.58 2.30
N LEU A 313 -27.90 -15.68 2.78
CA LEU A 313 -27.36 -14.61 1.93
C LEU A 313 -26.60 -15.19 0.74
N ILE A 314 -25.75 -16.19 0.99
CA ILE A 314 -24.99 -16.81 -0.09
C ILE A 314 -25.92 -17.55 -1.04
N GLY A 315 -26.82 -18.37 -0.49
CA GLY A 315 -27.64 -19.24 -1.32
C GLY A 315 -28.76 -18.54 -2.07
N PHE A 316 -29.19 -17.37 -1.62
CA PHE A 316 -30.34 -16.72 -2.24
C PHE A 316 -30.19 -15.23 -2.50
N SER A 317 -29.15 -14.56 -1.99
CA SER A 317 -29.11 -13.10 -2.04
C SER A 317 -27.91 -12.54 -2.81
N TYR A 318 -26.69 -13.02 -2.55
CA TYR A 318 -25.51 -12.36 -3.08
C TYR A 318 -25.36 -12.47 -4.58
N HIS A 319 -26.16 -13.32 -5.25
CA HIS A 319 -26.02 -13.48 -6.69
C HIS A 319 -26.28 -12.18 -7.43
N ALA A 320 -27.20 -11.36 -6.93
CA ALA A 320 -27.53 -10.08 -7.54
C ALA A 320 -26.57 -8.96 -7.13
N TRP A 321 -25.50 -9.28 -6.42
CA TRP A 321 -24.52 -8.30 -5.96
C TRP A 321 -23.22 -8.44 -6.74
N ASN A 322 -22.47 -7.34 -6.79
CA ASN A 322 -21.08 -7.42 -7.18
C ASN A 322 -20.31 -8.29 -6.20
N ALA A 323 -19.30 -9.01 -6.71
CA ALA A 323 -18.54 -9.92 -5.86
C ALA A 323 -17.85 -9.18 -4.71
N GLU A 324 -17.24 -8.03 -5.01
CA GLU A 324 -16.58 -7.26 -3.96
C GLU A 324 -17.56 -6.84 -2.89
N ASP A 325 -18.73 -6.31 -3.29
CA ASP A 325 -19.73 -5.89 -2.33
C ASP A 325 -20.24 -7.08 -1.52
N ALA A 326 -20.45 -8.23 -2.17
CA ALA A 326 -20.95 -9.40 -1.46
C ALA A 326 -19.98 -9.86 -0.39
N VAL A 327 -18.69 -9.89 -0.70
CA VAL A 327 -17.68 -10.30 0.28
C VAL A 327 -17.55 -9.25 1.37
N ARG A 328 -17.59 -7.97 0.99
CA ARG A 328 -17.47 -6.89 1.98
C ARG A 328 -18.62 -6.94 2.98
N ASP A 329 -19.85 -7.13 2.50
CA ASP A 329 -20.98 -7.28 3.41
C ASP A 329 -20.81 -8.51 4.29
N PHE A 330 -20.39 -9.63 3.69
CA PHE A 330 -20.22 -10.87 4.44
C PHE A 330 -19.24 -10.69 5.59
N ILE A 331 -18.07 -10.10 5.31
CA ILE A 331 -17.09 -9.88 6.36
C ILE A 331 -17.60 -8.87 7.37
N GLY A 332 -18.35 -7.86 6.91
CA GLY A 332 -18.95 -6.92 7.85
C GLY A 332 -19.91 -7.57 8.81
N ARG A 333 -20.66 -8.58 8.34
CA ARG A 333 -21.53 -9.34 9.25
C ARG A 333 -20.70 -10.12 10.26
N LEU A 334 -19.62 -10.75 9.79
CA LEU A 334 -18.76 -11.51 10.70
C LEU A 334 -18.12 -10.61 11.75
N LYS A 335 -17.76 -9.39 11.36
CA LYS A 335 -17.22 -8.44 12.34
C LYS A 335 -18.23 -8.15 13.44
N LYS A 336 -19.51 -8.01 13.08
CA LYS A 336 -20.54 -7.71 14.08
C LYS A 336 -20.79 -8.90 15.00
N ILE A 337 -20.64 -10.13 14.49
CA ILE A 337 -20.72 -11.30 15.35
C ILE A 337 -19.55 -11.32 16.33
N HIS A 338 -18.35 -10.96 15.85
CA HIS A 338 -17.16 -10.98 16.68
C HIS A 338 -17.26 -10.04 17.87
N GLU A 339 -18.01 -8.95 17.75
CA GLU A 339 -18.14 -7.98 18.84
C GLU A 339 -19.43 -8.13 19.63
N SER A 340 -20.46 -8.79 19.07
CA SER A 340 -21.72 -8.92 19.79
C SER A 340 -21.63 -9.88 20.96
N VAL A 341 -20.69 -10.81 20.95
CA VAL A 341 -20.54 -11.79 22.01
C VAL A 341 -19.24 -11.52 22.77
N ASP A 342 -19.20 -12.02 24.00
CA ASP A 342 -18.05 -11.82 24.88
C ASP A 342 -17.06 -12.98 24.85
N PHE A 343 -17.34 -14.02 24.07
CA PHE A 343 -16.50 -15.20 23.96
C PHE A 343 -16.03 -15.33 22.51
N GLN A 344 -15.24 -16.37 22.25
CA GLN A 344 -14.80 -16.67 20.89
C GLN A 344 -15.88 -17.48 20.18
N PRO A 345 -16.69 -16.87 19.33
CA PRO A 345 -17.83 -17.57 18.74
C PRO A 345 -17.41 -18.51 17.62
N VAL A 346 -18.31 -19.45 17.32
CA VAL A 346 -18.21 -20.30 16.15
C VAL A 346 -19.40 -19.99 15.25
N VAL A 347 -19.14 -19.93 13.95
CA VAL A 347 -20.16 -19.55 12.97
C VAL A 347 -20.22 -20.66 11.93
N PHE A 348 -21.32 -21.41 11.93
CA PHE A 348 -21.53 -22.45 10.94
C PHE A 348 -22.28 -21.89 9.74
N VAL A 349 -21.71 -22.08 8.56
CA VAL A 349 -22.34 -21.73 7.29
C VAL A 349 -22.61 -23.03 6.55
N VAL A 350 -23.88 -23.44 6.53
CA VAL A 350 -24.30 -24.67 5.88
C VAL A 350 -25.36 -24.33 4.84
N LEU A 351 -25.18 -24.84 3.63
CA LEU A 351 -26.16 -24.68 2.55
C LEU A 351 -25.77 -25.60 1.41
N ASP A 352 -26.72 -25.82 0.50
CA ASP A 352 -26.47 -26.62 -0.69
C ASP A 352 -25.35 -25.99 -1.52
N GLY A 353 -24.34 -26.79 -1.84
CA GLY A 353 -23.14 -26.26 -2.47
C GLY A 353 -23.09 -26.44 -3.97
N GLU A 354 -24.25 -26.56 -4.61
CA GLU A 354 -24.29 -26.65 -6.07
C GLU A 354 -25.35 -25.79 -6.74
N ASN A 355 -26.44 -25.43 -6.06
CA ASN A 355 -27.61 -24.89 -6.72
C ASN A 355 -27.62 -23.37 -6.83
N CYS A 356 -26.81 -22.67 -6.05
CA CYS A 356 -26.86 -21.21 -6.05
C CYS A 356 -25.94 -20.56 -7.06
N TRP A 357 -24.93 -21.27 -7.56
CA TRP A 357 -23.90 -20.62 -8.36
C TRP A 357 -24.32 -20.39 -9.81
N GLU A 358 -25.25 -21.18 -10.33
CA GLU A 358 -25.69 -20.97 -11.71
C GLU A 358 -26.34 -19.60 -11.90
N TYR A 359 -26.83 -18.99 -10.83
CA TYR A 359 -27.38 -17.64 -10.87
C TYR A 359 -26.35 -16.57 -10.58
N TYR A 360 -25.09 -16.94 -10.36
CA TYR A 360 -24.02 -16.00 -10.07
C TYR A 360 -23.30 -15.60 -11.35
N GLU A 361 -22.66 -14.43 -11.31
CA GLU A 361 -21.78 -14.02 -12.40
C GLU A 361 -20.61 -14.99 -12.50
N GLU A 362 -20.38 -15.51 -13.71
CA GLU A 362 -19.29 -16.44 -13.97
C GLU A 362 -19.36 -17.67 -13.05
N ASN A 363 -20.59 -18.11 -12.76
CA ASN A 363 -20.82 -19.31 -11.95
C ASN A 363 -20.24 -19.18 -10.53
N GLY A 364 -20.21 -17.96 -10.00
CA GLY A 364 -19.76 -17.74 -8.64
C GLY A 364 -18.26 -17.74 -8.46
N ILE A 365 -17.48 -17.89 -9.54
CA ILE A 365 -16.03 -17.91 -9.42
C ILE A 365 -15.48 -16.59 -8.88
N PRO A 366 -15.88 -15.41 -9.38
CA PRO A 366 -15.38 -14.17 -8.76
C PRO A 366 -15.74 -14.03 -7.29
N PHE A 367 -16.97 -14.36 -6.90
CA PHE A 367 -17.36 -14.24 -5.49
C PHE A 367 -16.57 -15.20 -4.62
N LEU A 368 -16.50 -16.47 -5.03
CA LEU A 368 -15.83 -17.49 -4.22
C LEU A 368 -14.34 -17.21 -4.09
N GLU A 369 -13.68 -16.83 -5.19
CA GLU A 369 -12.26 -16.51 -5.13
C GLU A 369 -12.01 -15.26 -4.28
N LYS A 370 -12.87 -14.25 -4.43
CA LYS A 370 -12.74 -13.05 -3.61
C LYS A 370 -12.93 -13.36 -2.13
N LEU A 371 -13.94 -14.19 -1.82
CA LEU A 371 -14.23 -14.52 -0.43
C LEU A 371 -13.09 -15.32 0.19
N TYR A 372 -12.63 -16.36 -0.51
CA TYR A 372 -11.61 -17.23 0.06
C TYR A 372 -10.28 -16.50 0.22
N SER A 373 -9.93 -15.65 -0.76
CA SER A 373 -8.74 -14.83 -0.60
C SER A 373 -8.89 -13.83 0.54
N THR A 374 -10.10 -13.29 0.71
CA THR A 374 -10.35 -12.35 1.79
C THR A 374 -10.22 -13.02 3.16
N LEU A 375 -10.83 -14.20 3.32
CA LEU A 375 -10.74 -14.91 4.60
C LEU A 375 -9.31 -15.27 4.91
N GLU A 376 -8.54 -15.67 3.89
CA GLU A 376 -7.12 -15.93 4.07
C GLU A 376 -6.39 -14.71 4.61
N LYS A 377 -6.79 -13.52 4.16
CA LYS A 377 -6.12 -12.29 4.59
C LYS A 377 -6.49 -11.90 6.01
N GLU A 378 -7.70 -12.23 6.47
CA GLU A 378 -8.19 -11.76 7.77
C GLU A 378 -7.54 -12.58 8.88
N GLU A 379 -6.70 -11.92 9.69
CA GLU A 379 -6.00 -12.60 10.75
C GLU A 379 -6.95 -13.16 11.80
N TRP A 380 -8.02 -12.41 12.09
CA TRP A 380 -8.93 -12.72 13.20
C TRP A 380 -9.96 -13.79 12.86
N ILE A 381 -10.03 -14.24 11.61
CA ILE A 381 -10.97 -15.28 11.19
C ILE A 381 -10.17 -16.55 10.98
N GLU A 382 -10.53 -17.60 11.70
CA GLU A 382 -9.89 -18.91 11.57
C GLU A 382 -10.92 -19.91 11.05
N THR A 383 -10.78 -20.29 9.78
CA THR A 383 -11.64 -21.32 9.23
C THR A 383 -11.24 -22.68 9.77
N LEU A 384 -12.24 -23.52 10.06
CA LEU A 384 -12.02 -24.80 10.70
C LEU A 384 -12.65 -25.91 9.87
N THR A 385 -12.15 -27.11 10.08
CA THR A 385 -12.84 -28.31 9.63
C THR A 385 -13.83 -28.74 10.70
N LEU A 386 -14.71 -29.68 10.34
CA LEU A 386 -15.65 -30.21 11.31
C LEU A 386 -14.91 -30.88 12.47
N GLU A 387 -13.86 -31.63 12.16
CA GLU A 387 -13.06 -32.25 13.21
C GLU A 387 -12.35 -31.22 14.08
N GLU A 388 -11.83 -30.15 13.45
CA GLU A 388 -11.18 -29.10 14.23
C GLU A 388 -12.18 -28.43 15.17
N ALA A 389 -13.37 -28.11 14.66
CA ALA A 389 -14.41 -27.54 15.52
C ALA A 389 -14.81 -28.50 16.63
N MET A 390 -14.70 -29.81 16.39
CA MET A 390 -15.00 -30.78 17.43
C MET A 390 -13.97 -30.71 18.55
N ARG A 391 -12.69 -30.57 18.20
CA ARG A 391 -11.61 -30.55 19.20
C ARG A 391 -11.36 -29.17 19.77
N LYS A 392 -11.97 -28.13 19.23
CA LYS A 392 -11.60 -26.76 19.58
C LYS A 392 -12.04 -26.43 21.00
N GLU A 393 -11.07 -26.14 21.87
CA GLU A 393 -11.34 -25.81 23.27
C GLU A 393 -11.59 -24.33 23.50
N ASP A 394 -11.37 -23.48 22.50
CA ASP A 394 -11.71 -22.07 22.62
C ASP A 394 -13.20 -21.81 22.53
N VAL A 395 -13.98 -22.80 22.12
CA VAL A 395 -15.41 -22.64 21.87
C VAL A 395 -16.18 -23.02 23.13
N LYS A 396 -17.13 -22.17 23.52
CA LYS A 396 -17.94 -22.41 24.70
C LYS A 396 -18.99 -23.47 24.41
N THR A 397 -19.13 -24.44 25.31
CA THR A 397 -20.06 -25.55 25.16
C THR A 397 -21.18 -25.45 26.18
N GLU A 398 -22.39 -25.82 25.76
CA GLU A 398 -23.55 -25.84 26.65
C GLU A 398 -24.35 -27.12 26.42
N VAL A 399 -25.05 -27.54 27.47
CA VAL A 399 -25.86 -28.75 27.44
C VAL A 399 -27.32 -28.37 27.29
N ILE A 400 -28.04 -29.11 26.44
CA ILE A 400 -29.47 -28.96 26.28
C ILE A 400 -30.08 -30.37 26.32
N GLU A 401 -31.37 -30.42 26.66
CA GLU A 401 -32.03 -31.70 26.93
C GLU A 401 -33.06 -32.10 25.89
N SER A 402 -33.50 -31.20 25.03
CA SER A 402 -34.51 -31.54 24.04
C SER A 402 -34.43 -30.58 22.86
N VAL A 403 -35.05 -30.99 21.75
CA VAL A 403 -35.23 -30.14 20.59
C VAL A 403 -36.66 -30.30 20.07
N LYS A 404 -37.17 -29.22 19.48
CA LYS A 404 -38.44 -29.29 18.75
C LYS A 404 -38.19 -29.84 17.36
N ALA A 405 -39.02 -30.78 16.94
CA ALA A 405 -38.82 -31.42 15.64
C ALA A 405 -39.21 -30.46 14.51
N GLY A 406 -38.30 -30.31 13.55
CA GLY A 406 -38.55 -29.44 12.43
C GLY A 406 -37.37 -29.49 11.47
N THR A 407 -37.49 -28.72 10.39
CA THR A 407 -36.47 -28.62 9.37
C THR A 407 -35.98 -27.18 9.27
N TRP A 408 -35.01 -26.92 8.39
CA TRP A 408 -34.59 -25.56 8.17
C TRP A 408 -35.55 -24.78 7.29
N PHE A 409 -36.67 -25.38 6.91
CA PHE A 409 -37.74 -24.72 6.17
C PHE A 409 -38.85 -24.39 7.17
N ASP A 410 -38.78 -23.20 7.75
CA ASP A 410 -39.74 -22.66 8.72
C ASP A 410 -39.79 -23.43 10.03
N GLY A 411 -38.88 -24.37 10.25
CA GLY A 411 -38.88 -25.12 11.48
C GLY A 411 -39.94 -26.20 11.58
N ASN A 412 -40.57 -26.57 10.48
CA ASN A 412 -41.61 -27.59 10.47
C ASN A 412 -41.50 -28.40 9.19
N PHE A 413 -42.37 -29.41 9.07
CA PHE A 413 -42.35 -30.34 7.95
C PHE A 413 -43.44 -30.04 6.93
N LEU A 414 -43.96 -28.81 6.91
CA LEU A 414 -45.08 -28.48 6.04
C LEU A 414 -44.72 -28.64 4.57
N LYS A 415 -43.45 -28.43 4.20
CA LYS A 415 -43.04 -28.53 2.80
C LYS A 415 -43.07 -29.95 2.26
N TRP A 416 -43.22 -30.96 3.13
CA TRP A 416 -43.22 -32.34 2.70
C TRP A 416 -44.49 -33.11 3.04
N ILE A 417 -45.26 -32.62 4.02
CA ILE A 417 -46.43 -33.35 4.51
C ILE A 417 -47.39 -32.30 5.05
N GLY A 418 -48.65 -32.69 5.23
CA GLY A 418 -49.67 -31.68 5.47
C GLY A 418 -50.89 -31.81 4.59
N ASN A 419 -51.07 -30.89 3.65
CA ASN A 419 -52.28 -30.83 2.83
C ASN A 419 -52.47 -32.10 2.00
N LYS A 420 -53.57 -32.17 1.26
CA LYS A 420 -53.92 -33.42 0.58
C LYS A 420 -52.87 -33.79 -0.46
N GLU A 421 -52.30 -32.81 -1.15
CA GLU A 421 -51.34 -33.12 -2.21
C GLU A 421 -50.08 -33.77 -1.66
N LYS A 422 -49.46 -33.15 -0.64
CA LYS A 422 -48.27 -33.74 -0.04
C LYS A 422 -48.57 -35.10 0.59
N ASN A 423 -49.82 -35.31 1.02
CA ASN A 423 -50.19 -36.55 1.69
C ASN A 423 -50.49 -37.69 0.74
N GLU A 424 -50.85 -37.41 -0.51
CA GLU A 424 -51.15 -38.48 -1.46
C GLU A 424 -49.93 -39.36 -1.69
N TYR A 425 -48.75 -38.75 -1.84
CA TYR A 425 -47.53 -39.53 -2.02
C TYR A 425 -47.23 -40.39 -0.79
N TRP A 426 -47.45 -39.85 0.41
CA TRP A 426 -47.19 -40.62 1.62
C TRP A 426 -48.10 -41.83 1.72
N LYS A 427 -49.38 -41.67 1.36
CA LYS A 427 -50.29 -42.81 1.35
C LYS A 427 -49.85 -43.86 0.35
N ILE A 428 -49.40 -43.43 -0.83
CA ILE A 428 -48.84 -44.37 -1.81
C ILE A 428 -47.64 -45.08 -1.23
N LEU A 429 -46.79 -44.35 -0.50
CA LEU A 429 -45.61 -44.96 0.09
C LEU A 429 -45.98 -46.01 1.14
N ILE A 430 -46.97 -45.71 1.98
CA ILE A 430 -47.31 -46.61 3.08
C ILE A 430 -47.88 -47.92 2.54
N GLU A 431 -48.82 -47.83 1.60
CA GLU A 431 -49.40 -49.05 1.03
C GLU A 431 -48.35 -49.85 0.27
N ALA A 432 -47.38 -49.18 -0.36
CA ALA A 432 -46.26 -49.88 -0.95
C ALA A 432 -45.38 -50.52 0.12
N LYS A 433 -45.11 -49.79 1.20
CA LYS A 433 -44.36 -50.35 2.31
C LYS A 433 -45.03 -51.60 2.87
N LYS A 434 -46.36 -51.62 2.84
CA LYS A 434 -47.09 -52.79 3.33
C LYS A 434 -46.73 -54.04 2.54
N LYS A 435 -46.62 -53.92 1.21
CA LYS A 435 -46.31 -55.03 0.34
C LYS A 435 -44.89 -54.97 -0.22
N ALA A 436 -44.01 -54.23 0.46
CA ALA A 436 -42.63 -54.07 0.00
C ALA A 436 -41.85 -55.36 0.15
N LYS A 437 -40.98 -55.64 -0.81
CA LYS A 437 -40.12 -56.82 -0.79
C LYS A 437 -38.63 -56.49 -0.81
N ASN A 438 -38.20 -55.57 -1.67
CA ASN A 438 -36.79 -55.22 -1.80
C ASN A 438 -36.55 -53.83 -1.23
N ASP A 439 -35.31 -53.36 -1.38
CA ASP A 439 -34.87 -52.11 -0.77
C ASP A 439 -35.24 -50.88 -1.58
N TYR A 440 -35.92 -51.04 -2.72
CA TYR A 440 -36.36 -49.87 -3.47
C TYR A 440 -37.36 -49.03 -2.69
N ILE A 441 -37.97 -49.59 -1.65
CA ILE A 441 -38.80 -48.79 -0.76
C ILE A 441 -37.96 -47.75 -0.04
N LEU A 442 -36.66 -48.01 0.14
CA LEU A 442 -35.77 -47.02 0.72
C LEU A 442 -35.61 -45.82 -0.20
N VAL A 443 -35.54 -46.07 -1.52
CA VAL A 443 -35.41 -44.98 -2.48
C VAL A 443 -36.66 -44.10 -2.47
N ALA A 444 -37.84 -44.72 -2.30
CA ALA A 444 -39.09 -43.98 -2.30
C ALA A 444 -39.27 -43.13 -1.04
N GLU A 445 -38.43 -43.32 -0.02
CA GLU A 445 -38.51 -42.52 1.21
C GLU A 445 -37.68 -41.25 1.14
N GLY A 446 -37.10 -40.94 -0.02
CA GLY A 446 -36.34 -39.72 -0.16
C GLY A 446 -37.22 -38.49 -0.07
N SER A 447 -36.68 -37.43 0.54
CA SER A 447 -37.45 -36.21 0.73
C SER A 447 -37.79 -35.52 -0.58
N ASP A 448 -37.01 -35.75 -1.63
CA ASP A 448 -37.17 -34.99 -2.87
C ASP A 448 -38.47 -35.32 -3.59
N TRP A 449 -39.03 -36.51 -3.38
CA TRP A 449 -40.29 -36.84 -4.05
C TRP A 449 -41.47 -36.11 -3.43
N PHE A 450 -41.39 -35.80 -2.14
CA PHE A 450 -42.47 -35.12 -1.44
C PHE A 450 -42.31 -33.60 -1.42
N TRP A 451 -41.10 -33.11 -1.66
CA TRP A 451 -40.90 -31.66 -1.81
C TRP A 451 -41.60 -31.13 -3.05
N TRP A 452 -41.51 -31.87 -4.17
CA TRP A 452 -41.93 -31.39 -5.47
C TRP A 452 -43.43 -31.63 -5.73
N GLN A 453 -44.21 -31.92 -4.71
CA GLN A 453 -45.62 -32.26 -4.90
C GLN A 453 -46.48 -31.01 -4.83
N GLY A 454 -46.88 -30.51 -6.00
CA GLY A 454 -48.04 -29.64 -6.14
C GLY A 454 -48.04 -28.29 -5.45
N GLU A 455 -46.87 -27.82 -4.99
CA GLU A 455 -46.85 -26.51 -4.34
C GLU A 455 -46.96 -25.39 -5.37
N GLU A 456 -46.23 -25.52 -6.49
CA GLU A 456 -46.27 -24.54 -7.57
C GLU A 456 -45.64 -25.20 -8.79
N LYS A 457 -46.26 -25.01 -9.96
CA LYS A 457 -45.82 -25.70 -11.16
C LYS A 457 -44.35 -25.41 -11.42
N ALA A 458 -43.56 -26.46 -11.53
CA ALA A 458 -42.11 -26.44 -11.44
C ALA A 458 -41.54 -27.27 -12.57
N PRO A 459 -40.24 -27.13 -12.88
CA PRO A 459 -39.72 -27.80 -14.08
C PRO A 459 -39.58 -29.31 -13.90
N PHE A 460 -40.00 -30.03 -14.94
CA PHE A 460 -39.88 -31.49 -15.00
C PHE A 460 -40.54 -32.15 -13.79
N VAL A 461 -41.73 -31.69 -13.44
CA VAL A 461 -42.50 -32.35 -12.38
C VAL A 461 -42.96 -33.72 -12.85
N GLU A 462 -43.34 -33.83 -14.13
CA GLU A 462 -43.77 -35.12 -14.68
C GLU A 462 -42.70 -36.19 -14.50
N VAL A 463 -41.43 -35.80 -14.52
CA VAL A 463 -40.35 -36.76 -14.36
C VAL A 463 -40.23 -37.22 -12.91
N PHE A 464 -40.32 -36.28 -11.96
CA PHE A 464 -40.25 -36.66 -10.56
C PHE A 464 -41.45 -37.51 -10.14
N ASP A 465 -42.59 -37.32 -10.80
CA ASP A 465 -43.73 -38.21 -10.56
C ASP A 465 -43.47 -39.59 -11.15
N LYS A 466 -43.01 -39.63 -12.40
CA LYS A 466 -42.75 -40.92 -13.05
C LYS A 466 -41.71 -41.73 -12.29
N LEU A 467 -40.71 -41.06 -11.72
CA LEU A 467 -39.66 -41.77 -11.00
C LEU A 467 -40.15 -42.29 -9.66
N PHE A 468 -40.88 -41.46 -8.90
CA PHE A 468 -41.35 -41.89 -7.59
C PHE A 468 -42.31 -43.06 -7.70
N ARG A 469 -43.24 -43.01 -8.66
CA ARG A 469 -44.13 -44.14 -8.89
C ARG A 469 -43.38 -45.36 -9.41
N SER A 470 -42.21 -45.17 -10.01
CA SER A 470 -41.41 -46.30 -10.46
C SER A 470 -40.81 -47.07 -9.29
N PHE A 471 -40.13 -46.36 -8.38
CA PHE A 471 -39.52 -47.01 -7.23
C PHE A 471 -40.57 -47.68 -6.36
N VAL A 472 -41.72 -47.03 -6.18
CA VAL A 472 -42.81 -47.58 -5.37
C VAL A 472 -43.28 -48.91 -5.95
N ARG A 473 -43.45 -48.98 -7.27
CA ARG A 473 -43.90 -50.22 -7.89
C ARG A 473 -42.78 -51.25 -7.95
N ARG A 474 -41.55 -50.82 -8.21
CA ARG A 474 -40.41 -51.74 -8.23
C ARG A 474 -40.18 -52.37 -6.86
N ALA A 475 -40.49 -51.64 -5.79
CA ALA A 475 -40.28 -52.15 -4.44
C ALA A 475 -41.29 -53.23 -4.06
N GLN A 476 -42.42 -53.31 -4.75
CA GLN A 476 -43.43 -54.32 -4.45
C GLN A 476 -43.25 -55.59 -5.26
N GLU A 477 -42.30 -55.63 -6.19
CA GLU A 477 -41.96 -56.85 -6.92
C GLU A 477 -40.64 -57.42 -6.41
N MET B 1 -3.30 13.29 -17.61
CA MET B 1 -3.24 12.09 -16.78
C MET B 1 -4.57 11.86 -16.06
N LYS B 2 -5.00 10.61 -15.99
CA LYS B 2 -6.19 10.26 -15.22
C LYS B 2 -5.93 10.51 -13.74
N LYS B 3 -6.89 11.14 -13.08
CA LYS B 3 -6.73 11.56 -11.70
C LYS B 3 -7.74 10.83 -10.81
N LEU B 4 -7.59 11.03 -9.51
CA LEU B 4 -8.58 10.62 -8.52
C LEU B 4 -8.98 11.85 -7.72
N PHE B 5 -10.27 12.16 -7.71
CA PHE B 5 -10.78 13.35 -7.04
C PHE B 5 -11.24 12.95 -5.64
N LEU B 6 -10.43 13.31 -4.64
CA LEU B 6 -10.67 12.94 -3.25
C LEU B 6 -11.31 14.11 -2.51
N VAL B 7 -12.43 13.84 -1.84
CA VAL B 7 -13.17 14.86 -1.12
C VAL B 7 -13.37 14.41 0.32
N PHE B 8 -12.78 15.17 1.26
CA PHE B 8 -13.00 14.95 2.68
C PHE B 8 -14.14 15.85 3.15
N TRP B 9 -14.93 15.35 4.10
CA TRP B 9 -16.09 16.10 4.58
C TRP B 9 -16.36 15.70 6.02
N TRP B 10 -15.81 16.48 6.96
CA TRP B 10 -15.89 16.17 8.39
C TRP B 10 -17.17 16.73 8.98
N HIS B 11 -17.88 15.89 9.74
CA HIS B 11 -19.13 16.26 10.38
C HIS B 11 -18.86 16.65 11.83
N MET B 12 -19.13 17.91 12.17
CA MET B 12 -18.99 18.43 13.52
C MET B 12 -20.37 18.65 14.11
N HIS B 13 -20.72 17.92 15.16
CA HIS B 13 -22.03 18.08 15.76
C HIS B 13 -21.99 17.74 17.24
N GLN B 14 -22.90 18.38 17.99
CA GLN B 14 -23.10 18.22 19.43
C GLN B 14 -24.52 18.60 19.77
N PRO B 15 -25.30 17.72 20.42
CA PRO B 15 -26.64 18.10 20.85
C PRO B 15 -26.58 19.12 21.98
N LEU B 16 -27.75 19.71 22.25
CA LEU B 16 -27.86 20.79 23.23
C LEU B 16 -27.81 20.19 24.63
N TYR B 17 -26.64 20.27 25.27
CA TYR B 17 -26.49 19.83 26.66
C TYR B 17 -26.94 20.88 27.66
N ARG B 18 -27.39 22.04 27.19
CA ARG B 18 -27.73 23.16 28.06
C ARG B 18 -29.15 22.98 28.59
N GLU B 19 -29.28 22.83 29.91
CA GLU B 19 -30.57 22.59 30.51
C GLU B 19 -31.48 23.80 30.33
N PRO B 20 -32.73 23.60 29.87
CA PRO B 20 -33.58 24.77 29.56
C PRO B 20 -33.91 25.64 30.77
N TYR B 21 -34.14 25.02 31.93
CA TYR B 21 -34.61 25.79 33.08
C TYR B 21 -33.47 26.51 33.78
N THR B 22 -32.40 25.79 34.11
CA THR B 22 -31.27 26.36 34.84
C THR B 22 -30.17 26.91 33.94
N GLY B 23 -30.19 26.58 32.65
CA GLY B 23 -29.16 27.08 31.74
C GLY B 23 -27.81 26.41 31.88
N GLU B 24 -27.70 25.36 32.67
CA GLU B 24 -26.42 24.72 32.95
C GLU B 24 -26.10 23.67 31.89
N TYR B 25 -24.81 23.53 31.61
CA TYR B 25 -24.32 22.55 30.65
C TYR B 25 -24.01 21.26 31.40
N LEU B 26 -24.90 20.27 31.28
CA LEU B 26 -24.76 19.03 32.03
C LEU B 26 -23.58 18.19 31.57
N LEU B 27 -23.14 18.35 30.33
CA LEU B 27 -22.02 17.58 29.79
C LEU B 27 -21.03 18.54 29.13
N PRO B 28 -19.74 18.43 29.41
CA PRO B 28 -18.74 19.35 28.85
C PRO B 28 -18.29 18.99 27.44
N TRP B 29 -18.97 18.07 26.76
CA TRP B 29 -18.45 17.52 25.51
C TRP B 29 -18.32 18.57 24.41
N THR B 30 -19.09 19.65 24.46
CA THR B 30 -18.85 20.73 23.52
C THR B 30 -17.54 21.44 23.81
N PHE B 31 -17.22 21.66 25.09
CA PHE B 31 -15.98 22.33 25.44
C PHE B 31 -14.77 21.51 25.03
N PHE B 32 -14.74 20.22 25.42
CA PHE B 32 -13.53 19.43 25.26
C PHE B 32 -13.21 19.15 23.80
N HIS B 33 -14.23 19.13 22.93
CA HIS B 33 -13.98 18.97 21.50
C HIS B 33 -13.79 20.30 20.79
N ALA B 34 -14.24 21.40 21.38
CA ALA B 34 -13.94 22.72 20.83
C ALA B 34 -12.47 23.07 21.03
N VAL B 35 -11.91 22.69 22.18
CA VAL B 35 -10.49 22.96 22.46
C VAL B 35 -9.56 21.95 21.82
N LYS B 36 -10.11 20.87 21.26
CA LYS B 36 -9.29 19.82 20.66
C LYS B 36 -9.48 19.68 19.16
N ASP B 37 -10.71 19.80 18.66
CA ASP B 37 -10.98 19.46 17.26
C ASP B 37 -11.63 20.58 16.46
N TYR B 38 -12.60 21.30 17.04
CA TYR B 38 -13.37 22.25 16.23
C TYR B 38 -12.53 23.40 15.72
N TYR B 39 -11.42 23.73 16.38
CA TYR B 39 -10.50 24.68 15.77
C TYR B 39 -9.38 24.00 15.01
N ASP B 40 -8.87 22.89 15.53
CA ASP B 40 -7.69 22.27 14.95
C ASP B 40 -7.98 21.58 13.63
N MET B 41 -9.18 21.01 13.48
CA MET B 41 -9.50 20.29 12.25
C MET B 41 -9.40 21.17 11.01
N PRO B 42 -10.00 22.37 10.95
CA PRO B 42 -9.80 23.22 9.77
C PRO B 42 -8.46 23.95 9.76
N ALA B 43 -7.72 23.93 10.87
CA ALA B 43 -6.43 24.62 10.92
C ALA B 43 -5.34 23.87 10.19
N TYR B 44 -5.55 22.58 9.89
CA TYR B 44 -4.61 21.86 9.03
C TYR B 44 -4.47 22.53 7.67
N LEU B 45 -5.52 23.22 7.22
CA LEU B 45 -5.51 23.87 5.91
C LEU B 45 -4.48 24.98 5.82
N LYS B 46 -4.06 25.55 6.94
CA LYS B 46 -3.03 26.58 6.91
C LYS B 46 -1.61 26.03 6.85
N ASP B 47 -1.43 24.73 7.08
CA ASP B 47 -0.12 24.09 7.01
C ASP B 47 0.00 23.07 5.89
N PHE B 48 -1.07 22.83 5.13
CA PHE B 48 -1.05 21.84 4.06
C PHE B 48 -1.87 22.36 2.90
N GLU B 49 -1.27 22.39 1.70
CA GLU B 49 -1.93 22.96 0.53
C GLU B 49 -2.88 21.97 -0.11
N ILE B 50 -3.82 21.44 0.68
CA ILE B 50 -4.86 20.55 0.19
C ILE B 50 -6.21 21.16 0.57
N LYS B 51 -7.30 20.54 0.12
CA LYS B 51 -8.64 21.01 0.41
C LYS B 51 -9.34 20.05 1.37
N LEU B 52 -10.05 20.62 2.35
CA LEU B 52 -10.83 19.86 3.30
C LEU B 52 -12.15 20.57 3.55
N ASN B 53 -13.21 19.79 3.72
CA ASN B 53 -14.55 20.34 3.89
C ASN B 53 -15.11 19.97 5.26
N PHE B 54 -16.06 20.77 5.73
CA PHE B 54 -16.57 20.64 7.08
C PHE B 54 -18.06 20.94 7.11
N ASN B 55 -18.77 20.22 7.98
CA ASN B 55 -20.19 20.45 8.24
C ASN B 55 -20.37 20.84 9.69
N LEU B 56 -21.05 21.96 9.92
CA LEU B 56 -21.32 22.45 11.27
C LEU B 56 -22.83 22.54 11.46
N THR B 57 -23.36 21.78 12.41
CA THR B 57 -24.77 21.88 12.74
C THR B 57 -25.03 23.18 13.50
N PRO B 58 -26.13 23.87 13.20
CA PRO B 58 -26.38 25.17 13.85
C PRO B 58 -26.48 25.07 15.37
N VAL B 59 -26.92 23.94 15.91
CA VAL B 59 -26.98 23.81 17.37
C VAL B 59 -25.59 23.68 17.97
N LEU B 60 -24.60 23.21 17.19
CA LEU B 60 -23.22 23.24 17.65
C LEU B 60 -22.64 24.65 17.56
N ILE B 61 -23.02 25.40 16.53
CA ILE B 61 -22.58 26.79 16.42
C ILE B 61 -23.15 27.62 17.56
N ASP B 62 -24.38 27.32 17.99
CA ASP B 62 -24.95 28.00 19.14
C ASP B 62 -24.12 27.78 20.39
N GLN B 63 -23.69 26.52 20.62
CA GLN B 63 -22.94 26.22 21.83
C GLN B 63 -21.54 26.81 21.81
N ILE B 64 -20.87 26.76 20.65
CA ILE B 64 -19.53 27.33 20.56
C ILE B 64 -19.57 28.82 20.86
N GLN B 65 -20.61 29.52 20.38
CA GLN B 65 -20.76 30.95 20.66
C GLN B 65 -20.93 31.20 22.15
N GLU B 66 -21.74 30.39 22.83
CA GLU B 66 -22.03 30.63 24.24
C GLU B 66 -20.76 30.56 25.07
N TYR B 67 -19.86 29.64 24.75
CA TYR B 67 -18.57 29.59 25.44
C TYR B 67 -17.71 30.78 25.09
N ALA B 68 -17.75 31.23 23.83
CA ALA B 68 -16.90 32.33 23.40
C ALA B 68 -17.26 33.63 24.12
N GLN B 69 -18.55 33.89 24.31
CA GLN B 69 -18.99 35.07 25.04
C GLN B 69 -18.81 34.93 26.55
N GLY B 70 -18.58 33.72 27.04
CA GLY B 70 -18.43 33.51 28.47
C GLY B 70 -19.72 33.27 29.23
N LYS B 71 -20.80 32.92 28.54
CA LYS B 71 -22.11 32.75 29.17
C LYS B 71 -22.46 31.28 29.40
N ALA B 72 -21.48 30.38 29.37
CA ALA B 72 -21.74 28.96 29.48
C ALA B 72 -21.64 28.51 30.93
N LYS B 73 -22.70 27.86 31.42
CA LYS B 73 -22.75 27.34 32.78
C LYS B 73 -22.34 25.86 32.78
N ASP B 74 -21.04 25.64 32.59
CA ASP B 74 -20.49 24.28 32.49
C ASP B 74 -20.15 23.78 33.89
N VAL B 75 -21.04 22.98 34.47
CA VAL B 75 -20.88 22.54 35.85
C VAL B 75 -19.57 21.78 36.02
N PHE B 76 -19.31 20.83 35.11
CA PHE B 76 -18.09 20.04 35.22
C PHE B 76 -16.84 20.89 35.04
N LEU B 77 -16.88 21.85 34.10
CA LEU B 77 -15.71 22.69 33.86
C LEU B 77 -15.45 23.63 35.03
N GLU B 78 -16.50 24.19 35.62
CA GLU B 78 -16.31 25.07 36.77
C GLU B 78 -15.79 24.31 37.98
N ALA B 79 -15.92 22.98 37.99
CA ALA B 79 -15.27 22.17 39.01
C ALA B 79 -13.77 22.04 38.76
N ILE B 80 -13.35 22.00 37.49
CA ILE B 80 -11.93 22.00 37.18
C ILE B 80 -11.32 23.35 37.52
N ARG B 81 -12.06 24.44 37.26
CA ARG B 81 -11.50 25.78 37.41
C ARG B 81 -11.14 26.09 38.86
N LYS B 82 -12.04 25.80 39.79
CA LYS B 82 -11.92 26.30 41.16
C LYS B 82 -10.79 25.59 41.90
N ASP B 83 -10.46 26.16 43.06
CA ASP B 83 -9.43 25.59 43.92
C ASP B 83 -9.87 24.25 44.48
N PRO B 84 -8.96 23.27 44.59
CA PRO B 84 -9.35 21.97 45.16
C PRO B 84 -9.85 22.05 46.58
N ASP B 85 -9.45 23.07 47.34
CA ASP B 85 -10.02 23.27 48.67
C ASP B 85 -11.51 23.59 48.61
N ASP B 86 -11.94 24.25 47.54
CA ASP B 86 -13.34 24.62 47.37
C ASP B 86 -14.19 23.51 46.76
N LEU B 87 -13.59 22.37 46.43
CA LEU B 87 -14.32 21.28 45.81
C LEU B 87 -15.16 20.55 46.85
N GLU B 88 -16.42 20.31 46.52
CA GLU B 88 -17.24 19.45 47.36
C GLU B 88 -17.00 17.99 46.98
N LYS B 89 -17.32 17.10 47.91
CA LYS B 89 -17.16 15.67 47.64
C LYS B 89 -18.01 15.21 46.46
N GLU B 90 -19.11 15.92 46.16
CA GLU B 90 -19.87 15.62 44.96
C GLU B 90 -19.07 15.97 43.70
N GLU B 91 -18.34 17.08 43.71
CA GLU B 91 -17.58 17.49 42.55
C GLU B 91 -16.37 16.60 42.32
N VAL B 92 -15.68 16.21 43.40
CA VAL B 92 -14.50 15.36 43.26
C VAL B 92 -14.89 14.00 42.68
N GLU B 93 -16.03 13.46 43.11
CA GLU B 93 -16.51 12.21 42.51
C GLU B 93 -16.73 12.39 41.01
N LYS B 94 -17.19 13.57 40.58
CA LYS B 94 -17.32 13.84 39.15
C LYS B 94 -15.96 13.83 38.46
N LEU B 95 -14.96 14.46 39.08
CA LEU B 95 -13.63 14.47 38.48
C LEU B 95 -13.06 13.07 38.35
N ILE B 96 -13.23 12.24 39.38
CA ILE B 96 -12.78 10.86 39.30
C ILE B 96 -13.62 10.08 38.29
N GLU B 97 -14.93 10.31 38.27
CA GLU B 97 -15.81 9.66 37.31
C GLU B 97 -15.36 9.94 35.88
N PHE B 98 -14.98 11.18 35.59
CA PHE B 98 -14.56 11.54 34.24
C PHE B 98 -13.23 10.90 33.87
N THR B 99 -12.29 10.83 34.82
CA THR B 99 -10.97 10.28 34.51
C THR B 99 -11.04 8.76 34.32
N LYS B 100 -11.77 8.06 35.19
CA LYS B 100 -11.97 6.64 34.99
C LYS B 100 -12.65 6.35 33.66
N LEU B 101 -13.43 7.31 33.15
CA LEU B 101 -14.11 7.12 31.87
C LEU B 101 -13.13 7.14 30.71
N ASN B 102 -12.35 8.21 30.60
CA ASN B 102 -11.38 8.37 29.52
C ASN B 102 -10.04 7.72 29.85
N TYR B 103 -10.02 6.79 30.81
CA TYR B 103 -8.76 6.21 31.26
C TYR B 103 -8.06 5.44 30.14
N GLU B 104 -8.81 4.69 29.34
CA GLU B 104 -8.20 3.86 28.31
C GLU B 104 -7.83 4.63 27.05
N LYS B 105 -8.34 5.84 26.88
CA LYS B 105 -8.04 6.60 25.67
C LYS B 105 -6.58 7.07 25.69
N PRO B 106 -5.83 6.87 24.60
CA PRO B 106 -4.39 7.21 24.63
C PRO B 106 -4.09 8.67 24.91
N ILE B 107 -5.04 9.59 24.68
CA ILE B 107 -4.79 10.99 25.02
C ILE B 107 -4.68 11.19 26.52
N TYR B 108 -5.11 10.21 27.32
CA TYR B 108 -4.97 10.25 28.77
C TYR B 108 -3.78 9.44 29.27
N ARG B 109 -2.81 9.16 28.39
CA ARG B 109 -1.65 8.36 28.78
C ARG B 109 -0.59 9.27 29.41
N PHE B 110 -0.92 9.75 30.60
CA PHE B 110 0.03 10.36 31.52
C PHE B 110 0.31 9.37 32.64
N GLU B 111 1.56 9.33 33.10
CA GLU B 111 1.87 8.44 34.22
C GLU B 111 1.33 8.99 35.54
N ARG B 112 1.24 10.31 35.66
CA ARG B 112 0.65 10.90 36.87
C ARG B 112 -0.79 10.47 37.06
N ILE B 113 -1.54 10.35 35.95
CA ILE B 113 -2.92 9.91 36.02
C ILE B 113 -3.02 8.46 36.51
N ARG B 114 -2.03 7.63 36.14
CA ARG B 114 -2.03 6.24 36.59
C ARG B 114 -1.90 6.16 38.11
N GLU B 115 -1.11 7.05 38.71
CA GLU B 115 -0.93 7.03 40.16
C GLU B 115 -2.20 7.50 40.87
N LEU B 116 -2.84 8.55 40.37
CA LEU B 116 -4.00 9.11 41.05
C LEU B 116 -5.18 8.15 41.04
N MET B 117 -5.34 7.36 39.97
CA MET B 117 -6.44 6.42 39.89
C MET B 117 -6.22 5.18 40.75
N ASN B 118 -4.97 4.89 41.12
CA ASN B 118 -4.68 3.85 42.10
C ASN B 118 -4.65 4.38 43.52
N LYS B 119 -4.71 5.70 43.69
CA LYS B 119 -4.68 6.32 45.01
C LYS B 119 -6.06 6.28 45.65
N GLU B 120 -6.08 6.11 46.98
CA GLU B 120 -7.33 6.03 47.70
C GLU B 120 -7.78 7.38 48.28
N LYS B 121 -6.84 8.22 48.70
CA LYS B 121 -7.15 9.56 49.20
C LYS B 121 -6.27 10.56 48.45
N LEU B 122 -6.89 11.62 47.93
CA LEU B 122 -6.20 12.65 47.17
C LEU B 122 -6.22 13.96 47.94
N ASN B 123 -5.07 14.62 48.01
CA ASN B 123 -4.95 15.90 48.69
C ASN B 123 -5.09 17.04 47.66
N ARG B 124 -4.80 18.27 48.10
CA ARG B 124 -5.07 19.43 47.26
C ARG B 124 -4.19 19.46 46.03
N GLU B 125 -2.90 19.12 46.16
CA GLU B 125 -2.00 19.19 45.01
C GLU B 125 -2.32 18.09 44.00
N GLU B 126 -2.69 16.90 44.50
CA GLU B 126 -3.04 15.80 43.59
C GLU B 126 -4.36 16.07 42.88
N LEU B 127 -5.32 16.68 43.57
CA LEU B 127 -6.55 17.11 42.89
C LEU B 127 -6.26 18.26 41.94
N LEU B 128 -5.29 19.11 42.26
CA LEU B 128 -4.82 20.10 41.31
C LEU B 128 -4.20 19.43 40.10
N ASP B 129 -3.49 18.32 40.32
CA ASP B 129 -2.90 17.57 39.21
C ASP B 129 -3.97 16.86 38.40
N LEU B 130 -5.03 16.38 39.06
CA LEU B 130 -6.12 15.73 38.33
C LEU B 130 -6.90 16.74 37.50
N GLN B 131 -7.09 17.96 38.02
CA GLN B 131 -7.78 18.99 37.27
C GLN B 131 -7.00 19.38 36.02
N THR B 132 -5.70 19.65 36.18
CA THR B 132 -4.90 20.17 35.07
C THR B 132 -4.62 19.10 34.04
N LEU B 133 -4.26 17.89 34.48
CA LEU B 133 -3.99 16.81 33.52
C LEU B 133 -5.25 16.36 32.80
N ASN B 134 -6.42 16.52 33.44
CA ASN B 134 -7.67 16.33 32.72
C ASN B 134 -7.82 17.35 31.60
N LEU B 135 -7.48 18.61 31.88
CA LEU B 135 -7.52 19.64 30.86
C LEU B 135 -6.51 19.36 29.75
N LEU B 136 -5.25 19.12 30.13
CA LEU B 136 -4.18 18.99 29.14
C LEU B 136 -4.39 17.80 28.22
N ALA B 137 -5.02 16.73 28.73
CA ALA B 137 -5.22 15.54 27.92
C ALA B 137 -6.08 15.82 26.69
N TRP B 138 -6.82 16.93 26.68
CA TRP B 138 -7.64 17.34 25.55
C TRP B 138 -7.00 18.48 24.76
N CYS B 139 -5.68 18.52 24.71
CA CYS B 139 -4.97 19.58 24.01
C CYS B 139 -4.90 19.29 22.52
N GLY B 140 -4.97 20.37 21.72
CA GLY B 140 -5.01 20.25 20.29
C GLY B 140 -3.65 20.37 19.63
N ARG B 141 -3.66 20.28 18.30
CA ARG B 141 -2.45 20.41 17.52
C ARG B 141 -1.82 21.79 17.68
N THR B 142 -2.65 22.83 17.70
CA THR B 142 -2.13 24.19 17.78
C THR B 142 -1.45 24.44 19.12
N LEU B 143 -2.10 24.05 20.22
CA LEU B 143 -1.61 24.39 21.55
C LEU B 143 -0.56 23.43 22.08
N ARG B 144 -0.41 22.26 21.48
CA ARG B 144 0.67 21.35 21.89
C ARG B 144 2.05 21.96 21.65
N LYS B 145 2.13 23.02 20.84
CA LYS B 145 3.35 23.79 20.64
C LYS B 145 3.52 24.88 21.68
N ASP B 146 2.46 25.62 22.00
CA ASP B 146 2.55 26.67 23.01
C ASP B 146 2.68 26.09 24.41
N LEU B 147 1.84 25.10 24.74
CA LEU B 147 1.82 24.49 26.06
C LEU B 147 2.75 23.31 26.18
N LYS B 148 3.83 23.28 25.38
CA LYS B 148 4.77 22.16 25.42
C LYS B 148 5.44 22.05 26.78
N ASP B 149 5.73 23.19 27.43
CA ASP B 149 6.40 23.17 28.72
C ASP B 149 5.55 22.47 29.78
N LEU B 150 4.27 22.86 29.88
CA LEU B 150 3.40 22.24 30.88
C LEU B 150 3.10 20.79 30.54
N LEU B 151 2.98 20.46 29.25
CA LEU B 151 2.67 19.10 28.86
C LEU B 151 3.76 18.13 29.29
N ASN B 152 5.02 18.56 29.26
CA ASN B 152 6.13 17.73 29.71
C ASN B 152 6.50 17.95 31.16
N LYS B 153 5.90 18.93 31.83
CA LYS B 153 6.09 19.06 33.28
C LYS B 153 5.47 17.87 34.01
N GLY B 154 4.39 17.32 33.46
CA GLY B 154 3.86 16.04 33.91
C GLY B 154 3.05 16.10 35.19
N ARG B 155 3.61 16.70 36.24
CA ARG B 155 2.97 16.73 37.55
C ARG B 155 3.26 18.09 38.19
N ASN B 156 2.83 18.22 39.45
CA ASN B 156 3.09 19.42 40.25
C ASN B 156 2.60 20.67 39.53
N TYR B 157 1.29 20.73 39.32
CA TYR B 157 0.66 21.86 38.66
C TYR B 157 0.16 22.88 39.69
N THR B 158 -0.10 24.09 39.20
CA THR B 158 -0.38 25.24 40.04
C THR B 158 -1.69 25.87 39.60
N GLN B 159 -2.40 26.47 40.55
CA GLN B 159 -3.62 27.21 40.22
C GLN B 159 -3.35 28.28 39.18
N GLU B 160 -2.15 28.87 39.20
CA GLU B 160 -1.76 29.82 38.16
C GLU B 160 -1.51 29.12 36.83
N GLU B 161 -0.90 27.93 36.87
CA GLU B 161 -0.66 27.19 35.63
C GLU B 161 -1.95 26.61 35.07
N LYS B 162 -2.82 26.08 35.93
CA LYS B 162 -4.09 25.56 35.46
C LYS B 162 -4.95 26.66 34.84
N GLU B 163 -4.99 27.84 35.48
CA GLU B 163 -5.74 28.95 34.91
C GLU B 163 -5.10 29.46 33.64
N TYR B 164 -3.78 29.30 33.48
CA TYR B 164 -3.13 29.64 32.23
C TYR B 164 -3.62 28.75 31.09
N VAL B 165 -3.76 27.45 31.34
CA VAL B 165 -4.31 26.55 30.34
C VAL B 165 -5.75 26.93 30.02
N LEU B 166 -6.51 27.35 31.05
CA LEU B 166 -7.92 27.66 30.85
C LEU B 166 -8.10 28.84 29.92
N ASN B 167 -7.29 29.89 30.05
CA ASN B 167 -7.46 31.06 29.19
C ASN B 167 -7.14 30.73 27.74
N LYS B 168 -5.99 30.09 27.49
CA LYS B 168 -5.63 29.73 26.13
C LYS B 168 -6.66 28.79 25.52
N TYR B 169 -7.30 27.96 26.35
CA TYR B 169 -8.37 27.10 25.85
C TYR B 169 -9.57 27.92 25.40
N PHE B 170 -9.82 29.07 26.03
CA PHE B 170 -10.92 29.93 25.60
C PHE B 170 -10.53 30.84 24.44
N GLU B 171 -9.24 31.19 24.33
CA GLU B 171 -8.78 31.91 23.15
C GLU B 171 -9.04 31.10 21.89
N ILE B 172 -8.76 29.80 21.93
CA ILE B 172 -9.03 28.93 20.80
C ILE B 172 -10.52 28.86 20.51
N ILE B 173 -11.34 28.74 21.57
CA ILE B 173 -12.79 28.73 21.38
C ILE B 173 -13.27 30.04 20.75
N LYS B 174 -12.74 31.16 21.23
CA LYS B 174 -13.17 32.47 20.75
C LYS B 174 -12.88 32.69 19.28
N LYS B 175 -11.99 31.90 18.67
CA LYS B 175 -11.64 32.06 17.27
C LYS B 175 -11.97 30.83 16.43
N THR B 176 -12.87 29.97 16.92
CA THR B 176 -13.24 28.78 16.15
C THR B 176 -14.08 29.15 14.92
N LEU B 177 -15.11 29.97 15.11
CA LEU B 177 -15.96 30.34 13.98
C LEU B 177 -15.23 31.25 13.01
N SER B 178 -14.24 32.01 13.49
CA SER B 178 -13.47 32.87 12.59
C SER B 178 -12.66 32.06 11.59
N ILE B 179 -12.04 30.97 12.05
CA ILE B 179 -11.18 30.20 11.14
C ILE B 179 -12.02 29.47 10.08
N TYR B 180 -13.21 28.99 10.45
CA TYR B 180 -14.10 28.40 9.45
C TYR B 180 -14.52 29.44 8.42
N ARG B 181 -14.80 30.66 8.89
CA ARG B 181 -15.03 31.78 7.99
C ARG B 181 -13.84 31.99 7.07
N GLU B 182 -12.63 31.79 7.60
CA GLU B 182 -11.42 32.06 6.84
C GLU B 182 -11.24 31.10 5.68
N ILE B 183 -11.18 29.79 5.97
CA ILE B 183 -10.89 28.81 4.93
C ILE B 183 -11.98 28.79 3.86
N LYS B 184 -13.20 29.18 4.21
CA LYS B 184 -14.26 29.28 3.21
C LYS B 184 -13.99 30.40 2.22
N GLU B 185 -13.69 31.60 2.71
CA GLU B 185 -13.41 32.71 1.83
C GLU B 185 -12.08 32.53 1.10
N GLU B 186 -11.11 31.90 1.75
CA GLU B 186 -9.80 31.65 1.15
C GLU B 186 -9.84 30.59 0.07
N GLY B 187 -10.97 29.90 -0.10
CA GLY B 187 -11.07 28.85 -1.10
C GLY B 187 -10.39 27.55 -0.73
N LYS B 188 -9.99 27.40 0.53
CA LYS B 188 -9.32 26.18 0.99
C LYS B 188 -10.29 25.08 1.36
N GLY B 189 -11.55 25.41 1.62
CA GLY B 189 -12.53 24.40 1.98
C GLY B 189 -13.93 24.95 1.92
N SER B 190 -14.87 24.02 1.75
CA SER B 190 -16.29 24.32 1.77
C SER B 190 -16.85 24.10 3.16
N VAL B 191 -17.94 24.81 3.47
CA VAL B 191 -18.64 24.64 4.74
C VAL B 191 -20.12 24.41 4.43
N SER B 192 -20.63 23.27 4.89
CA SER B 192 -22.05 22.93 4.79
C SER B 192 -22.68 22.98 6.18
N THR B 193 -24.00 22.91 6.22
CA THR B 193 -24.73 22.87 7.47
C THR B 193 -25.76 21.74 7.40
N SER B 194 -26.51 21.57 8.47
CA SER B 194 -27.51 20.52 8.60
C SER B 194 -28.79 21.15 9.15
N PRO B 195 -29.93 20.49 8.99
CA PRO B 195 -31.14 20.92 9.70
C PRO B 195 -30.84 21.13 11.18
N TYR B 196 -31.47 22.14 11.76
CA TYR B 196 -30.93 22.85 12.92
C TYR B 196 -30.48 21.91 14.04
N TYR B 197 -31.40 21.12 14.59
CA TYR B 197 -31.11 20.31 15.76
C TYR B 197 -30.77 18.86 15.39
N HIS B 198 -30.35 18.63 14.15
CA HIS B 198 -29.89 17.33 13.69
C HIS B 198 -30.99 16.27 13.79
N PRO B 199 -32.14 16.47 13.14
CA PRO B 199 -33.23 15.51 13.25
C PRO B 199 -33.23 14.49 12.11
N LEU B 200 -33.94 13.38 12.34
CA LEU B 200 -34.19 12.43 11.28
C LEU B 200 -35.25 12.99 10.34
N ILE B 201 -34.82 13.78 9.35
CA ILE B 201 -35.76 14.47 8.49
C ILE B 201 -36.70 13.52 7.76
N PRO B 202 -36.26 12.36 7.23
CA PRO B 202 -37.22 11.44 6.61
C PRO B 202 -38.37 11.04 7.53
N ILE B 203 -38.09 10.81 8.82
CA ILE B 203 -39.15 10.38 9.72
C ILE B 203 -40.13 11.52 10.01
N LEU B 204 -39.61 12.72 10.25
CA LEU B 204 -40.49 13.86 10.51
C LEU B 204 -41.43 14.10 9.34
N LEU B 205 -40.90 14.04 8.11
CA LEU B 205 -41.74 14.26 6.93
C LEU B 205 -42.79 13.17 6.80
N ASN B 206 -42.36 11.90 6.90
CA ASN B 206 -43.26 10.77 6.72
C ASN B 206 -42.72 9.56 7.47
N PRO B 207 -43.34 9.15 8.59
CA PRO B 207 -42.85 7.97 9.32
C PRO B 207 -42.99 6.66 8.55
N ASN B 208 -43.73 6.63 7.45
CA ASN B 208 -43.81 5.42 6.63
C ASN B 208 -42.52 5.13 5.87
N CYS B 209 -41.54 6.04 5.92
CA CYS B 209 -40.27 5.82 5.24
C CYS B 209 -39.50 4.64 5.83
N VAL B 210 -39.68 4.38 7.13
CA VAL B 210 -38.88 3.35 7.80
C VAL B 210 -39.20 1.95 7.28
N TYR B 211 -40.32 1.78 6.59
CA TYR B 211 -40.74 0.47 6.12
C TYR B 211 -40.05 0.05 4.83
N GLU B 212 -39.33 0.96 4.17
CA GLU B 212 -38.76 0.63 2.88
C GLU B 212 -37.56 -0.33 2.99
N THR B 213 -36.98 -0.45 4.18
CA THR B 213 -35.91 -1.40 4.42
C THR B 213 -36.18 -2.36 5.57
N THR B 214 -37.20 -2.10 6.39
CA THR B 214 -37.55 -2.97 7.52
C THR B 214 -39.07 -3.11 7.55
N PRO B 215 -39.63 -3.90 6.64
CA PRO B 215 -41.10 -3.86 6.44
C PRO B 215 -41.94 -4.21 7.67
N ASN B 216 -41.53 -5.20 8.46
CA ASN B 216 -42.31 -5.56 9.65
C ASN B 216 -41.66 -4.99 10.91
N VAL B 217 -41.74 -3.67 11.04
CA VAL B 217 -41.23 -2.97 12.22
C VAL B 217 -42.39 -2.32 12.95
N LYS B 218 -42.18 -2.10 14.26
CA LYS B 218 -43.19 -1.54 15.16
C LYS B 218 -42.91 -0.05 15.35
N ILE B 219 -43.64 0.78 14.62
CA ILE B 219 -43.56 2.23 14.87
C ILE B 219 -44.88 2.66 15.52
N PRO B 220 -44.83 3.56 16.51
CA PRO B 220 -46.06 4.01 17.16
C PRO B 220 -46.92 4.84 16.22
N ASP B 221 -48.14 5.12 16.68
CA ASP B 221 -49.07 5.93 15.91
C ASP B 221 -48.59 7.38 15.89
N PHE B 222 -48.34 7.91 14.69
CA PHE B 222 -47.96 9.31 14.53
C PHE B 222 -49.20 10.14 14.22
N ALA B 223 -50.03 10.31 15.26
CA ALA B 223 -51.29 11.04 15.13
C ALA B 223 -51.09 12.54 14.99
N VAL B 224 -49.85 13.02 14.94
CA VAL B 224 -49.55 14.44 14.77
C VAL B 224 -48.57 14.55 13.61
N SER B 225 -48.53 15.75 13.02
CA SER B 225 -47.67 15.99 11.87
C SER B 225 -46.40 16.71 12.28
N PHE B 226 -45.28 16.31 11.66
CA PHE B 226 -43.98 16.93 11.87
C PHE B 226 -43.45 17.57 10.60
N ARG B 227 -44.32 17.82 9.62
CA ARG B 227 -43.86 18.37 8.34
C ARG B 227 -43.38 19.80 8.49
N GLU B 228 -44.11 20.63 9.23
CA GLU B 228 -43.68 22.00 9.46
C GLU B 228 -42.40 22.06 10.27
N ASP B 229 -42.24 21.15 11.24
CA ASP B 229 -41.00 21.09 12.01
C ASP B 229 -39.81 20.72 11.11
N ALA B 230 -40.01 19.76 10.21
CA ALA B 230 -38.94 19.36 9.30
C ALA B 230 -38.55 20.51 8.37
N SER B 231 -39.52 21.35 8.01
CA SER B 231 -39.22 22.53 7.20
C SER B 231 -38.60 23.65 8.03
N LYS B 232 -39.05 23.82 9.27
CA LYS B 232 -38.45 24.83 10.13
C LYS B 232 -36.98 24.52 10.41
N HIS B 233 -36.66 23.24 10.56
CA HIS B 233 -35.26 22.84 10.81
C HIS B 233 -34.35 23.28 9.67
N VAL B 234 -34.79 23.08 8.42
CA VAL B 234 -33.95 23.43 7.28
C VAL B 234 -34.00 24.92 6.97
N GLU B 235 -34.99 25.64 7.49
CA GLU B 235 -35.04 27.08 7.28
C GLU B 235 -34.28 27.85 8.35
N LEU B 236 -34.42 27.44 9.62
CA LEU B 236 -33.63 28.07 10.68
C LEU B 236 -32.15 27.75 10.53
N ALA B 237 -31.83 26.57 9.98
CA ALA B 237 -30.44 26.24 9.70
C ALA B 237 -29.85 27.18 8.65
N LYS B 238 -30.62 27.48 7.61
CA LYS B 238 -30.16 28.41 6.58
C LYS B 238 -29.91 29.79 7.19
N GLU B 239 -30.80 30.24 8.08
CA GLU B 239 -30.65 31.56 8.69
C GLU B 239 -29.40 31.63 9.54
N LYS B 240 -29.19 30.64 10.42
CA LYS B 240 -28.04 30.66 11.30
C LYS B 240 -26.74 30.65 10.50
N TYR B 241 -26.71 29.86 9.41
CA TYR B 241 -25.55 29.83 8.54
C TYR B 241 -25.31 31.20 7.89
N PHE B 242 -26.40 31.93 7.59
CA PHE B 242 -26.26 33.28 7.07
C PHE B 242 -25.70 34.24 8.11
N GLU B 243 -26.00 33.99 9.39
CA GLU B 243 -25.46 34.84 10.45
C GLU B 243 -23.95 34.67 10.60
N ILE B 244 -23.42 33.49 10.24
CA ILE B 244 -22.02 33.18 10.44
C ILE B 244 -21.19 33.27 9.15
N PHE B 245 -21.83 33.23 7.98
CA PHE B 245 -21.09 33.18 6.73
C PHE B 245 -21.55 34.22 5.72
N GLY B 246 -22.45 35.13 6.10
CA GLY B 246 -22.84 36.23 5.25
C GLY B 246 -23.54 35.83 3.97
N GLU B 247 -23.93 34.56 3.88
CA GLU B 247 -24.59 34.04 2.69
C GLU B 247 -25.29 32.73 3.06
N HIS B 248 -26.17 32.29 2.18
CA HIS B 248 -26.95 31.09 2.42
C HIS B 248 -26.16 29.84 2.05
N PRO B 249 -26.51 28.69 2.63
CA PRO B 249 -25.86 27.44 2.23
C PRO B 249 -26.49 26.84 0.99
N VAL B 250 -25.66 26.20 0.18
CA VAL B 250 -26.15 25.40 -0.94
C VAL B 250 -25.80 23.92 -0.78
N TYR B 251 -25.02 23.56 0.22
CA TYR B 251 -24.70 22.17 0.52
C TYR B 251 -25.16 21.86 1.93
N MET B 252 -25.86 20.73 2.08
CA MET B 252 -26.34 20.26 3.36
C MET B 252 -25.86 18.84 3.55
N TRP B 253 -25.50 18.48 4.78
CA TRP B 253 -25.25 17.09 5.11
C TRP B 253 -26.44 16.58 5.90
N PRO B 254 -27.25 15.68 5.35
CA PRO B 254 -28.42 15.20 6.07
C PRO B 254 -28.01 14.46 7.32
N PRO B 255 -28.64 14.73 8.45
CA PRO B 255 -28.24 14.08 9.71
C PRO B 255 -28.31 12.57 9.59
N GLU B 256 -27.23 11.90 10.01
CA GLU B 256 -27.09 10.45 9.90
C GLU B 256 -27.15 9.96 8.47
N ALA B 257 -26.82 10.84 7.52
CA ALA B 257 -26.93 10.55 6.08
C ALA B 257 -28.32 10.10 5.69
N SER B 258 -29.33 10.46 6.49
CA SER B 258 -30.68 9.97 6.25
C SER B 258 -31.29 10.66 5.04
N VAL B 259 -31.83 9.86 4.12
CA VAL B 259 -32.45 10.38 2.92
C VAL B 259 -33.76 9.64 2.69
N SER B 260 -34.63 10.28 1.90
CA SER B 260 -35.79 9.66 1.30
C SER B 260 -36.16 10.51 0.10
N ASN B 261 -37.04 9.97 -0.75
CA ASN B 261 -37.52 10.75 -1.90
C ASN B 261 -38.08 12.08 -1.45
N GLU B 262 -38.99 12.06 -0.47
CA GLU B 262 -39.57 13.29 0.04
C GLU B 262 -38.53 14.17 0.71
N ALA B 263 -37.59 13.56 1.43
CA ALA B 263 -36.53 14.34 2.08
C ALA B 263 -35.73 15.13 1.06
N LEU B 264 -35.31 14.46 -0.03
CA LEU B 264 -34.53 15.15 -1.05
C LEU B 264 -35.34 16.25 -1.73
N GLU B 265 -36.66 16.07 -1.83
CA GLU B 265 -37.50 17.12 -2.38
C GLU B 265 -37.56 18.35 -1.49
N LEU B 266 -37.54 18.14 -0.16
CA LEU B 266 -37.55 19.26 0.77
C LEU B 266 -36.27 20.09 0.67
N TYR B 267 -35.11 19.42 0.55
CA TYR B 267 -33.86 20.15 0.41
C TYR B 267 -33.83 20.96 -0.88
N TYR B 268 -34.34 20.40 -1.98
CA TYR B 268 -34.41 21.14 -3.23
C TYR B 268 -35.29 22.37 -3.11
N GLU B 269 -36.46 22.22 -2.47
CA GLU B 269 -37.39 23.35 -2.35
C GLU B 269 -36.79 24.50 -1.56
N LYS B 270 -35.88 24.21 -0.62
CA LYS B 270 -35.22 25.24 0.16
C LYS B 270 -33.88 25.68 -0.45
N GLY B 271 -33.66 25.40 -1.73
CA GLY B 271 -32.45 25.84 -2.40
C GLY B 271 -31.17 25.17 -1.96
N ILE B 272 -31.17 23.84 -1.83
CA ILE B 272 -29.97 23.07 -1.54
C ILE B 272 -29.57 22.35 -2.82
N ASN B 273 -28.45 22.75 -3.41
CA ASN B 273 -28.04 22.20 -4.70
C ASN B 273 -27.43 20.81 -4.56
N MET B 274 -26.72 20.54 -3.47
CA MET B 274 -26.01 19.27 -3.31
C MET B 274 -26.11 18.78 -1.88
N LEU B 275 -26.19 17.46 -1.73
CA LEU B 275 -26.00 16.81 -0.45
C LEU B 275 -25.37 15.44 -0.71
N ALA B 276 -24.98 14.77 0.37
CA ALA B 276 -24.33 13.47 0.28
C ALA B 276 -25.08 12.47 1.15
N THR B 277 -24.71 11.20 1.00
CA THR B 277 -25.26 10.13 1.82
C THR B 277 -24.35 8.91 1.72
N ASP B 278 -24.79 7.82 2.35
CA ASP B 278 -23.97 6.62 2.43
C ASP B 278 -24.17 5.75 1.19
N GLU B 279 -23.14 4.96 0.87
CA GLU B 279 -23.24 4.09 -0.28
C GLU B 279 -24.05 2.83 -0.01
N VAL B 280 -24.42 2.53 1.24
CA VAL B 280 -25.38 1.46 1.48
C VAL B 280 -26.75 1.87 0.97
N ILE B 281 -27.08 3.16 1.09
CA ILE B 281 -28.33 3.67 0.52
C ILE B 281 -28.27 3.60 -1.00
N LEU B 282 -27.10 3.86 -1.59
CA LEU B 282 -26.94 3.77 -3.04
C LEU B 282 -27.13 2.34 -3.52
N LYS B 283 -26.50 1.38 -2.83
CA LYS B 283 -26.61 -0.01 -3.24
C LYS B 283 -28.03 -0.55 -3.05
N ASN B 284 -28.75 -0.03 -2.07
CA ASN B 284 -30.15 -0.42 -1.88
C ASN B 284 -31.05 0.16 -2.97
N SER B 285 -30.68 1.31 -3.54
CA SER B 285 -31.55 2.07 -4.43
C SER B 285 -31.33 1.73 -5.90
N VAL B 286 -30.08 1.75 -6.35
CA VAL B 286 -29.75 1.38 -7.72
C VAL B 286 -29.16 -0.02 -7.73
N GLU B 287 -29.26 -0.69 -8.88
CA GLU B 287 -28.95 -2.12 -8.95
C GLU B 287 -27.50 -2.40 -8.59
N ARG B 288 -26.55 -1.95 -9.43
CA ARG B 288 -25.13 -2.07 -9.11
C ARG B 288 -24.41 -0.90 -9.78
N ALA B 289 -24.20 0.16 -9.01
CA ALA B 289 -23.52 1.35 -9.53
C ALA B 289 -22.48 1.83 -8.53
N SER B 290 -21.48 2.53 -9.07
CA SER B 290 -20.35 2.95 -8.26
C SER B 290 -20.75 4.11 -7.33
N PRO B 291 -20.11 4.19 -6.16
CA PRO B 291 -20.17 5.43 -5.37
C PRO B 291 -19.24 6.52 -5.88
N TYR B 292 -18.57 6.29 -7.01
CA TYR B 292 -17.55 7.17 -7.53
C TYR B 292 -18.05 8.08 -8.64
N LEU B 293 -19.32 7.97 -9.00
CA LEU B 293 -19.94 8.92 -9.91
C LEU B 293 -20.58 10.06 -9.11
N ARG B 294 -20.84 11.17 -9.80
CA ARG B 294 -21.76 12.16 -9.28
C ARG B 294 -23.16 11.78 -9.75
N TYR B 295 -24.13 11.87 -8.85
CA TYR B 295 -25.49 11.46 -9.15
C TYR B 295 -26.42 12.67 -9.18
N TYR B 296 -27.23 12.73 -10.24
CA TYR B 296 -28.25 13.75 -10.40
C TYR B 296 -29.57 13.14 -9.95
N PHE B 297 -30.11 13.61 -8.83
CA PHE B 297 -31.42 13.13 -8.39
C PHE B 297 -32.49 13.83 -9.21
N ARG B 298 -33.09 13.11 -10.16
CA ARG B 298 -34.27 13.55 -10.90
C ARG B 298 -34.07 14.89 -11.59
N GLU B 299 -32.82 15.23 -11.92
CA GLU B 299 -32.50 16.53 -12.52
C GLU B 299 -33.05 17.66 -11.66
N LEU B 300 -32.83 17.55 -10.36
CA LEU B 300 -33.20 18.58 -9.39
C LEU B 300 -32.05 18.95 -8.46
N ILE B 301 -31.20 17.99 -8.10
CA ILE B 301 -30.23 18.17 -7.03
C ILE B 301 -29.15 17.12 -7.19
N SER B 302 -27.91 17.50 -6.88
CA SER B 302 -26.78 16.57 -6.95
C SER B 302 -26.66 15.80 -5.65
N VAL B 303 -26.28 14.53 -5.76
CA VAL B 303 -26.06 13.65 -4.61
C VAL B 303 -24.76 12.91 -4.81
N PHE B 304 -23.93 12.88 -3.77
CA PHE B 304 -22.71 12.09 -3.74
C PHE B 304 -22.81 11.03 -2.65
N PHE B 305 -22.40 9.81 -2.96
CA PHE B 305 -22.46 8.71 -2.01
C PHE B 305 -21.05 8.42 -1.52
N ARG B 306 -20.84 8.54 -0.20
CA ARG B 306 -19.51 8.38 0.36
C ARG B 306 -19.03 6.94 0.21
N ASP B 307 -17.71 6.77 0.19
CA ASP B 307 -17.11 5.45 0.19
C ASP B 307 -17.12 4.93 1.63
N LYS B 308 -18.02 3.99 1.92
CA LYS B 308 -18.20 3.54 3.30
C LYS B 308 -16.94 2.89 3.84
N THR B 309 -16.23 2.14 3.00
CA THR B 309 -15.05 1.42 3.47
C THR B 309 -13.94 2.39 3.86
N LEU B 310 -13.64 3.38 3.01
CA LEU B 310 -12.56 4.31 3.31
C LEU B 310 -12.89 5.16 4.53
N SER B 311 -14.15 5.62 4.64
CA SER B 311 -14.51 6.51 5.74
C SER B 311 -14.50 5.78 7.08
N ASP B 312 -15.00 4.54 7.12
CA ASP B 312 -15.02 3.78 8.37
C ASP B 312 -13.66 3.21 8.72
N LEU B 313 -12.71 3.18 7.79
CA LEU B 313 -11.35 2.80 8.14
C LEU B 313 -10.67 3.88 8.96
N ILE B 314 -10.87 5.15 8.59
CA ILE B 314 -10.37 6.25 9.40
C ILE B 314 -11.07 6.30 10.74
N GLY B 315 -12.39 6.12 10.75
CA GLY B 315 -13.16 6.31 11.96
C GLY B 315 -13.03 5.18 12.97
N PHE B 316 -12.76 3.95 12.50
CA PHE B 316 -12.87 2.79 13.36
C PHE B 316 -11.69 1.83 13.32
N SER B 317 -10.80 1.93 12.35
CA SER B 317 -9.74 0.94 12.17
C SER B 317 -8.34 1.49 12.40
N TYR B 318 -8.01 2.63 11.78
CA TYR B 318 -6.63 3.08 11.73
C TYR B 318 -6.08 3.53 13.08
N HIS B 319 -6.92 3.66 14.10
CA HIS B 319 -6.42 4.02 15.43
C HIS B 319 -5.49 2.96 15.98
N ALA B 320 -5.72 1.68 15.63
CA ALA B 320 -4.88 0.60 16.12
C ALA B 320 -3.61 0.42 15.30
N TRP B 321 -3.53 1.01 14.11
CA TRP B 321 -2.39 0.85 13.24
C TRP B 321 -1.25 1.75 13.68
N ASN B 322 -0.11 1.62 12.99
CA ASN B 322 0.94 2.62 13.05
C ASN B 322 0.62 3.73 12.06
N ALA B 323 1.03 4.95 12.40
CA ALA B 323 0.69 6.10 11.57
C ALA B 323 1.20 5.94 10.15
N GLU B 324 2.43 5.43 10.00
CA GLU B 324 3.00 5.26 8.66
C GLU B 324 2.30 4.13 7.91
N ASP B 325 1.93 3.06 8.60
CA ASP B 325 1.25 1.95 7.94
C ASP B 325 -0.14 2.35 7.46
N ALA B 326 -0.86 3.12 8.27
CA ALA B 326 -2.24 3.47 7.93
C ALA B 326 -2.33 4.41 6.74
N VAL B 327 -1.39 5.36 6.64
CA VAL B 327 -1.37 6.24 5.47
C VAL B 327 -0.95 5.45 4.22
N ARG B 328 -0.06 4.47 4.39
CA ARG B 328 0.30 3.60 3.27
C ARG B 328 -0.89 2.80 2.79
N ASP B 329 -1.71 2.28 3.72
CA ASP B 329 -2.89 1.51 3.34
C ASP B 329 -3.95 2.40 2.69
N PHE B 330 -4.11 3.62 3.19
CA PHE B 330 -5.10 4.54 2.61
C PHE B 330 -4.77 4.84 1.16
N ILE B 331 -3.53 5.23 0.89
CA ILE B 331 -3.14 5.56 -0.48
C ILE B 331 -3.19 4.31 -1.36
N GLY B 332 -2.74 3.18 -0.83
CA GLY B 332 -2.81 1.94 -1.59
C GLY B 332 -4.22 1.58 -1.99
N ARG B 333 -5.19 1.83 -1.11
CA ARG B 333 -6.59 1.58 -1.45
C ARG B 333 -7.08 2.56 -2.50
N LEU B 334 -6.73 3.84 -2.36
CA LEU B 334 -7.08 4.83 -3.37
C LEU B 334 -6.50 4.43 -4.73
N LYS B 335 -5.27 3.90 -4.72
CA LYS B 335 -4.65 3.41 -5.95
C LYS B 335 -5.53 2.39 -6.65
N LYS B 336 -6.04 1.43 -5.88
CA LYS B 336 -6.82 0.35 -6.48
C LYS B 336 -8.19 0.82 -6.95
N ILE B 337 -8.73 1.87 -6.34
CA ILE B 337 -9.90 2.54 -6.91
C ILE B 337 -9.54 3.18 -8.24
N HIS B 338 -8.37 3.81 -8.30
CA HIS B 338 -7.95 4.57 -9.48
C HIS B 338 -7.80 3.65 -10.69
N GLU B 339 -7.13 2.52 -10.52
CA GLU B 339 -6.91 1.57 -11.60
C GLU B 339 -7.97 0.47 -11.62
N SER B 340 -9.19 0.78 -11.19
CA SER B 340 -10.33 -0.13 -11.29
C SER B 340 -11.47 0.43 -12.12
N VAL B 341 -11.40 1.68 -12.56
CA VAL B 341 -12.46 2.31 -13.35
C VAL B 341 -11.82 2.96 -14.57
N ASP B 342 -12.61 3.12 -15.63
CA ASP B 342 -12.13 3.74 -16.86
C ASP B 342 -12.27 5.25 -16.84
N PHE B 343 -13.21 5.78 -16.06
CA PHE B 343 -13.41 7.20 -15.90
C PHE B 343 -12.52 7.72 -14.77
N GLN B 344 -12.63 9.02 -14.49
CA GLN B 344 -11.95 9.60 -13.34
C GLN B 344 -12.90 9.56 -12.15
N PRO B 345 -12.60 8.79 -11.11
CA PRO B 345 -13.54 8.65 -10.00
C PRO B 345 -13.48 9.81 -9.03
N VAL B 346 -14.60 10.05 -8.37
CA VAL B 346 -14.69 10.97 -7.24
C VAL B 346 -14.93 10.15 -5.98
N VAL B 347 -14.08 10.34 -4.98
CA VAL B 347 -14.12 9.55 -3.76
C VAL B 347 -14.47 10.49 -2.61
N PHE B 348 -15.62 10.25 -1.99
CA PHE B 348 -16.11 11.07 -0.90
C PHE B 348 -15.83 10.37 0.42
N VAL B 349 -15.17 11.06 1.34
CA VAL B 349 -14.81 10.53 2.64
C VAL B 349 -15.54 11.38 3.68
N VAL B 350 -16.66 10.88 4.17
CA VAL B 350 -17.53 11.62 5.09
C VAL B 350 -17.62 10.81 6.38
N LEU B 351 -17.24 11.44 7.50
CA LEU B 351 -17.36 10.81 8.80
C LEU B 351 -17.28 11.89 9.87
N ASP B 352 -17.68 11.51 11.09
CA ASP B 352 -17.65 12.43 12.21
C ASP B 352 -16.24 12.95 12.41
N GLY B 353 -16.09 14.27 12.41
CA GLY B 353 -14.77 14.85 12.39
C GLY B 353 -14.04 14.96 13.71
N GLU B 354 -14.65 14.52 14.82
CA GLU B 354 -14.03 14.72 16.13
C GLU B 354 -14.10 13.55 17.09
N ASN B 355 -14.69 12.41 16.71
CA ASN B 355 -14.84 11.31 17.65
C ASN B 355 -13.66 10.34 17.65
N CYS B 356 -12.99 10.18 16.50
CA CYS B 356 -12.04 9.08 16.35
C CYS B 356 -10.69 9.39 16.99
N TRP B 357 -10.30 10.66 17.06
CA TRP B 357 -8.92 11.00 17.35
C TRP B 357 -8.54 10.83 18.81
N GLU B 358 -9.51 10.77 19.73
CA GLU B 358 -9.16 10.46 21.11
C GLU B 358 -8.60 9.06 21.26
N TYR B 359 -8.93 8.16 20.33
CA TYR B 359 -8.42 6.79 20.35
C TYR B 359 -7.12 6.63 19.55
N TYR B 360 -6.77 7.61 18.72
CA TYR B 360 -5.50 7.58 18.03
C TYR B 360 -4.38 7.99 18.99
N GLU B 361 -3.17 7.56 18.65
CA GLU B 361 -1.99 8.06 19.36
C GLU B 361 -1.81 9.54 19.07
N GLU B 362 -1.59 10.32 20.12
CA GLU B 362 -1.36 11.77 20.00
C GLU B 362 -2.48 12.46 19.24
N ASN B 363 -3.72 12.08 19.54
CA ASN B 363 -4.92 12.75 19.02
C ASN B 363 -4.98 12.71 17.49
N GLY B 364 -4.42 11.67 16.89
CA GLY B 364 -4.40 11.55 15.44
C GLY B 364 -3.44 12.49 14.73
N ILE B 365 -2.80 13.41 15.45
CA ILE B 365 -1.93 14.39 14.81
C ILE B 365 -0.85 13.73 13.97
N PRO B 366 -0.12 12.71 14.44
CA PRO B 366 0.85 12.06 13.54
C PRO B 366 0.21 11.46 12.30
N PHE B 367 -0.98 10.88 12.43
CA PHE B 367 -1.65 10.27 11.28
C PHE B 367 -2.13 11.33 10.29
N LEU B 368 -2.81 12.36 10.78
CA LEU B 368 -3.34 13.38 9.88
C LEU B 368 -2.23 14.16 9.19
N GLU B 369 -1.17 14.50 9.94
CA GLU B 369 -0.06 15.23 9.34
C GLU B 369 0.58 14.40 8.23
N LYS B 370 0.80 13.12 8.48
CA LYS B 370 1.38 12.25 7.45
C LYS B 370 0.44 12.09 6.26
N LEU B 371 -0.84 11.89 6.53
CA LEU B 371 -1.81 11.68 5.45
C LEU B 371 -1.91 12.91 4.55
N TYR B 372 -2.12 14.09 5.16
CA TYR B 372 -2.24 15.31 4.37
C TYR B 372 -0.93 15.64 3.64
N SER B 373 0.21 15.30 4.25
CA SER B 373 1.50 15.56 3.60
C SER B 373 1.74 14.62 2.44
N THR B 374 1.19 13.40 2.49
CA THR B 374 1.32 12.48 1.38
C THR B 374 0.38 12.85 0.23
N LEU B 375 -0.81 13.32 0.55
CA LEU B 375 -1.78 13.69 -0.48
C LEU B 375 -1.26 14.78 -1.39
N GLU B 376 -0.47 15.71 -0.85
CA GLU B 376 0.09 16.77 -1.71
C GLU B 376 1.21 16.24 -2.60
N LYS B 377 1.99 15.27 -2.13
CA LYS B 377 3.00 14.66 -2.97
C LYS B 377 2.37 13.86 -4.12
N GLU B 378 1.29 13.14 -3.84
CA GLU B 378 0.66 12.29 -4.84
C GLU B 378 -0.07 13.16 -5.86
N GLU B 379 0.55 13.33 -7.03
CA GLU B 379 0.04 14.24 -8.05
C GLU B 379 -1.22 13.72 -8.72
N TRP B 380 -1.48 12.41 -8.66
CA TRP B 380 -2.67 11.84 -9.27
C TRP B 380 -3.91 11.96 -8.39
N ILE B 381 -3.77 12.50 -7.19
CA ILE B 381 -4.88 12.67 -6.26
C ILE B 381 -5.13 14.16 -6.11
N GLU B 382 -6.20 14.64 -6.73
CA GLU B 382 -6.64 16.02 -6.55
C GLU B 382 -7.70 16.07 -5.47
N THR B 383 -7.48 16.89 -4.44
CA THR B 383 -8.49 17.12 -3.42
C THR B 383 -9.31 18.35 -3.79
N LEU B 384 -10.61 18.30 -3.48
CA LEU B 384 -11.53 19.31 -3.94
C LEU B 384 -12.39 19.84 -2.79
N THR B 385 -12.75 21.11 -2.89
CA THR B 385 -13.86 21.65 -2.12
C THR B 385 -15.18 21.17 -2.71
N LEU B 386 -16.23 21.18 -1.88
CA LEU B 386 -17.55 20.80 -2.37
C LEU B 386 -17.98 21.67 -3.54
N GLU B 387 -17.52 22.91 -3.58
CA GLU B 387 -17.72 23.76 -4.76
C GLU B 387 -17.03 23.15 -5.98
N GLU B 388 -15.76 22.78 -5.84
CA GLU B 388 -14.99 22.29 -6.98
C GLU B 388 -15.59 21.00 -7.53
N ALA B 389 -15.98 20.08 -6.65
CA ALA B 389 -16.61 18.84 -7.11
C ALA B 389 -17.93 19.10 -7.82
N MET B 390 -18.61 20.19 -7.45
CA MET B 390 -19.88 20.53 -8.10
C MET B 390 -19.67 21.15 -9.48
N ARG B 391 -18.53 21.80 -9.71
CA ARG B 391 -18.25 22.43 -10.99
C ARG B 391 -17.38 21.57 -11.91
N LYS B 392 -16.89 20.43 -11.42
CA LYS B 392 -15.87 19.68 -12.15
C LYS B 392 -16.45 19.06 -13.42
N GLU B 393 -15.77 19.30 -14.55
CA GLU B 393 -16.20 18.76 -15.84
C GLU B 393 -15.79 17.31 -16.04
N ASP B 394 -14.73 16.85 -15.38
CA ASP B 394 -14.13 15.56 -15.65
C ASP B 394 -14.86 14.40 -15.00
N VAL B 395 -15.88 14.66 -14.19
CA VAL B 395 -16.54 13.63 -13.39
C VAL B 395 -17.69 13.02 -14.19
N LYS B 396 -17.88 11.72 -14.03
CA LYS B 396 -18.99 11.01 -14.67
C LYS B 396 -20.27 11.23 -13.88
N THR B 397 -21.34 11.58 -14.57
CA THR B 397 -22.62 11.86 -13.93
C THR B 397 -23.68 10.86 -14.37
N GLU B 398 -24.50 10.44 -13.40
CA GLU B 398 -25.62 9.56 -13.66
C GLU B 398 -26.86 10.16 -13.02
N VAL B 399 -28.01 9.97 -13.68
CA VAL B 399 -29.29 10.46 -13.18
C VAL B 399 -30.07 9.27 -12.63
N ILE B 400 -30.57 9.41 -11.40
CA ILE B 400 -31.40 8.39 -10.78
C ILE B 400 -32.71 9.04 -10.33
N GLU B 401 -33.74 8.21 -10.22
CA GLU B 401 -35.10 8.67 -10.00
C GLU B 401 -35.56 8.61 -8.55
N SER B 402 -35.01 7.70 -7.75
CA SER B 402 -35.51 7.50 -6.40
C SER B 402 -34.44 6.84 -5.54
N VAL B 403 -34.63 6.92 -4.22
CA VAL B 403 -33.75 6.29 -3.25
C VAL B 403 -34.61 5.56 -2.22
N LYS B 404 -34.15 4.39 -1.80
CA LYS B 404 -34.77 3.67 -0.69
C LYS B 404 -34.31 4.30 0.61
N ALA B 405 -35.26 4.80 1.40
CA ALA B 405 -34.93 5.60 2.57
C ALA B 405 -34.12 4.80 3.59
N GLY B 406 -33.22 5.50 4.26
CA GLY B 406 -32.38 4.87 5.27
C GLY B 406 -31.37 5.85 5.82
N THR B 407 -30.49 5.34 6.67
CA THR B 407 -29.39 6.10 7.26
C THR B 407 -28.08 5.36 6.96
N TRP B 408 -26.97 5.94 7.42
CA TRP B 408 -25.69 5.25 7.21
C TRP B 408 -25.46 4.14 8.23
N PHE B 409 -26.38 3.97 9.19
CA PHE B 409 -26.37 2.81 10.08
C PHE B 409 -27.23 1.72 9.45
N ASP B 410 -26.57 0.85 8.67
CA ASP B 410 -27.18 -0.36 8.11
C ASP B 410 -28.31 -0.06 7.12
N GLY B 411 -28.38 1.17 6.61
CA GLY B 411 -29.35 1.48 5.58
C GLY B 411 -30.79 1.59 6.04
N ASN B 412 -31.05 1.59 7.35
CA ASN B 412 -32.41 1.65 7.86
C ASN B 412 -32.44 2.60 9.06
N PHE B 413 -33.56 2.57 9.78
CA PHE B 413 -33.79 3.45 10.92
C PHE B 413 -33.89 2.68 12.24
N LEU B 414 -33.44 1.42 12.27
CA LEU B 414 -33.59 0.61 13.47
C LEU B 414 -32.80 1.16 14.66
N LYS B 415 -31.89 2.10 14.41
CA LYS B 415 -31.08 2.69 15.47
C LYS B 415 -31.84 3.72 16.30
N TRP B 416 -32.97 4.23 15.82
CA TRP B 416 -33.71 5.28 16.51
C TRP B 416 -35.18 4.93 16.78
N ILE B 417 -35.72 3.91 16.12
CA ILE B 417 -37.13 3.57 16.26
C ILE B 417 -37.28 2.09 15.98
N GLY B 418 -38.31 1.48 16.55
CA GLY B 418 -38.68 0.11 16.24
C GLY B 418 -38.58 -0.86 17.40
N ASN B 419 -37.75 -0.59 18.40
CA ASN B 419 -37.68 -1.49 19.55
C ASN B 419 -38.48 -0.93 20.72
N LYS B 420 -38.65 -1.76 21.75
CA LYS B 420 -39.55 -1.45 22.85
C LYS B 420 -39.19 -0.11 23.51
N GLU B 421 -37.93 0.06 23.90
CA GLU B 421 -37.55 1.27 24.63
C GLU B 421 -37.45 2.48 23.71
N LYS B 422 -36.94 2.28 22.47
CA LYS B 422 -36.82 3.40 21.55
C LYS B 422 -38.19 3.95 21.15
N ASN B 423 -39.20 3.09 21.10
CA ASN B 423 -40.52 3.52 20.63
C ASN B 423 -41.21 4.43 21.63
N GLU B 424 -40.91 4.29 22.92
CA GLU B 424 -41.60 5.10 23.92
C GLU B 424 -41.13 6.55 23.91
N TYR B 425 -39.85 6.79 23.61
CA TYR B 425 -39.38 8.17 23.50
C TYR B 425 -40.10 8.92 22.39
N TRP B 426 -40.32 8.24 21.26
CA TRP B 426 -41.12 8.84 20.20
C TRP B 426 -42.54 9.13 20.66
N LYS B 427 -43.12 8.22 21.46
CA LYS B 427 -44.45 8.47 22.00
C LYS B 427 -44.49 9.72 22.87
N ILE B 428 -43.48 9.90 23.72
CA ILE B 428 -43.39 11.12 24.52
C ILE B 428 -43.29 12.34 23.61
N LEU B 429 -42.48 12.24 22.55
CA LEU B 429 -42.35 13.35 21.62
C LEU B 429 -43.66 13.64 20.89
N ILE B 430 -44.41 12.58 20.55
CA ILE B 430 -45.67 12.78 19.83
C ILE B 430 -46.70 13.46 20.71
N GLU B 431 -46.80 13.04 21.97
CA GLU B 431 -47.76 13.68 22.88
C GLU B 431 -47.36 15.13 23.18
N ALA B 432 -46.07 15.39 23.32
CA ALA B 432 -45.60 16.75 23.55
C ALA B 432 -45.92 17.65 22.36
N LYS B 433 -45.68 17.15 21.13
CA LYS B 433 -45.96 17.95 19.94
C LYS B 433 -47.44 18.27 19.82
N LYS B 434 -48.31 17.41 20.35
CA LYS B 434 -49.73 17.72 20.40
C LYS B 434 -50.01 18.95 21.26
N LYS B 435 -49.23 19.12 22.34
CA LYS B 435 -49.41 20.23 23.28
C LYS B 435 -48.25 21.21 23.25
N ALA B 436 -47.42 21.20 22.20
CA ALA B 436 -46.27 22.07 22.17
C ALA B 436 -46.70 23.53 21.99
N LYS B 437 -45.89 24.43 22.55
CA LYS B 437 -46.16 25.87 22.46
C LYS B 437 -44.95 26.71 22.08
N ASN B 438 -43.75 26.14 22.02
CA ASN B 438 -42.57 26.90 21.64
C ASN B 438 -41.56 25.96 20.98
N ASP B 439 -40.54 26.56 20.39
CA ASP B 439 -39.59 25.82 19.56
C ASP B 439 -38.68 24.90 20.34
N TYR B 440 -38.83 24.70 21.64
CA TYR B 440 -38.10 23.62 22.31
C TYR B 440 -38.56 22.24 21.84
N ILE B 441 -39.72 22.16 21.18
CA ILE B 441 -40.12 20.90 20.55
C ILE B 441 -39.16 20.55 19.42
N LEU B 442 -38.62 21.56 18.73
CA LEU B 442 -37.61 21.31 17.72
C LEU B 442 -36.36 20.69 18.33
N VAL B 443 -35.98 21.13 19.52
CA VAL B 443 -34.83 20.57 20.21
C VAL B 443 -35.06 19.11 20.52
N ALA B 444 -36.29 18.75 20.87
CA ALA B 444 -36.63 17.38 21.23
C ALA B 444 -36.56 16.42 20.05
N GLU B 445 -36.43 16.93 18.82
CA GLU B 445 -36.38 16.09 17.63
C GLU B 445 -34.96 15.80 17.17
N GLY B 446 -33.95 16.13 17.98
CA GLY B 446 -32.60 15.69 17.66
C GLY B 446 -32.50 14.19 17.70
N SER B 447 -31.78 13.62 16.73
CA SER B 447 -31.59 12.17 16.70
C SER B 447 -30.75 11.70 17.88
N ASP B 448 -29.95 12.58 18.48
CA ASP B 448 -29.07 12.22 19.58
C ASP B 448 -29.82 11.88 20.87
N TRP B 449 -31.16 11.91 20.86
CA TRP B 449 -31.95 11.50 22.01
C TRP B 449 -32.49 10.08 21.88
N PHE B 450 -32.71 9.60 20.67
CA PHE B 450 -33.35 8.31 20.43
C PHE B 450 -32.35 7.21 20.12
N TRP B 451 -31.06 7.50 20.07
CA TRP B 451 -30.05 6.51 19.73
C TRP B 451 -29.55 5.75 20.95
N TRP B 452 -29.50 6.39 22.13
CA TRP B 452 -28.97 5.73 23.31
C TRP B 452 -29.96 4.76 23.93
N GLN B 453 -31.25 5.11 23.92
CA GLN B 453 -32.27 4.29 24.54
C GLN B 453 -32.42 2.97 23.81
N GLY B 454 -32.68 1.90 24.55
CA GLY B 454 -32.86 0.59 23.97
C GLY B 454 -31.66 -0.33 24.01
N GLU B 455 -31.34 -0.94 22.88
CA GLU B 455 -30.30 -1.97 22.81
C GLU B 455 -28.90 -1.40 22.99
N GLU B 456 -28.73 -0.09 23.05
CA GLU B 456 -27.42 0.53 23.15
C GLU B 456 -27.02 0.76 24.60
N LYS B 457 -25.77 0.44 24.91
CA LYS B 457 -25.24 0.53 26.26
C LYS B 457 -24.01 1.43 26.25
N ALA B 458 -24.04 2.47 27.08
CA ALA B 458 -23.08 3.58 27.02
C ALA B 458 -23.14 4.37 28.32
N PRO B 459 -22.24 5.32 28.57
CA PRO B 459 -22.30 6.08 29.82
C PRO B 459 -23.13 7.35 29.69
N PHE B 460 -23.45 7.92 30.87
CA PHE B 460 -24.17 9.19 30.98
C PHE B 460 -25.51 9.17 30.25
N VAL B 461 -26.11 7.98 30.10
CA VAL B 461 -27.43 7.91 29.48
C VAL B 461 -28.48 8.58 30.36
N GLU B 462 -28.23 8.61 31.68
CA GLU B 462 -29.16 9.29 32.58
C GLU B 462 -29.21 10.78 32.30
N VAL B 463 -28.07 11.39 31.97
CA VAL B 463 -28.05 12.81 31.65
C VAL B 463 -28.78 13.07 30.34
N PHE B 464 -28.61 12.19 29.35
CA PHE B 464 -29.37 12.32 28.11
C PHE B 464 -30.87 12.25 28.38
N ASP B 465 -31.29 11.29 29.21
CA ASP B 465 -32.68 11.19 29.59
C ASP B 465 -33.16 12.47 30.26
N LYS B 466 -32.39 12.97 31.23
CA LYS B 466 -32.78 14.18 31.95
C LYS B 466 -32.94 15.36 31.00
N LEU B 467 -32.09 15.45 29.99
CA LEU B 467 -32.16 16.56 29.05
C LEU B 467 -33.38 16.45 28.15
N PHE B 468 -33.64 15.27 27.59
CA PHE B 468 -34.76 15.09 26.69
C PHE B 468 -36.07 15.45 27.38
N ARG B 469 -36.28 14.90 28.58
CA ARG B 469 -37.51 15.19 29.32
C ARG B 469 -37.59 16.65 29.74
N SER B 470 -36.45 17.29 29.98
CA SER B 470 -36.46 18.72 30.28
C SER B 470 -36.90 19.52 29.06
N PHE B 471 -36.46 19.12 27.86
CA PHE B 471 -36.88 19.83 26.65
C PHE B 471 -38.35 19.57 26.33
N VAL B 472 -38.81 18.34 26.54
CA VAL B 472 -40.23 18.04 26.32
C VAL B 472 -41.10 18.79 27.32
N ARG B 473 -40.67 18.84 28.59
CA ARG B 473 -41.39 19.61 29.60
C ARG B 473 -41.38 21.10 29.26
N ARG B 474 -40.23 21.63 28.82
CA ARG B 474 -40.12 23.06 28.55
C ARG B 474 -40.90 23.48 27.31
N ALA B 475 -41.02 22.58 26.33
CA ALA B 475 -41.68 22.94 25.07
C ALA B 475 -43.17 23.22 25.24
N GLN B 476 -43.79 22.74 26.31
CA GLN B 476 -45.22 22.90 26.51
C GLN B 476 -45.58 24.11 27.37
N GLU B 477 -44.62 24.72 28.04
CA GLU B 477 -44.93 25.83 28.93
C GLU B 477 -44.99 27.15 28.17
N MET C 1 -5.46 -4.16 -31.31
CA MET C 1 -4.64 -4.92 -32.22
C MET C 1 -3.22 -5.09 -31.67
N LYS C 2 -2.58 -3.97 -31.34
CA LYS C 2 -1.22 -3.99 -30.84
C LYS C 2 -1.18 -4.66 -29.46
N LYS C 3 -0.63 -5.87 -29.41
CA LYS C 3 -0.43 -6.59 -28.16
C LYS C 3 1.08 -6.66 -27.89
N LEU C 4 1.48 -6.27 -26.68
CA LEU C 4 2.88 -6.41 -26.28
C LEU C 4 3.14 -7.83 -25.85
N PHE C 5 4.24 -8.41 -26.35
CA PHE C 5 4.57 -9.80 -26.11
C PHE C 5 5.67 -9.90 -25.07
N LEU C 6 5.43 -10.70 -24.04
CA LEU C 6 6.32 -10.80 -22.88
C LEU C 6 6.85 -12.23 -22.79
N VAL C 7 8.16 -12.40 -22.95
CA VAL C 7 8.82 -13.69 -22.85
C VAL C 7 9.69 -13.68 -21.60
N PHE C 8 9.42 -14.60 -20.68
CA PHE C 8 10.21 -14.76 -19.47
C PHE C 8 11.12 -15.97 -19.61
N TRP C 9 12.41 -15.77 -19.38
CA TRP C 9 13.40 -16.83 -19.48
C TRP C 9 14.25 -16.82 -18.21
N TRP C 10 14.00 -17.77 -17.32
CA TRP C 10 14.79 -17.91 -16.10
C TRP C 10 15.90 -18.92 -16.33
N HIS C 11 17.13 -18.54 -15.96
CA HIS C 11 18.32 -19.34 -16.24
C HIS C 11 18.70 -20.13 -14.98
N MET C 12 18.52 -21.44 -15.02
CA MET C 12 18.81 -22.33 -13.89
C MET C 12 20.11 -23.05 -14.17
N HIS C 13 21.15 -22.74 -13.37
CA HIS C 13 22.45 -23.36 -13.55
C HIS C 13 23.22 -23.28 -12.24
N GLN C 14 24.01 -24.32 -11.99
CA GLN C 14 24.90 -24.38 -10.85
C GLN C 14 26.05 -25.28 -11.25
N PRO C 15 27.30 -24.87 -11.02
CA PRO C 15 28.44 -25.71 -11.46
C PRO C 15 28.56 -27.00 -10.66
N LEU C 16 29.57 -27.80 -10.96
CA LEU C 16 29.74 -29.10 -10.33
C LEU C 16 30.51 -28.94 -9.03
N TYR C 17 29.84 -29.15 -7.90
CA TYR C 17 30.48 -29.12 -6.59
C TYR C 17 30.93 -30.49 -6.13
N ARG C 18 30.77 -31.52 -6.97
CA ARG C 18 31.14 -32.89 -6.61
C ARG C 18 32.62 -33.12 -6.95
N GLU C 19 33.44 -33.25 -5.91
CA GLU C 19 34.85 -33.51 -6.12
C GLU C 19 35.04 -34.85 -6.82
N PRO C 20 35.99 -34.97 -7.76
CA PRO C 20 36.10 -36.20 -8.55
C PRO C 20 36.81 -37.34 -7.85
N TYR C 21 37.61 -37.08 -6.81
CA TYR C 21 38.33 -38.15 -6.12
C TYR C 21 37.63 -38.61 -4.85
N THR C 22 36.53 -37.98 -4.47
CA THR C 22 35.77 -38.39 -3.29
C THR C 22 34.27 -38.48 -3.52
N GLY C 23 33.72 -37.83 -4.54
CA GLY C 23 32.29 -37.81 -4.73
C GLY C 23 31.54 -36.90 -3.78
N GLU C 24 32.25 -36.07 -3.02
CA GLU C 24 31.63 -35.22 -2.02
C GLU C 24 31.30 -33.86 -2.62
N TYR C 25 30.14 -33.32 -2.23
CA TYR C 25 29.73 -31.97 -2.61
C TYR C 25 30.30 -30.99 -1.58
N LEU C 26 31.24 -30.15 -2.01
CA LEU C 26 31.92 -29.24 -1.10
C LEU C 26 31.17 -27.93 -0.88
N LEU C 27 30.04 -27.74 -1.54
CA LEU C 27 29.20 -26.57 -1.36
C LEU C 27 27.76 -27.02 -1.51
N PRO C 28 26.87 -26.61 -0.61
CA PRO C 28 25.47 -27.08 -0.65
C PRO C 28 24.53 -26.27 -1.52
N TRP C 29 25.06 -25.40 -2.39
CA TRP C 29 24.20 -24.45 -3.09
C TRP C 29 23.19 -25.13 -4.00
N THR C 30 23.55 -26.28 -4.59
CA THR C 30 22.60 -26.99 -5.43
C THR C 30 21.38 -27.45 -4.63
N PHE C 31 21.61 -27.99 -3.43
CA PHE C 31 20.52 -28.47 -2.60
C PHE C 31 19.60 -27.34 -2.19
N PHE C 32 20.16 -26.21 -1.75
CA PHE C 32 19.36 -25.14 -1.16
C PHE C 32 18.48 -24.47 -2.21
N HIS C 33 19.01 -24.22 -3.40
CA HIS C 33 18.22 -23.56 -4.42
C HIS C 33 17.15 -24.47 -5.02
N ALA C 34 17.35 -25.78 -4.95
CA ALA C 34 16.32 -26.71 -5.42
C ALA C 34 15.08 -26.66 -4.52
N VAL C 35 15.30 -26.72 -3.20
CA VAL C 35 14.19 -26.66 -2.27
C VAL C 35 13.60 -25.27 -2.15
N LYS C 36 14.27 -24.25 -2.68
CA LYS C 36 13.80 -22.88 -2.61
C LYS C 36 13.33 -22.32 -3.95
N ASP C 37 13.92 -22.73 -5.07
CA ASP C 37 13.56 -22.11 -6.34
C ASP C 37 13.29 -23.08 -7.49
N TYR C 38 13.97 -24.23 -7.52
CA TYR C 38 13.97 -25.02 -8.75
C TYR C 38 12.64 -25.73 -8.99
N TYR C 39 11.97 -26.16 -7.93
CA TYR C 39 10.61 -26.66 -8.09
C TYR C 39 9.60 -25.52 -8.10
N ASP C 40 9.85 -24.49 -7.29
CA ASP C 40 8.84 -23.47 -7.04
C ASP C 40 8.67 -22.51 -8.23
N MET C 41 9.77 -22.10 -8.87
CA MET C 41 9.65 -21.14 -9.96
C MET C 41 8.81 -21.66 -11.12
N PRO C 42 8.98 -22.89 -11.61
CA PRO C 42 8.02 -23.41 -12.61
C PRO C 42 6.68 -23.81 -12.02
N ALA C 43 6.61 -24.06 -10.71
CA ALA C 43 5.33 -24.37 -10.08
C ALA C 43 4.42 -23.16 -9.99
N TYR C 44 4.94 -21.96 -10.26
CA TYR C 44 4.10 -20.78 -10.37
C TYR C 44 3.07 -20.93 -11.47
N LEU C 45 3.41 -21.67 -12.54
CA LEU C 45 2.54 -21.80 -13.70
C LEU C 45 1.25 -22.56 -13.40
N LYS C 46 1.23 -23.36 -12.34
CA LYS C 46 0.02 -24.11 -12.00
C LYS C 46 -1.02 -23.25 -11.28
N ASP C 47 -0.62 -22.10 -10.74
CA ASP C 47 -1.54 -21.21 -10.05
C ASP C 47 -1.82 -19.92 -10.82
N PHE C 48 -1.19 -19.72 -11.98
CA PHE C 48 -1.37 -18.51 -12.75
C PHE C 48 -1.45 -18.84 -14.24
N GLU C 49 -2.38 -18.19 -14.93
CA GLU C 49 -2.59 -18.43 -16.36
C GLU C 49 -1.72 -17.47 -17.16
N ILE C 50 -0.43 -17.78 -17.20
CA ILE C 50 0.56 -17.07 -17.99
C ILE C 50 1.51 -18.10 -18.59
N LYS C 51 2.53 -17.61 -19.29
CA LYS C 51 3.55 -18.45 -19.90
C LYS C 51 4.91 -18.02 -19.40
N LEU C 52 5.70 -18.97 -18.91
CA LEU C 52 7.08 -18.71 -18.51
C LEU C 52 7.98 -19.81 -19.05
N ASN C 53 9.20 -19.42 -19.40
CA ASN C 53 10.17 -20.33 -19.99
C ASN C 53 11.39 -20.44 -19.08
N PHE C 54 12.02 -21.60 -19.12
CA PHE C 54 13.11 -21.91 -18.21
C PHE C 54 14.27 -22.53 -18.98
N ASN C 55 15.48 -22.17 -18.61
CA ASN C 55 16.69 -22.80 -19.13
C ASN C 55 17.37 -23.57 -18.01
N LEU C 56 17.65 -24.84 -18.26
CA LEU C 56 18.34 -25.71 -17.31
C LEU C 56 19.64 -26.17 -17.92
N THR C 57 20.75 -25.94 -17.23
CA THR C 57 21.99 -26.51 -17.74
C THR C 57 22.09 -27.98 -17.31
N PRO C 58 22.63 -28.84 -18.17
CA PRO C 58 22.72 -30.27 -17.83
C PRO C 58 23.57 -30.55 -16.60
N VAL C 59 24.50 -29.67 -16.25
CA VAL C 59 25.31 -29.89 -15.05
C VAL C 59 24.45 -29.75 -13.79
N LEU C 60 23.49 -28.82 -13.82
CA LEU C 60 22.54 -28.71 -12.70
C LEU C 60 21.64 -29.93 -12.62
N ILE C 61 21.08 -30.35 -13.77
CA ILE C 61 20.18 -31.49 -13.81
C ILE C 61 20.90 -32.76 -13.34
N ASP C 62 22.18 -32.89 -13.68
CA ASP C 62 22.97 -34.00 -13.16
C ASP C 62 23.01 -33.99 -11.64
N GLN C 63 23.15 -32.80 -11.04
CA GLN C 63 23.22 -32.72 -9.59
C GLN C 63 21.86 -32.94 -8.95
N ILE C 64 20.78 -32.41 -9.56
CA ILE C 64 19.44 -32.64 -9.02
C ILE C 64 19.12 -34.13 -9.04
N GLN C 65 19.54 -34.83 -10.09
CA GLN C 65 19.31 -36.28 -10.16
C GLN C 65 20.05 -37.02 -9.06
N GLU C 66 21.28 -36.59 -8.75
CA GLU C 66 22.05 -37.26 -7.70
C GLU C 66 21.38 -37.11 -6.33
N TYR C 67 20.89 -35.90 -6.02
CA TYR C 67 20.18 -35.70 -4.76
C TYR C 67 18.87 -36.48 -4.74
N ALA C 68 18.15 -36.50 -5.87
CA ALA C 68 16.82 -37.10 -5.91
C ALA C 68 16.84 -38.62 -5.86
N GLN C 69 18.03 -39.23 -5.91
CA GLN C 69 18.12 -40.68 -5.75
C GLN C 69 19.12 -41.05 -4.64
N GLY C 70 19.50 -40.08 -3.80
CA GLY C 70 20.18 -40.39 -2.55
C GLY C 70 21.68 -40.58 -2.61
N LYS C 71 22.30 -40.42 -3.78
CA LYS C 71 23.75 -40.58 -3.86
C LYS C 71 24.51 -39.32 -3.50
N ALA C 72 23.84 -38.19 -3.32
CA ALA C 72 24.54 -36.96 -3.00
C ALA C 72 25.19 -37.05 -1.63
N LYS C 73 26.49 -36.76 -1.57
CA LYS C 73 27.29 -36.93 -0.37
C LYS C 73 27.73 -35.57 0.18
N ASP C 74 26.81 -34.61 0.18
CA ASP C 74 27.09 -33.25 0.63
C ASP C 74 27.63 -33.24 2.05
N VAL C 75 28.87 -32.77 2.20
CA VAL C 75 29.51 -32.75 3.53
C VAL C 75 29.00 -31.61 4.40
N PHE C 76 28.23 -30.68 3.84
CA PHE C 76 27.55 -29.70 4.69
C PHE C 76 26.17 -30.16 5.09
N LEU C 77 25.44 -30.80 4.18
CA LEU C 77 24.16 -31.40 4.53
C LEU C 77 24.32 -32.46 5.61
N GLU C 78 25.44 -33.17 5.59
CA GLU C 78 25.74 -34.17 6.62
C GLU C 78 25.85 -33.53 8.00
N ALA C 79 26.33 -32.29 8.06
CA ALA C 79 26.43 -31.55 9.31
C ALA C 79 25.11 -30.91 9.72
N ILE C 80 24.03 -31.23 9.02
CA ILE C 80 22.69 -30.80 9.40
C ILE C 80 21.86 -31.99 9.88
N ARG C 81 21.85 -33.08 9.12
CA ARG C 81 21.12 -34.27 9.54
C ARG C 81 21.76 -34.93 10.76
N LYS C 82 22.98 -34.54 11.11
CA LYS C 82 23.70 -35.15 12.21
C LYS C 82 23.11 -34.74 13.55
N ASP C 83 23.23 -35.63 14.53
CA ASP C 83 22.85 -35.32 15.90
C ASP C 83 23.75 -34.20 16.43
N PRO C 84 23.19 -33.21 17.13
CA PRO C 84 24.00 -32.06 17.57
C PRO C 84 25.12 -32.41 18.54
N ASP C 85 25.07 -33.57 19.22
CA ASP C 85 26.19 -33.99 20.03
C ASP C 85 27.26 -34.71 19.22
N ASP C 86 26.89 -35.30 18.09
CA ASP C 86 27.83 -36.09 17.30
C ASP C 86 28.79 -35.21 16.51
N LEU C 87 28.44 -33.94 16.25
CA LEU C 87 29.18 -33.12 15.31
C LEU C 87 30.62 -32.89 15.77
N GLU C 88 31.43 -32.39 14.85
CA GLU C 88 32.83 -32.05 15.11
C GLU C 88 32.99 -30.55 15.25
N LYS C 89 34.12 -30.15 15.84
CA LYS C 89 34.40 -28.72 16.00
C LYS C 89 34.49 -28.03 14.65
N GLU C 90 35.10 -28.68 13.67
CA GLU C 90 35.19 -28.10 12.33
C GLU C 90 33.81 -27.96 11.67
N GLU C 91 32.94 -28.95 11.89
CA GLU C 91 31.57 -28.83 11.38
C GLU C 91 30.80 -27.75 12.14
N VAL C 92 31.08 -27.58 13.43
CA VAL C 92 30.46 -26.49 14.18
C VAL C 92 30.86 -25.15 13.58
N GLU C 93 32.15 -24.99 13.26
CA GLU C 93 32.60 -23.76 12.60
C GLU C 93 31.97 -23.60 11.23
N LYS C 94 31.76 -24.72 10.53
CA LYS C 94 31.10 -24.67 9.22
C LYS C 94 29.68 -24.13 9.35
N LEU C 95 28.97 -24.53 10.41
CA LEU C 95 27.58 -24.13 10.55
C LEU C 95 27.45 -22.65 10.92
N ILE C 96 28.33 -22.14 11.79
CA ILE C 96 28.23 -20.73 12.17
C ILE C 96 28.64 -19.83 11.00
N GLU C 97 29.73 -20.18 10.31
CA GLU C 97 30.20 -19.34 9.22
C GLU C 97 29.21 -19.32 8.05
N PHE C 98 28.50 -20.43 7.81
CA PHE C 98 27.45 -20.41 6.80
C PHE C 98 26.28 -19.55 7.25
N THR C 99 25.92 -19.62 8.53
CA THR C 99 24.86 -18.76 9.05
C THR C 99 25.32 -17.32 9.22
N LYS C 100 26.63 -17.09 9.35
CA LYS C 100 27.14 -15.73 9.42
C LYS C 100 27.13 -15.05 8.06
N LEU C 101 27.49 -15.79 7.01
CA LEU C 101 27.52 -15.22 5.66
C LEU C 101 26.12 -14.97 5.11
N ASN C 102 25.12 -15.70 5.60
CA ASN C 102 23.74 -15.51 5.18
C ASN C 102 22.93 -14.71 6.19
N TYR C 103 23.59 -14.07 7.16
CA TYR C 103 22.89 -13.50 8.30
C TYR C 103 21.88 -12.42 7.88
N GLU C 104 22.32 -11.46 7.07
CA GLU C 104 21.54 -10.26 6.84
C GLU C 104 20.44 -10.42 5.79
N LYS C 105 20.39 -11.54 5.09
CA LYS C 105 19.41 -11.70 4.02
C LYS C 105 18.00 -11.85 4.60
N PRO C 106 16.98 -11.28 3.94
CA PRO C 106 15.61 -11.34 4.49
C PRO C 106 15.10 -12.75 4.74
N ILE C 107 15.46 -13.71 3.90
CA ILE C 107 15.00 -15.08 4.11
C ILE C 107 15.65 -15.74 5.31
N TYR C 108 16.69 -15.12 5.87
CA TYR C 108 17.36 -15.60 7.08
C TYR C 108 17.01 -14.73 8.30
N ARG C 109 15.80 -14.21 8.34
CA ARG C 109 15.39 -13.25 9.36
C ARG C 109 14.48 -13.96 10.37
N PHE C 110 15.10 -14.57 11.37
CA PHE C 110 14.39 -15.30 12.41
C PHE C 110 14.83 -14.79 13.76
N GLU C 111 13.96 -14.93 14.76
CA GLU C 111 14.24 -14.42 16.09
C GLU C 111 15.44 -15.14 16.73
N ARG C 112 15.47 -16.47 16.61
CA ARG C 112 16.50 -17.24 17.29
C ARG C 112 17.87 -17.14 16.62
N ILE C 113 17.90 -16.88 15.31
CA ILE C 113 19.17 -16.73 14.62
C ILE C 113 19.90 -15.49 15.12
N ARG C 114 19.16 -14.42 15.42
CA ARG C 114 19.78 -13.18 15.86
C ARG C 114 20.50 -13.34 17.19
N GLU C 115 20.01 -14.22 18.07
CA GLU C 115 20.57 -14.37 19.41
C GLU C 115 21.57 -15.51 19.52
N LEU C 116 21.37 -16.61 18.78
CA LEU C 116 22.32 -17.72 18.84
C LEU C 116 23.71 -17.30 18.37
N MET C 117 23.78 -16.31 17.48
CA MET C 117 25.06 -15.84 16.95
C MET C 117 25.83 -14.96 17.93
N ASN C 118 25.23 -14.59 19.06
CA ASN C 118 25.91 -13.76 20.04
C ASN C 118 26.52 -14.58 21.18
N LYS C 119 25.95 -15.73 21.51
CA LYS C 119 26.57 -16.61 22.49
C LYS C 119 27.80 -17.27 21.87
N GLU C 120 28.87 -17.36 22.66
CA GLU C 120 30.12 -17.91 22.14
C GLU C 120 30.12 -19.43 22.08
N LYS C 121 29.37 -20.10 22.96
CA LYS C 121 29.30 -21.55 23.01
C LYS C 121 27.84 -21.97 22.85
N LEU C 122 27.64 -23.10 22.16
CA LEU C 122 26.31 -23.64 21.90
C LEU C 122 26.20 -25.05 22.48
N ASN C 123 25.13 -25.30 23.23
CA ASN C 123 24.84 -26.63 23.74
C ASN C 123 23.94 -27.37 22.76
N ARG C 124 23.45 -28.55 23.16
CA ARG C 124 22.64 -29.36 22.25
C ARG C 124 21.33 -28.68 21.88
N GLU C 125 20.65 -28.10 22.87
CA GLU C 125 19.36 -27.46 22.58
C GLU C 125 19.52 -26.20 21.75
N GLU C 126 20.68 -25.53 21.85
CA GLU C 126 20.94 -24.38 21.00
C GLU C 126 21.30 -24.80 19.58
N LEU C 127 22.11 -25.85 19.43
CA LEU C 127 22.56 -26.26 18.10
C LEU C 127 21.42 -26.71 17.22
N LEU C 128 20.37 -27.30 17.82
CA LEU C 128 19.26 -27.81 17.01
C LEU C 128 18.55 -26.70 16.27
N ASP C 129 18.42 -25.53 16.91
CA ASP C 129 17.85 -24.38 16.22
C ASP C 129 18.80 -23.85 15.15
N LEU C 130 20.11 -23.83 15.44
CA LEU C 130 21.08 -23.43 14.44
C LEU C 130 21.05 -24.36 13.23
N GLN C 131 20.86 -25.67 13.48
CA GLN C 131 20.76 -26.62 12.39
C GLN C 131 19.44 -26.46 11.63
N THR C 132 18.34 -26.29 12.36
CA THR C 132 17.02 -26.29 11.71
C THR C 132 16.69 -24.95 11.08
N LEU C 133 17.00 -23.84 11.77
CA LEU C 133 16.65 -22.53 11.23
C LEU C 133 17.37 -22.25 9.92
N ASN C 134 18.58 -22.81 9.75
CA ASN C 134 19.23 -22.77 8.45
C ASN C 134 18.41 -23.54 7.42
N LEU C 135 17.87 -24.69 7.81
CA LEU C 135 17.05 -25.49 6.89
C LEU C 135 15.79 -24.74 6.48
N LEU C 136 15.07 -24.18 7.46
CA LEU C 136 13.82 -23.49 7.17
C LEU C 136 14.03 -22.18 6.41
N ALA C 137 15.25 -21.64 6.43
CA ALA C 137 15.49 -20.35 5.80
C ALA C 137 15.26 -20.41 4.30
N TRP C 138 15.62 -21.54 3.66
CA TRP C 138 15.51 -21.69 2.23
C TRP C 138 14.23 -22.42 1.81
N CYS C 139 13.15 -22.21 2.56
CA CYS C 139 11.89 -22.89 2.28
C CYS C 139 11.16 -22.18 1.14
N GLY C 140 10.73 -22.95 0.14
CA GLY C 140 10.12 -22.40 -1.04
C GLY C 140 8.65 -22.07 -0.86
N ARG C 141 8.03 -21.65 -1.96
CA ARG C 141 6.64 -21.19 -1.92
C ARG C 141 5.70 -22.31 -1.50
N THR C 142 5.90 -23.52 -2.02
CA THR C 142 4.96 -24.61 -1.76
C THR C 142 5.11 -25.15 -0.34
N LEU C 143 6.35 -25.34 0.13
CA LEU C 143 6.56 -25.88 1.47
C LEU C 143 6.34 -24.86 2.57
N ARG C 144 6.37 -23.56 2.24
CA ARG C 144 5.95 -22.56 3.22
C ARG C 144 4.48 -22.72 3.58
N LYS C 145 3.64 -23.01 2.57
CA LYS C 145 2.23 -23.28 2.82
C LYS C 145 2.02 -24.61 3.52
N ASP C 146 3.03 -25.48 3.54
CA ASP C 146 2.94 -26.82 4.12
C ASP C 146 3.49 -26.87 5.54
N LEU C 147 4.66 -26.30 5.78
CA LEU C 147 5.30 -26.30 7.10
C LEU C 147 5.07 -24.99 7.83
N LYS C 148 3.87 -24.41 7.69
CA LYS C 148 3.62 -23.08 8.24
C LYS C 148 3.75 -23.07 9.76
N ASP C 149 3.16 -24.05 10.43
CA ASP C 149 3.22 -24.08 11.90
C ASP C 149 4.64 -24.25 12.39
N LEU C 150 5.47 -25.01 11.66
CA LEU C 150 6.87 -25.14 12.02
C LEU C 150 7.61 -23.82 11.82
N LEU C 151 7.29 -23.10 10.75
CA LEU C 151 7.91 -21.79 10.52
C LEU C 151 7.50 -20.78 11.58
N ASN C 152 6.21 -20.75 11.92
CA ASN C 152 5.73 -19.82 12.95
C ASN C 152 6.31 -20.14 14.33
N LYS C 153 6.74 -21.38 14.55
CA LYS C 153 7.28 -21.79 15.84
C LYS C 153 8.45 -20.89 16.25
N GLY C 154 9.53 -20.93 15.47
CA GLY C 154 10.66 -20.05 15.70
C GLY C 154 11.55 -20.49 16.84
N ARG C 155 10.96 -21.14 17.84
CA ARG C 155 11.65 -21.55 19.04
C ARG C 155 12.01 -23.04 18.95
N ASN C 156 12.50 -23.58 20.07
CA ASN C 156 13.20 -24.87 20.13
C ASN C 156 12.55 -25.94 19.26
N TYR C 157 13.35 -26.48 18.34
CA TYR C 157 12.93 -27.59 17.49
C TYR C 157 13.59 -28.87 17.99
N THR C 158 12.88 -29.98 17.83
CA THR C 158 13.41 -31.29 18.19
C THR C 158 14.09 -31.93 16.98
N GLN C 159 14.90 -32.95 17.26
CA GLN C 159 15.59 -33.65 16.18
C GLN C 159 14.62 -34.32 15.23
N GLU C 160 13.43 -34.70 15.73
CA GLU C 160 12.43 -35.33 14.87
C GLU C 160 11.81 -34.31 13.92
N GLU C 161 11.54 -33.09 14.41
CA GLU C 161 10.95 -32.06 13.56
C GLU C 161 11.91 -31.62 12.47
N LYS C 162 13.18 -31.41 12.82
CA LYS C 162 14.17 -31.00 11.82
C LYS C 162 14.33 -32.07 10.75
N GLU C 163 14.35 -33.33 11.16
CA GLU C 163 14.45 -34.43 10.20
C GLU C 163 13.19 -34.54 9.36
N TYR C 164 12.04 -34.12 9.90
CA TYR C 164 10.80 -34.10 9.13
C TYR C 164 10.92 -33.14 7.95
N VAL C 165 11.54 -31.98 8.17
CA VAL C 165 11.77 -31.03 7.09
C VAL C 165 12.68 -31.64 6.02
N LEU C 166 13.70 -32.39 6.45
CA LEU C 166 14.65 -32.97 5.52
C LEU C 166 13.97 -33.94 4.56
N ASN C 167 13.05 -34.75 5.07
CA ASN C 167 12.34 -35.69 4.22
C ASN C 167 11.46 -34.95 3.21
N LYS C 168 10.72 -33.94 3.67
CA LYS C 168 9.85 -33.17 2.77
C LYS C 168 10.67 -32.45 1.72
N TYR C 169 11.84 -31.92 2.09
CA TYR C 169 12.69 -31.21 1.15
C TYR C 169 13.10 -32.12 -0.01
N PHE C 170 13.46 -33.38 0.29
CA PHE C 170 13.91 -34.28 -0.75
C PHE C 170 12.77 -34.81 -1.60
N GLU C 171 11.53 -34.78 -1.10
CA GLU C 171 10.39 -35.06 -1.96
C GLU C 171 10.22 -33.98 -3.03
N ILE C 172 10.56 -32.74 -2.69
CA ILE C 172 10.49 -31.65 -3.66
C ILE C 172 11.55 -31.84 -4.74
N ILE C 173 12.75 -32.30 -4.36
CA ILE C 173 13.81 -32.53 -5.33
C ILE C 173 13.44 -33.69 -6.25
N LYS C 174 12.82 -34.74 -5.71
CA LYS C 174 12.38 -35.85 -6.53
C LYS C 174 11.32 -35.44 -7.54
N LYS C 175 10.59 -34.36 -7.28
CA LYS C 175 9.51 -33.90 -8.14
C LYS C 175 9.90 -32.70 -9.01
N THR C 176 11.20 -32.38 -9.10
CA THR C 176 11.62 -31.16 -9.78
C THR C 176 11.76 -31.34 -11.29
N LEU C 177 12.41 -32.41 -11.75
CA LEU C 177 12.45 -32.63 -13.19
C LEU C 177 11.06 -32.90 -13.74
N SER C 178 10.24 -33.67 -13.03
CA SER C 178 8.94 -34.06 -13.52
C SER C 178 8.03 -32.85 -13.76
N ILE C 179 8.21 -31.77 -13.00
CA ILE C 179 7.37 -30.60 -13.23
C ILE C 179 7.85 -29.82 -14.45
N TYR C 180 9.16 -29.85 -14.75
CA TYR C 180 9.63 -29.24 -15.97
C TYR C 180 9.10 -29.98 -17.20
N ARG C 181 9.05 -31.32 -17.14
CA ARG C 181 8.38 -32.06 -18.19
C ARG C 181 6.89 -31.72 -18.25
N GLU C 182 6.25 -31.58 -17.09
CA GLU C 182 4.82 -31.32 -17.07
C GLU C 182 4.48 -29.98 -17.70
N ILE C 183 5.25 -28.93 -17.39
CA ILE C 183 4.92 -27.61 -17.91
C ILE C 183 5.10 -27.57 -19.43
N LYS C 184 6.12 -28.27 -19.95
CA LYS C 184 6.29 -28.31 -21.40
C LYS C 184 5.26 -29.21 -22.07
N GLU C 185 4.95 -30.35 -21.45
CA GLU C 185 3.92 -31.23 -22.00
C GLU C 185 2.55 -30.55 -22.00
N GLU C 186 2.23 -29.86 -20.90
CA GLU C 186 0.95 -29.17 -20.76
C GLU C 186 0.92 -27.83 -21.49
N GLY C 187 2.04 -27.43 -22.11
CA GLY C 187 2.05 -26.23 -22.92
C GLY C 187 2.15 -24.92 -22.18
N LYS C 188 2.50 -24.95 -20.89
CA LYS C 188 2.59 -23.72 -20.12
C LYS C 188 3.92 -23.01 -20.26
N GLY C 189 4.93 -23.65 -20.84
CA GLY C 189 6.21 -23.00 -21.03
C GLY C 189 7.18 -23.90 -21.77
N SER C 190 8.29 -23.30 -22.21
CA SER C 190 9.33 -23.98 -22.94
C SER C 190 10.58 -24.09 -22.08
N VAL C 191 11.21 -25.26 -22.10
CA VAL C 191 12.45 -25.51 -21.38
C VAL C 191 13.57 -25.65 -22.39
N SER C 192 14.57 -24.78 -22.29
CA SER C 192 15.77 -24.83 -23.12
C SER C 192 16.94 -25.35 -22.29
N THR C 193 18.02 -25.69 -22.98
CA THR C 193 19.23 -26.15 -22.34
C THR C 193 20.42 -25.35 -22.88
N SER C 194 21.49 -25.35 -22.11
CA SER C 194 22.75 -24.72 -22.46
C SER C 194 23.80 -25.78 -22.74
N PRO C 195 24.94 -25.39 -23.31
CA PRO C 195 26.09 -26.30 -23.34
C PRO C 195 26.37 -26.88 -21.96
N TYR C 196 26.83 -28.13 -21.95
CA TYR C 196 26.68 -28.99 -20.78
C TYR C 196 27.22 -28.34 -19.50
N TYR C 197 28.47 -27.86 -19.54
CA TYR C 197 29.12 -27.34 -18.34
C TYR C 197 29.24 -25.82 -18.38
N HIS C 198 28.30 -25.16 -19.05
CA HIS C 198 28.19 -23.69 -19.05
C HIS C 198 29.49 -22.98 -19.39
N PRO C 199 30.14 -23.29 -20.50
CA PRO C 199 31.39 -22.62 -20.85
C PRO C 199 31.15 -21.43 -21.78
N LEU C 200 32.23 -20.68 -22.02
CA LEU C 200 32.20 -19.61 -23.01
C LEU C 200 32.60 -20.22 -24.36
N ILE C 201 31.59 -20.66 -25.10
CA ILE C 201 31.76 -21.27 -26.42
C ILE C 201 32.56 -20.35 -27.34
N PRO C 202 32.31 -19.03 -27.38
CA PRO C 202 33.14 -18.17 -28.23
C PRO C 202 34.63 -18.28 -27.97
N ILE C 203 35.04 -18.42 -26.71
CA ILE C 203 36.46 -18.57 -26.41
C ILE C 203 36.97 -19.91 -26.91
N LEU C 204 36.22 -20.99 -26.67
CA LEU C 204 36.65 -22.31 -27.07
C LEU C 204 36.72 -22.45 -28.59
N LEU C 205 35.73 -21.88 -29.29
CA LEU C 205 35.74 -21.97 -30.75
C LEU C 205 36.90 -21.19 -31.34
N ASN C 206 37.07 -19.94 -30.93
CA ASN C 206 38.17 -19.10 -31.39
C ASN C 206 38.50 -18.06 -30.33
N PRO C 207 39.61 -18.23 -29.61
CA PRO C 207 39.95 -17.26 -28.56
C PRO C 207 40.22 -15.86 -29.07
N ASN C 208 40.31 -15.67 -30.39
CA ASN C 208 40.51 -14.35 -30.98
C ASN C 208 39.29 -13.45 -30.82
N CYS C 209 38.17 -13.98 -30.32
CA CYS C 209 36.96 -13.19 -30.21
C CYS C 209 37.03 -12.16 -29.08
N VAL C 210 37.96 -12.32 -28.14
CA VAL C 210 38.14 -11.31 -27.10
C VAL C 210 38.55 -9.97 -27.72
N TYR C 211 39.16 -10.00 -28.90
CA TYR C 211 39.76 -8.82 -29.51
C TYR C 211 38.77 -7.97 -30.29
N GLU C 212 37.54 -8.45 -30.50
CA GLU C 212 36.51 -7.59 -31.08
C GLU C 212 36.26 -6.38 -30.20
N THR C 213 36.20 -6.59 -28.88
CA THR C 213 35.82 -5.56 -27.93
C THR C 213 37.00 -4.92 -27.23
N THR C 214 38.06 -5.68 -26.92
CA THR C 214 39.23 -5.17 -26.20
C THR C 214 40.50 -5.59 -26.93
N PRO C 215 40.87 -4.87 -27.99
CA PRO C 215 41.96 -5.33 -28.86
C PRO C 215 43.35 -5.33 -28.24
N ASN C 216 43.51 -4.91 -26.98
CA ASN C 216 44.84 -4.85 -26.37
C ASN C 216 44.99 -5.73 -25.15
N VAL C 217 44.02 -6.59 -24.84
CA VAL C 217 44.14 -7.46 -23.68
C VAL C 217 45.21 -8.52 -23.94
N LYS C 218 45.88 -8.94 -22.87
CA LYS C 218 46.85 -10.02 -22.93
C LYS C 218 46.18 -11.30 -22.45
N ILE C 219 46.18 -12.32 -23.30
CA ILE C 219 45.56 -13.60 -22.98
C ILE C 219 46.57 -14.70 -23.26
N PRO C 220 46.43 -15.85 -22.60
CA PRO C 220 47.43 -16.91 -22.74
C PRO C 220 47.57 -17.41 -24.17
N ASP C 221 48.61 -18.21 -24.38
CA ASP C 221 48.94 -18.78 -25.68
C ASP C 221 48.13 -20.06 -25.85
N PHE C 222 46.98 -19.94 -26.51
CA PHE C 222 46.13 -21.10 -26.75
C PHE C 222 46.72 -21.97 -27.85
N ALA C 223 47.80 -22.69 -27.52
CA ALA C 223 48.47 -23.56 -28.48
C ALA C 223 47.79 -24.91 -28.63
N VAL C 224 46.58 -25.06 -28.12
CA VAL C 224 45.78 -26.27 -28.24
C VAL C 224 44.37 -25.86 -28.65
N SER C 225 43.65 -26.78 -29.29
CA SER C 225 42.36 -26.46 -29.91
C SER C 225 41.22 -26.93 -29.02
N PHE C 226 40.33 -26.01 -28.66
CA PHE C 226 39.09 -26.31 -27.97
C PHE C 226 37.89 -26.37 -28.91
N ARG C 227 38.12 -26.33 -30.23
CA ARG C 227 37.01 -26.27 -31.17
C ARG C 227 36.14 -27.52 -31.08
N GLU C 228 36.76 -28.69 -30.94
CA GLU C 228 35.98 -29.92 -30.82
C GLU C 228 35.29 -30.04 -29.47
N ASP C 229 35.84 -29.39 -28.44
CA ASP C 229 35.21 -29.43 -27.13
C ASP C 229 33.98 -28.54 -27.06
N ALA C 230 34.00 -27.39 -27.73
CA ALA C 230 32.78 -26.61 -27.85
C ALA C 230 31.69 -27.40 -28.54
N SER C 231 32.07 -28.32 -29.43
CA SER C 231 31.08 -29.20 -30.06
C SER C 231 30.57 -30.24 -29.07
N LYS C 232 31.46 -30.77 -28.22
CA LYS C 232 31.04 -31.77 -27.23
C LYS C 232 30.05 -31.17 -26.23
N HIS C 233 30.29 -29.92 -25.81
CA HIS C 233 29.40 -29.28 -24.85
C HIS C 233 27.98 -29.17 -25.41
N VAL C 234 27.86 -28.71 -26.66
CA VAL C 234 26.54 -28.54 -27.26
C VAL C 234 25.88 -29.90 -27.51
N GLU C 235 26.66 -30.87 -28.01
CA GLU C 235 26.09 -32.16 -28.38
C GLU C 235 25.64 -32.94 -27.15
N LEU C 236 26.50 -33.04 -26.14
CA LEU C 236 26.17 -33.79 -24.94
C LEU C 236 24.98 -33.19 -24.20
N ALA C 237 24.76 -31.88 -24.36
CA ALA C 237 23.59 -31.24 -23.77
C ALA C 237 22.30 -31.72 -24.44
N LYS C 238 22.34 -31.92 -25.76
CA LYS C 238 21.16 -32.45 -26.45
C LYS C 238 20.86 -33.88 -26.03
N GLU C 239 21.89 -34.67 -25.72
CA GLU C 239 21.66 -36.02 -25.20
C GLU C 239 20.97 -35.97 -23.84
N LYS C 240 21.49 -35.14 -22.93
CA LYS C 240 20.89 -35.03 -21.60
C LYS C 240 19.47 -34.44 -21.70
N TYR C 241 19.23 -33.57 -22.68
CA TYR C 241 17.88 -33.09 -22.91
C TYR C 241 16.95 -34.22 -23.36
N PHE C 242 17.44 -35.08 -24.27
CA PHE C 242 16.63 -36.21 -24.71
C PHE C 242 16.35 -37.18 -23.58
N GLU C 243 17.23 -37.24 -22.58
CA GLU C 243 17.01 -38.13 -21.45
C GLU C 243 15.93 -37.64 -20.50
N ILE C 244 15.67 -36.33 -20.46
CA ILE C 244 14.76 -35.77 -19.47
C ILE C 244 13.41 -35.48 -20.11
N PHE C 245 13.41 -35.07 -21.38
CA PHE C 245 12.18 -34.72 -22.07
C PHE C 245 11.91 -35.56 -23.31
N GLY C 246 12.86 -36.37 -23.76
CA GLY C 246 12.61 -37.31 -24.84
C GLY C 246 12.33 -36.68 -26.19
N GLU C 247 12.76 -35.44 -26.41
CA GLU C 247 12.44 -34.74 -27.66
C GLU C 247 13.69 -34.40 -28.48
N HIS C 248 14.64 -33.64 -27.90
CA HIS C 248 15.80 -32.94 -28.47
C HIS C 248 15.50 -31.45 -28.52
N PRO C 249 16.40 -30.60 -28.03
CA PRO C 249 16.09 -29.17 -27.94
C PRO C 249 16.30 -28.44 -29.25
N VAL C 250 15.55 -27.35 -29.40
CA VAL C 250 15.72 -26.43 -30.51
C VAL C 250 15.89 -24.99 -30.05
N TYR C 251 15.76 -24.73 -28.75
CA TYR C 251 16.06 -23.42 -28.16
C TYR C 251 17.18 -23.61 -27.16
N MET C 252 18.13 -22.67 -27.17
CA MET C 252 19.27 -22.72 -26.27
C MET C 252 19.51 -21.33 -25.69
N TRP C 253 20.08 -21.30 -24.48
CA TRP C 253 20.54 -20.05 -23.90
C TRP C 253 22.06 -20.11 -23.85
N PRO C 254 22.77 -19.37 -24.69
CA PRO C 254 24.23 -19.38 -24.64
C PRO C 254 24.72 -18.86 -23.29
N PRO C 255 25.66 -19.54 -22.67
CA PRO C 255 26.12 -19.14 -21.36
C PRO C 255 26.63 -17.75 -21.27
N GLU C 256 26.15 -17.02 -20.29
CA GLU C 256 26.51 -15.66 -20.07
C GLU C 256 26.14 -14.84 -21.24
N ALA C 257 25.19 -15.31 -21.99
CA ALA C 257 24.70 -14.69 -23.21
C ALA C 257 25.78 -14.57 -24.27
N SER C 258 26.83 -15.32 -24.11
CA SER C 258 28.00 -15.25 -24.99
C SER C 258 27.60 -15.57 -26.42
N VAL C 259 27.99 -14.69 -27.35
CA VAL C 259 27.61 -14.81 -28.75
C VAL C 259 28.80 -14.37 -29.60
N SER C 260 28.87 -14.95 -30.80
CA SER C 260 29.90 -14.63 -31.77
C SER C 260 29.47 -15.22 -33.10
N ASN C 261 30.14 -14.80 -34.17
CA ASN C 261 29.78 -15.27 -35.50
C ASN C 261 29.94 -16.77 -35.62
N GLU C 262 31.02 -17.32 -35.07
CA GLU C 262 31.24 -18.77 -35.16
C GLU C 262 30.36 -19.53 -34.17
N ALA C 263 30.05 -18.95 -33.01
CA ALA C 263 29.14 -19.61 -32.08
C ALA C 263 27.75 -19.77 -32.68
N LEU C 264 27.23 -18.70 -33.27
CA LEU C 264 25.92 -18.77 -33.92
C LEU C 264 25.91 -19.79 -35.05
N GLU C 265 27.06 -20.01 -35.69
CA GLU C 265 27.17 -21.09 -36.65
C GLU C 265 27.06 -22.44 -35.96
N LEU C 266 27.84 -22.63 -34.88
CA LEU C 266 27.88 -23.92 -34.19
C LEU C 266 26.51 -24.32 -33.68
N TYR C 267 25.77 -23.37 -33.09
CA TYR C 267 24.42 -23.67 -32.62
C TYR C 267 23.51 -24.05 -33.79
N TYR C 268 23.64 -23.35 -34.91
CA TYR C 268 22.83 -23.69 -36.09
C TYR C 268 23.21 -25.06 -36.64
N GLU C 269 24.50 -25.41 -36.60
CA GLU C 269 24.92 -26.73 -37.09
C GLU C 269 24.31 -27.88 -36.30
N LYS C 270 23.89 -27.63 -35.06
CA LYS C 270 23.41 -28.68 -34.18
C LYS C 270 21.88 -28.72 -34.07
N GLY C 271 21.18 -27.97 -34.92
CA GLY C 271 19.73 -28.01 -34.95
C GLY C 271 19.01 -26.96 -34.13
N ILE C 272 19.73 -25.97 -33.59
CA ILE C 272 19.10 -24.93 -32.79
C ILE C 272 18.47 -23.91 -33.73
N ASN C 273 17.19 -23.60 -33.50
CA ASN C 273 16.46 -22.65 -34.32
C ASN C 273 16.41 -21.25 -33.73
N MET C 274 16.62 -21.10 -32.43
CA MET C 274 16.49 -19.79 -31.79
C MET C 274 17.36 -19.76 -30.54
N LEU C 275 17.81 -18.55 -30.20
CA LEU C 275 18.59 -18.32 -28.99
C LEU C 275 18.57 -16.83 -28.68
N ALA C 276 19.06 -16.47 -27.49
CA ALA C 276 18.95 -15.11 -26.99
C ALA C 276 20.28 -14.61 -26.46
N THR C 277 20.43 -13.28 -26.45
CA THR C 277 21.64 -12.63 -25.97
C THR C 277 21.28 -11.21 -25.52
N ASP C 278 22.30 -10.46 -25.11
CA ASP C 278 22.08 -9.22 -24.38
C ASP C 278 21.91 -8.01 -25.31
N GLU C 279 21.29 -6.96 -24.74
CA GLU C 279 21.08 -5.71 -25.45
C GLU C 279 22.40 -5.01 -25.78
N VAL C 280 23.39 -5.10 -24.89
CA VAL C 280 24.65 -4.40 -25.13
C VAL C 280 25.45 -5.04 -26.25
N ILE C 281 25.23 -6.32 -26.54
CA ILE C 281 25.85 -6.92 -27.72
C ILE C 281 25.18 -6.39 -28.98
N LEU C 282 23.85 -6.25 -28.97
CA LEU C 282 23.14 -5.65 -30.08
C LEU C 282 23.62 -4.24 -30.37
N LYS C 283 24.03 -3.50 -29.33
CA LYS C 283 24.50 -2.14 -29.53
C LYS C 283 25.79 -2.11 -30.35
N ASN C 284 26.68 -3.07 -30.14
CA ASN C 284 27.95 -3.13 -30.86
C ASN C 284 27.83 -3.81 -32.22
N SER C 285 26.64 -4.22 -32.64
CA SER C 285 26.47 -5.01 -33.85
C SER C 285 25.58 -4.38 -34.91
N VAL C 286 24.60 -3.56 -34.52
CA VAL C 286 23.75 -2.87 -35.48
C VAL C 286 23.69 -1.40 -35.09
N GLU C 287 23.36 -0.56 -36.07
CA GLU C 287 23.31 0.88 -35.83
C GLU C 287 22.00 1.29 -35.19
N ARG C 288 20.87 0.79 -35.69
CA ARG C 288 19.55 1.13 -35.16
C ARG C 288 19.13 0.03 -34.18
N ALA C 289 19.70 0.10 -32.98
CA ALA C 289 19.60 -0.98 -32.00
C ALA C 289 18.20 -0.97 -31.37
N SER C 290 17.26 -1.62 -32.06
CA SER C 290 15.95 -1.90 -31.49
C SER C 290 15.92 -3.35 -31.03
N PRO C 291 15.74 -3.63 -29.75
CA PRO C 291 15.75 -5.00 -29.25
C PRO C 291 14.39 -5.70 -29.19
N TYR C 292 13.34 -5.14 -29.81
CA TYR C 292 11.99 -5.66 -29.66
C TYR C 292 11.50 -6.41 -30.90
N LEU C 293 12.42 -6.88 -31.75
CA LEU C 293 12.05 -7.63 -32.94
C LEU C 293 12.90 -8.87 -33.06
N ARG C 294 12.34 -9.89 -33.71
CA ARG C 294 13.07 -11.13 -33.93
C ARG C 294 14.12 -10.94 -35.02
N TYR C 295 15.37 -11.27 -34.70
CA TYR C 295 16.46 -11.07 -35.63
C TYR C 295 16.84 -12.38 -36.30
N TYR C 296 16.84 -12.39 -37.62
CA TYR C 296 17.32 -13.53 -38.40
C TYR C 296 18.82 -13.34 -38.64
N PHE C 297 19.62 -14.27 -38.11
CA PHE C 297 21.06 -14.23 -38.33
C PHE C 297 21.38 -14.99 -39.60
N ARG C 298 21.73 -14.27 -40.66
CA ARG C 298 22.13 -14.85 -41.94
C ARG C 298 21.08 -15.79 -42.50
N GLU C 299 19.80 -15.53 -42.19
CA GLU C 299 18.70 -16.41 -42.57
C GLU C 299 18.96 -17.86 -42.14
N LEU C 300 19.61 -18.03 -41.00
CA LEU C 300 19.98 -19.34 -40.52
C LEU C 300 19.43 -19.69 -39.15
N ILE C 301 19.50 -18.76 -38.20
CA ILE C 301 19.08 -19.05 -36.82
C ILE C 301 18.51 -17.79 -36.21
N SER C 302 17.34 -17.90 -35.59
CA SER C 302 16.69 -16.73 -35.01
C SER C 302 17.39 -16.34 -33.71
N VAL C 303 17.63 -15.04 -33.56
CA VAL C 303 18.26 -14.49 -32.36
C VAL C 303 17.34 -13.45 -31.77
N PHE C 304 17.07 -13.57 -30.48
CA PHE C 304 16.31 -12.57 -29.73
C PHE C 304 17.26 -11.84 -28.80
N PHE C 305 16.98 -10.56 -28.56
CA PHE C 305 17.84 -9.72 -27.73
C PHE C 305 17.06 -9.26 -26.51
N ARG C 306 17.61 -9.52 -25.33
CA ARG C 306 16.91 -9.27 -24.08
C ARG C 306 17.00 -7.81 -23.67
N ASP C 307 15.93 -7.32 -23.07
CA ASP C 307 15.89 -5.94 -22.56
C ASP C 307 16.66 -5.89 -21.24
N LYS C 308 17.82 -5.23 -21.26
CA LYS C 308 18.69 -5.25 -20.10
C LYS C 308 18.07 -4.49 -18.92
N THR C 309 17.47 -3.33 -19.17
CA THR C 309 16.97 -2.51 -18.08
C THR C 309 15.89 -3.24 -17.29
N LEU C 310 14.96 -3.91 -17.98
CA LEU C 310 13.94 -4.68 -17.27
C LEU C 310 14.53 -5.89 -16.56
N SER C 311 15.45 -6.60 -17.21
CA SER C 311 16.01 -7.80 -16.60
C SER C 311 16.89 -7.48 -15.41
N ASP C 312 17.57 -6.33 -15.41
CA ASP C 312 18.40 -5.96 -14.28
C ASP C 312 17.61 -5.29 -13.16
N LEU C 313 16.40 -4.81 -13.44
CA LEU C 313 15.55 -4.28 -12.37
C LEU C 313 15.11 -5.40 -11.43
N ILE C 314 14.61 -6.50 -11.99
CA ILE C 314 14.22 -7.64 -11.17
C ILE C 314 15.43 -8.23 -10.47
N GLY C 315 16.56 -8.28 -11.16
CA GLY C 315 17.73 -8.94 -10.60
C GLY C 315 18.48 -8.15 -9.54
N PHE C 316 18.43 -6.83 -9.60
CA PHE C 316 19.31 -6.06 -8.73
C PHE C 316 18.66 -4.94 -7.93
N SER C 317 17.59 -4.32 -8.44
CA SER C 317 17.02 -3.15 -7.78
C SER C 317 15.69 -3.42 -7.08
N TYR C 318 14.81 -4.23 -7.67
CA TYR C 318 13.48 -4.43 -7.10
C TYR C 318 13.50 -5.13 -5.74
N HIS C 319 14.67 -5.61 -5.29
CA HIS C 319 14.74 -6.28 -3.99
C HIS C 319 14.50 -5.32 -2.84
N ALA C 320 14.95 -4.06 -2.98
CA ALA C 320 14.73 -3.03 -1.98
C ALA C 320 13.44 -2.25 -2.24
N TRP C 321 12.47 -2.87 -2.88
CA TRP C 321 11.24 -2.22 -3.32
C TRP C 321 10.04 -2.86 -2.64
N ASN C 322 8.99 -2.06 -2.48
CA ASN C 322 7.68 -2.62 -2.17
C ASN C 322 7.16 -3.40 -3.38
N ALA C 323 6.41 -4.48 -3.11
CA ALA C 323 5.93 -5.33 -4.18
C ALA C 323 4.99 -4.57 -5.11
N GLU C 324 3.99 -3.89 -4.55
CA GLU C 324 3.04 -3.15 -5.37
C GLU C 324 3.72 -1.99 -6.11
N ASP C 325 4.76 -1.41 -5.51
CA ASP C 325 5.53 -0.39 -6.21
C ASP C 325 6.35 -0.99 -7.34
N ALA C 326 6.88 -2.20 -7.13
CA ALA C 326 7.73 -2.84 -8.13
C ALA C 326 6.93 -3.27 -9.35
N VAL C 327 5.76 -3.88 -9.12
CA VAL C 327 4.96 -4.34 -10.24
C VAL C 327 4.48 -3.17 -11.09
N ARG C 328 3.98 -2.11 -10.45
CA ARG C 328 3.50 -0.97 -11.22
C ARG C 328 4.62 -0.21 -11.92
N ASP C 329 5.86 -0.32 -11.43
CA ASP C 329 6.98 0.21 -12.19
C ASP C 329 7.32 -0.68 -13.38
N PHE C 330 7.28 -2.00 -13.18
CA PHE C 330 7.53 -2.94 -14.26
C PHE C 330 6.45 -2.84 -15.34
N ILE C 331 5.18 -2.78 -14.93
CA ILE C 331 4.09 -2.66 -15.89
C ILE C 331 4.16 -1.31 -16.61
N GLY C 332 4.51 -0.26 -15.90
CA GLY C 332 4.59 1.06 -16.52
C GLY C 332 5.67 1.14 -17.58
N ARG C 333 6.83 0.52 -17.33
CA ARG C 333 7.89 0.51 -18.33
C ARG C 333 7.45 -0.29 -19.57
N LEU C 334 6.74 -1.40 -19.35
CA LEU C 334 6.14 -2.11 -20.47
C LEU C 334 5.15 -1.22 -21.22
N LYS C 335 4.36 -0.45 -20.48
CA LYS C 335 3.40 0.48 -21.09
C LYS C 335 4.13 1.53 -21.93
N LYS C 336 5.24 2.05 -21.42
CA LYS C 336 6.02 3.02 -22.18
C LYS C 336 6.61 2.41 -23.45
N ILE C 337 6.99 1.13 -23.39
CA ILE C 337 7.53 0.46 -24.57
C ILE C 337 6.43 0.23 -25.61
N HIS C 338 5.22 -0.09 -25.15
CA HIS C 338 4.11 -0.34 -26.08
C HIS C 338 3.80 0.88 -26.92
N GLU C 339 3.85 2.06 -26.33
CA GLU C 339 3.49 3.30 -27.02
C GLU C 339 4.68 4.00 -27.67
N SER C 340 5.89 3.45 -27.53
CA SER C 340 7.06 4.03 -28.18
C SER C 340 7.36 3.39 -29.52
N VAL C 341 6.74 2.26 -29.85
CA VAL C 341 6.98 1.55 -31.09
C VAL C 341 5.64 1.38 -31.81
N ASP C 342 5.69 1.40 -33.14
CA ASP C 342 4.51 1.25 -33.97
C ASP C 342 4.45 -0.12 -34.65
N PHE C 343 5.08 -1.11 -34.04
CA PHE C 343 4.92 -2.51 -34.41
C PHE C 343 4.52 -3.29 -33.16
N GLN C 344 4.36 -4.61 -33.30
CA GLN C 344 4.05 -5.41 -32.12
C GLN C 344 5.33 -5.83 -31.44
N PRO C 345 5.70 -5.18 -30.32
CA PRO C 345 7.01 -5.43 -29.72
C PRO C 345 7.08 -6.79 -29.04
N VAL C 346 8.29 -7.34 -29.02
CA VAL C 346 8.59 -8.56 -28.28
C VAL C 346 9.67 -8.23 -27.26
N VAL C 347 9.36 -8.43 -25.98
CA VAL C 347 10.28 -8.11 -24.89
C VAL C 347 10.74 -9.41 -24.27
N PHE C 348 12.04 -9.65 -24.27
CA PHE C 348 12.64 -10.80 -23.62
C PHE C 348 13.18 -10.38 -22.26
N VAL C 349 12.66 -10.99 -21.20
CA VAL C 349 13.13 -10.78 -19.85
C VAL C 349 13.89 -12.04 -19.45
N VAL C 350 15.21 -11.96 -19.63
CA VAL C 350 16.12 -13.06 -19.36
C VAL C 350 17.07 -12.81 -18.20
N LEU C 351 17.12 -13.76 -17.30
CA LEU C 351 17.87 -13.63 -16.10
C LEU C 351 18.05 -14.92 -15.31
N ASP C 352 19.06 -14.97 -14.43
CA ASP C 352 19.33 -16.09 -13.55
C ASP C 352 18.19 -16.11 -12.62
N GLY C 353 17.39 -17.13 -12.68
CA GLY C 353 16.16 -17.12 -11.89
C GLY C 353 16.21 -17.78 -10.54
N GLU C 354 17.38 -17.78 -9.87
CA GLU C 354 17.44 -18.32 -8.52
C GLU C 354 18.25 -17.51 -7.52
N ASN C 355 19.12 -16.59 -7.95
CA ASN C 355 20.07 -15.98 -7.02
C ASN C 355 19.59 -14.65 -6.45
N CYS C 356 18.47 -14.11 -6.93
CA CYS C 356 18.00 -12.82 -6.47
C CYS C 356 16.85 -12.89 -5.47
N TRP C 357 16.18 -14.04 -5.37
CA TRP C 357 15.02 -14.16 -4.49
C TRP C 357 15.40 -14.23 -3.02
N GLU C 358 16.67 -14.45 -2.69
CA GLU C 358 17.11 -14.49 -1.31
C GLU C 358 17.29 -13.09 -0.71
N TYR C 359 17.15 -12.03 -1.52
CA TYR C 359 17.25 -10.66 -1.04
C TYR C 359 15.92 -9.94 -1.02
N TYR C 360 14.90 -10.47 -1.70
CA TYR C 360 13.55 -9.95 -1.58
C TYR C 360 12.94 -10.36 -0.23
N GLU C 361 11.93 -9.60 0.19
CA GLU C 361 11.17 -10.00 1.36
C GLU C 361 10.33 -11.24 1.03
N GLU C 362 10.42 -12.26 1.89
CA GLU C 362 9.65 -13.49 1.75
C GLU C 362 9.93 -14.19 0.42
N ASN C 363 11.21 -14.36 0.10
CA ASN C 363 11.66 -15.13 -1.07
C ASN C 363 11.17 -14.51 -2.38
N GLY C 364 10.73 -13.26 -2.36
CA GLY C 364 10.13 -12.70 -3.56
C GLY C 364 8.78 -13.28 -3.91
N ILE C 365 8.23 -14.14 -3.04
CA ILE C 365 6.90 -14.69 -3.28
C ILE C 365 5.86 -13.60 -3.43
N PRO C 366 5.81 -12.57 -2.56
CA PRO C 366 4.86 -11.48 -2.82
C PRO C 366 5.10 -10.76 -4.15
N PHE C 367 6.35 -10.59 -4.57
CA PHE C 367 6.61 -9.84 -5.79
C PHE C 367 6.16 -10.62 -7.02
N LEU C 368 6.50 -11.90 -7.09
CA LEU C 368 6.17 -12.69 -8.28
C LEU C 368 4.67 -12.94 -8.37
N GLU C 369 4.03 -13.25 -7.25
CA GLU C 369 2.58 -13.43 -7.25
C GLU C 369 1.86 -12.14 -7.62
N LYS C 370 2.36 -11.01 -7.13
CA LYS C 370 1.79 -9.72 -7.52
C LYS C 370 1.99 -9.46 -9.01
N LEU C 371 3.18 -9.75 -9.53
CA LEU C 371 3.46 -9.51 -10.95
C LEU C 371 2.65 -10.46 -11.84
N TYR C 372 2.69 -11.75 -11.53
CA TYR C 372 2.05 -12.74 -12.41
C TYR C 372 0.54 -12.54 -12.47
N SER C 373 -0.08 -12.24 -11.33
CA SER C 373 -1.51 -11.96 -11.34
C SER C 373 -1.83 -10.68 -12.09
N THR C 374 -0.88 -9.73 -12.12
CA THR C 374 -1.09 -8.50 -12.86
C THR C 374 -1.00 -8.74 -14.37
N LEU C 375 0.00 -9.50 -14.80
CA LEU C 375 0.07 -9.91 -16.21
C LEU C 375 -1.17 -10.69 -16.63
N GLU C 376 -1.76 -11.43 -15.69
CA GLU C 376 -2.95 -12.22 -15.98
C GLU C 376 -4.12 -11.33 -16.39
N LYS C 377 -4.29 -10.21 -15.70
CA LYS C 377 -5.42 -9.33 -15.93
C LYS C 377 -5.12 -8.22 -16.93
N GLU C 378 -3.93 -8.21 -17.52
CA GLU C 378 -3.56 -7.21 -18.51
C GLU C 378 -3.84 -7.75 -19.90
N GLU C 379 -4.83 -7.15 -20.58
CA GLU C 379 -5.29 -7.69 -21.86
C GLU C 379 -4.30 -7.41 -22.98
N TRP C 380 -3.60 -6.28 -22.94
CA TRP C 380 -2.68 -5.93 -24.02
C TRP C 380 -1.35 -6.68 -23.92
N ILE C 381 -1.06 -7.32 -22.80
CA ILE C 381 0.15 -8.11 -22.62
C ILE C 381 -0.21 -9.57 -22.83
N GLU C 382 0.48 -10.24 -23.74
CA GLU C 382 0.35 -11.67 -23.96
C GLU C 382 1.72 -12.31 -23.71
N THR C 383 1.85 -13.02 -22.60
CA THR C 383 3.07 -13.77 -22.35
C THR C 383 3.16 -14.94 -23.33
N LEU C 384 4.36 -15.22 -23.79
CA LEU C 384 4.57 -16.26 -24.79
C LEU C 384 5.60 -17.27 -24.29
N THR C 385 5.50 -18.47 -24.85
CA THR C 385 6.57 -19.44 -24.71
C THR C 385 7.61 -19.19 -25.79
N LEU C 386 8.74 -19.90 -25.69
CA LEU C 386 9.77 -19.77 -26.71
C LEU C 386 9.28 -20.30 -28.06
N GLU C 387 8.47 -21.34 -28.05
CA GLU C 387 7.87 -21.81 -29.30
C GLU C 387 6.93 -20.76 -29.89
N GLU C 388 6.01 -20.26 -29.07
CA GLU C 388 5.07 -19.26 -29.55
C GLU C 388 5.79 -18.02 -30.09
N ALA C 389 6.89 -17.63 -29.45
CA ALA C 389 7.69 -16.51 -29.95
C ALA C 389 8.36 -16.83 -31.28
N MET C 390 8.47 -18.11 -31.65
CA MET C 390 9.09 -18.48 -32.91
C MET C 390 8.08 -18.57 -34.05
N ARG C 391 6.83 -18.93 -33.77
CA ARG C 391 5.79 -19.00 -34.78
C ARG C 391 4.98 -17.70 -34.90
N LYS C 392 5.38 -16.66 -34.16
CA LYS C 392 4.70 -15.36 -34.26
C LYS C 392 4.93 -14.78 -35.64
N GLU C 393 3.88 -14.78 -36.46
CA GLU C 393 3.96 -14.19 -37.80
C GLU C 393 3.71 -12.68 -37.80
N ASP C 394 3.20 -12.12 -36.70
CA ASP C 394 2.81 -10.73 -36.62
C ASP C 394 3.85 -9.87 -35.90
N VAL C 395 5.12 -10.22 -36.00
CA VAL C 395 6.19 -9.49 -35.30
C VAL C 395 7.21 -9.01 -36.32
N LYS C 396 7.88 -7.92 -35.98
CA LYS C 396 8.91 -7.36 -36.85
C LYS C 396 10.13 -8.25 -36.87
N THR C 397 10.77 -8.37 -38.04
CA THR C 397 11.96 -9.19 -38.20
C THR C 397 13.00 -8.45 -39.02
N GLU C 398 14.23 -8.44 -38.53
CA GLU C 398 15.36 -7.83 -39.23
C GLU C 398 16.46 -8.86 -39.40
N VAL C 399 17.14 -8.78 -40.54
CA VAL C 399 18.26 -9.68 -40.85
C VAL C 399 19.56 -9.02 -40.41
N ILE C 400 20.46 -9.80 -39.83
CA ILE C 400 21.78 -9.34 -39.44
C ILE C 400 22.81 -10.32 -39.99
N GLU C 401 23.94 -9.80 -40.44
CA GLU C 401 24.98 -10.62 -41.04
C GLU C 401 26.13 -10.92 -40.09
N SER C 402 26.27 -10.17 -39.00
CA SER C 402 27.36 -10.40 -38.07
C SER C 402 27.03 -9.77 -36.73
N VAL C 403 27.63 -10.35 -35.67
CA VAL C 403 27.56 -9.80 -34.33
C VAL C 403 28.98 -9.66 -33.80
N LYS C 404 29.15 -8.77 -32.83
CA LYS C 404 30.45 -8.57 -32.18
C LYS C 404 30.50 -9.44 -30.92
N ALA C 405 31.61 -10.15 -30.74
CA ALA C 405 31.68 -11.17 -29.71
C ALA C 405 31.79 -10.54 -28.33
N GLY C 406 30.99 -11.05 -27.40
CA GLY C 406 30.99 -10.54 -26.05
C GLY C 406 30.03 -11.34 -25.19
N THR C 407 29.83 -10.85 -23.96
CA THR C 407 28.89 -11.44 -23.02
C THR C 407 27.98 -10.34 -22.48
N TRP C 408 26.94 -10.74 -21.76
CA TRP C 408 26.07 -9.74 -21.15
C TRP C 408 26.75 -9.02 -19.98
N PHE C 409 27.94 -9.48 -19.58
CA PHE C 409 28.76 -8.76 -18.61
C PHE C 409 29.58 -7.72 -19.36
N ASP C 410 29.01 -6.52 -19.49
CA ASP C 410 29.67 -5.34 -20.06
C ASP C 410 30.09 -5.52 -21.52
N GLY C 411 29.61 -6.57 -22.20
CA GLY C 411 29.82 -6.69 -23.62
C GLY C 411 31.15 -7.29 -24.05
N ASN C 412 31.96 -7.79 -23.12
CA ASN C 412 33.27 -8.33 -23.44
C ASN C 412 33.50 -9.58 -22.60
N PHE C 413 34.75 -10.03 -22.55
CA PHE C 413 35.12 -11.24 -21.83
C PHE C 413 36.06 -10.97 -20.66
N LEU C 414 36.11 -9.73 -20.18
CA LEU C 414 37.06 -9.35 -19.14
C LEU C 414 36.70 -9.93 -17.77
N LYS C 415 35.50 -10.46 -17.60
CA LYS C 415 35.15 -11.12 -16.34
C LYS C 415 35.73 -12.52 -16.25
N TRP C 416 36.13 -13.12 -17.38
CA TRP C 416 36.67 -14.48 -17.38
C TRP C 416 38.10 -14.56 -17.88
N ILE C 417 38.63 -13.50 -18.51
CA ILE C 417 39.95 -13.56 -19.12
C ILE C 417 40.47 -12.14 -19.26
N GLY C 418 41.79 -12.01 -19.44
CA GLY C 418 42.42 -10.72 -19.65
C GLY C 418 43.16 -10.15 -18.46
N ASN C 419 42.92 -10.68 -17.26
CA ASN C 419 43.62 -10.24 -16.06
C ASN C 419 44.70 -11.24 -15.69
N LYS C 420 45.66 -10.79 -14.88
CA LYS C 420 46.77 -11.67 -14.50
C LYS C 420 46.24 -12.93 -13.82
N GLU C 421 45.41 -12.76 -12.79
CA GLU C 421 44.91 -13.92 -12.05
C GLU C 421 43.92 -14.72 -12.89
N LYS C 422 43.12 -14.04 -13.72
CA LYS C 422 42.17 -14.76 -14.56
C LYS C 422 42.89 -15.51 -15.69
N ASN C 423 44.06 -15.02 -16.12
CA ASN C 423 44.80 -15.69 -17.18
C ASN C 423 45.56 -16.91 -16.68
N GLU C 424 45.79 -17.03 -15.37
CA GLU C 424 46.51 -18.20 -14.88
C GLU C 424 45.66 -19.47 -14.98
N TYR C 425 44.36 -19.35 -14.70
CA TYR C 425 43.49 -20.52 -14.79
C TYR C 425 43.39 -21.01 -16.23
N TRP C 426 43.28 -20.09 -17.19
CA TRP C 426 43.30 -20.48 -18.60
C TRP C 426 44.64 -21.15 -18.94
N LYS C 427 45.73 -20.64 -18.39
CA LYS C 427 47.04 -21.28 -18.58
C LYS C 427 47.04 -22.70 -18.01
N ILE C 428 46.46 -22.88 -16.82
CA ILE C 428 46.37 -24.21 -16.22
C ILE C 428 45.54 -25.13 -17.09
N LEU C 429 44.42 -24.62 -17.61
CA LEU C 429 43.55 -25.42 -18.45
C LEU C 429 44.23 -25.83 -19.76
N ILE C 430 45.00 -24.92 -20.35
CA ILE C 430 45.63 -25.20 -21.63
C ILE C 430 46.65 -26.33 -21.51
N GLU C 431 47.47 -26.30 -20.45
CA GLU C 431 48.42 -27.40 -20.24
C GLU C 431 47.70 -28.71 -19.97
N ALA C 432 46.63 -28.67 -19.16
CA ALA C 432 45.86 -29.89 -18.89
C ALA C 432 45.17 -30.39 -20.14
N LYS C 433 44.73 -29.48 -21.01
CA LYS C 433 44.09 -29.87 -22.26
C LYS C 433 45.00 -30.73 -23.11
N LYS C 434 46.27 -30.34 -23.22
CA LYS C 434 47.19 -30.99 -24.17
C LYS C 434 47.29 -32.49 -23.91
N LYS C 435 47.08 -32.93 -22.68
CA LYS C 435 47.10 -34.35 -22.34
C LYS C 435 45.82 -34.77 -21.63
N ALA C 436 44.69 -34.12 -21.96
CA ALA C 436 43.41 -34.45 -21.35
C ALA C 436 42.91 -35.79 -21.89
N LYS C 437 42.69 -36.75 -20.99
CA LYS C 437 42.42 -38.12 -21.37
C LYS C 437 40.99 -38.57 -21.11
N ASN C 438 40.13 -37.70 -20.58
CA ASN C 438 38.73 -38.06 -20.37
C ASN C 438 37.89 -36.79 -20.45
N ASP C 439 36.60 -36.93 -20.16
CA ASP C 439 35.64 -35.84 -20.38
C ASP C 439 35.62 -34.82 -19.24
N TYR C 440 36.37 -35.03 -18.16
CA TYR C 440 36.40 -34.04 -17.09
C TYR C 440 36.98 -32.71 -17.55
N ILE C 441 37.75 -32.70 -18.64
CA ILE C 441 38.25 -31.43 -19.17
C ILE C 441 37.09 -30.53 -19.57
N LEU C 442 35.95 -31.11 -19.95
CA LEU C 442 34.76 -30.31 -20.23
C LEU C 442 34.28 -29.57 -18.97
N VAL C 443 34.31 -30.25 -17.83
CA VAL C 443 33.91 -29.61 -16.58
C VAL C 443 34.87 -28.49 -16.21
N ALA C 444 36.15 -28.65 -16.50
CA ALA C 444 37.14 -27.65 -16.15
C ALA C 444 37.02 -26.38 -16.98
N GLU C 445 36.19 -26.38 -18.03
CA GLU C 445 36.00 -25.22 -18.88
C GLU C 445 34.76 -24.42 -18.52
N GLY C 446 34.08 -24.77 -17.42
CA GLY C 446 32.95 -23.98 -16.99
C GLY C 446 33.35 -22.55 -16.71
N SER C 447 32.50 -21.60 -17.10
CA SER C 447 32.79 -20.20 -16.87
C SER C 447 32.88 -19.88 -15.38
N ASP C 448 32.24 -20.69 -14.54
CA ASP C 448 32.18 -20.41 -13.11
C ASP C 448 33.55 -20.46 -12.44
N TRP C 449 34.52 -21.17 -13.02
CA TRP C 449 35.83 -21.26 -12.40
C TRP C 449 36.69 -20.03 -12.68
N PHE C 450 36.45 -19.35 -13.79
CA PHE C 450 37.19 -18.14 -14.13
C PHE C 450 36.48 -16.87 -13.69
N TRP C 451 35.19 -16.94 -13.37
CA TRP C 451 34.46 -15.77 -12.90
C TRP C 451 34.98 -15.31 -11.55
N TRP C 452 35.16 -16.25 -10.61
CA TRP C 452 35.44 -15.93 -9.22
C TRP C 452 36.92 -15.71 -8.94
N GLN C 453 37.71 -15.33 -9.95
CA GLN C 453 39.15 -15.14 -9.76
C GLN C 453 39.44 -13.66 -9.49
N GLY C 454 38.96 -13.21 -8.34
CA GLY C 454 39.25 -11.87 -7.87
C GLY C 454 38.18 -10.86 -8.20
N GLU C 455 38.60 -9.59 -8.19
CA GLU C 455 37.79 -8.40 -8.48
C GLU C 455 36.82 -8.11 -7.33
N GLU C 456 36.65 -9.08 -6.43
CA GLU C 456 35.87 -8.93 -5.22
C GLU C 456 36.08 -10.18 -4.37
N LYS C 457 36.22 -10.02 -3.05
CA LYS C 457 36.46 -11.18 -2.20
C LYS C 457 35.13 -11.88 -1.94
N ALA C 458 35.07 -13.16 -2.26
CA ALA C 458 33.87 -13.96 -2.34
C ALA C 458 33.90 -15.07 -1.31
N PRO C 459 32.75 -15.65 -0.96
CA PRO C 459 32.75 -16.74 0.03
C PRO C 459 33.27 -18.04 -0.55
N PHE C 460 34.13 -18.69 0.22
CA PHE C 460 34.69 -20.02 -0.14
C PHE C 460 35.40 -19.96 -1.48
N VAL C 461 36.41 -19.07 -1.55
CA VAL C 461 37.25 -19.03 -2.75
C VAL C 461 38.11 -20.29 -2.83
N GLU C 462 38.53 -20.82 -1.67
CA GLU C 462 39.33 -22.04 -1.67
C GLU C 462 38.57 -23.21 -2.27
N VAL C 463 37.26 -23.29 -2.00
CA VAL C 463 36.47 -24.41 -2.51
C VAL C 463 36.44 -24.39 -4.03
N PHE C 464 36.21 -23.20 -4.62
CA PHE C 464 36.19 -23.11 -6.08
C PHE C 464 37.55 -23.47 -6.67
N ASP C 465 38.63 -23.04 -6.01
CA ASP C 465 39.97 -23.37 -6.48
C ASP C 465 40.24 -24.86 -6.32
N LYS C 466 39.92 -25.43 -5.15
CA LYS C 466 40.14 -26.85 -4.92
C LYS C 466 39.39 -27.71 -5.93
N LEU C 467 38.13 -27.35 -6.18
CA LEU C 467 37.33 -28.09 -7.16
C LEU C 467 37.96 -28.02 -8.54
N PHE C 468 38.34 -26.81 -8.98
CA PHE C 468 38.87 -26.64 -10.33
C PHE C 468 40.19 -27.40 -10.50
N ARG C 469 41.06 -27.36 -9.50
CA ARG C 469 42.33 -28.08 -9.59
C ARG C 469 42.12 -29.58 -9.61
N SER C 470 41.13 -30.07 -8.87
CA SER C 470 40.80 -31.49 -8.93
C SER C 470 40.25 -31.88 -10.30
N PHE C 471 39.39 -31.04 -10.87
CA PHE C 471 38.88 -31.31 -12.21
C PHE C 471 40.00 -31.31 -13.24
N VAL C 472 40.94 -30.38 -13.12
CA VAL C 472 42.10 -30.36 -14.00
C VAL C 472 42.93 -31.63 -13.80
N ARG C 473 43.17 -32.00 -12.54
CA ARG C 473 43.94 -33.20 -12.23
C ARG C 473 43.24 -34.46 -12.71
N ARG C 474 41.93 -34.55 -12.50
CA ARG C 474 41.19 -35.76 -12.86
C ARG C 474 41.09 -35.94 -14.37
N ALA C 475 41.01 -34.85 -15.12
CA ALA C 475 40.90 -34.94 -16.58
C ALA C 475 42.15 -35.51 -17.22
N GLN C 476 43.27 -35.52 -16.51
CA GLN C 476 44.52 -36.07 -17.02
C GLN C 476 44.68 -37.55 -16.72
N GLU C 477 43.74 -38.16 -15.99
CA GLU C 477 43.82 -39.57 -15.66
C GLU C 477 43.36 -40.44 -16.83
N LEU C 478 43.91 -41.64 -16.88
CA LEU C 478 43.58 -42.57 -17.96
C LEU C 478 42.19 -43.18 -17.73
N GLU C 479 41.61 -43.69 -18.82
CA GLU C 479 40.22 -44.13 -18.85
C GLU C 479 39.99 -45.48 -18.17
N HIS C 480 41.04 -46.19 -17.77
CA HIS C 480 40.89 -47.52 -17.22
C HIS C 480 41.86 -47.73 -16.07
N HIS C 481 41.44 -48.56 -15.11
CA HIS C 481 42.35 -49.01 -14.07
C HIS C 481 43.49 -49.79 -14.70
N HIS C 482 44.72 -49.33 -14.47
CA HIS C 482 45.87 -49.88 -15.16
C HIS C 482 47.09 -49.92 -14.24
N HIS C 483 47.96 -50.89 -14.50
CA HIS C 483 49.30 -50.94 -13.94
C HIS C 483 50.29 -50.97 -15.09
N HIS C 484 51.58 -50.91 -14.75
CA HIS C 484 52.61 -51.00 -15.78
C HIS C 484 52.78 -52.44 -16.22
N MET D 1 23.36 7.00 24.94
CA MET D 1 23.65 6.86 23.52
C MET D 1 24.39 8.07 22.99
N LYS D 2 25.40 7.82 22.15
CA LYS D 2 26.26 8.88 21.64
C LYS D 2 25.56 9.59 20.48
N LYS D 3 25.40 10.91 20.59
CA LYS D 3 24.70 11.70 19.59
C LYS D 3 25.69 12.59 18.85
N LEU D 4 25.56 12.63 17.53
CA LEU D 4 26.33 13.56 16.69
C LEU D 4 25.51 14.84 16.56
N PHE D 5 25.89 15.86 17.32
CA PHE D 5 25.20 17.14 17.28
C PHE D 5 25.51 17.84 15.97
N LEU D 6 24.48 18.17 15.20
CA LEU D 6 24.61 18.75 13.87
C LEU D 6 24.03 20.15 13.85
N VAL D 7 24.73 21.08 13.20
CA VAL D 7 24.29 22.45 13.08
C VAL D 7 24.39 22.89 11.63
N PHE D 8 23.30 23.42 11.11
CA PHE D 8 23.24 23.97 9.75
C PHE D 8 23.13 25.48 9.81
N TRP D 9 23.90 26.16 8.98
CA TRP D 9 23.92 27.63 8.97
C TRP D 9 24.04 28.09 7.52
N TRP D 10 22.93 28.51 6.92
CA TRP D 10 22.93 29.08 5.58
C TRP D 10 23.06 30.59 5.69
N HIS D 11 23.98 31.16 4.91
CA HIS D 11 24.27 32.59 4.92
C HIS D 11 23.68 33.23 3.68
N MET D 12 22.86 34.27 3.86
CA MET D 12 22.16 34.89 2.75
C MET D 12 22.54 36.37 2.75
N HIS D 13 23.03 36.87 1.61
CA HIS D 13 23.58 38.23 1.57
C HIS D 13 23.63 38.70 0.12
N GLN D 14 23.28 39.98 -0.09
CA GLN D 14 23.49 40.65 -1.37
C GLN D 14 24.09 42.03 -1.10
N PRO D 15 25.08 42.45 -1.87
CA PRO D 15 25.55 43.83 -1.80
C PRO D 15 24.48 44.78 -2.30
N LEU D 16 24.71 46.08 -2.06
CA LEU D 16 23.71 47.10 -2.36
C LEU D 16 23.76 47.43 -3.84
N TYR D 17 22.83 46.86 -4.61
CA TYR D 17 22.71 47.20 -6.02
C TYR D 17 21.95 48.49 -6.26
N ARG D 18 21.33 49.06 -5.22
CA ARG D 18 20.53 50.26 -5.37
C ARG D 18 21.44 51.47 -5.52
N GLU D 19 21.44 52.06 -6.70
CA GLU D 19 22.24 53.26 -6.94
C GLU D 19 21.74 54.41 -6.08
N PRO D 20 22.63 55.23 -5.53
CA PRO D 20 22.18 56.34 -4.68
C PRO D 20 21.59 57.52 -5.45
N TYR D 21 22.24 57.95 -6.53
CA TYR D 21 21.85 59.18 -7.19
C TYR D 21 20.57 59.05 -8.00
N THR D 22 20.23 57.84 -8.44
CA THR D 22 19.01 57.61 -9.20
C THR D 22 18.05 56.62 -8.54
N GLY D 23 18.51 55.84 -7.56
CA GLY D 23 17.66 54.89 -6.89
C GLY D 23 17.43 53.60 -7.64
N GLU D 24 17.96 53.46 -8.84
CA GLU D 24 17.67 52.31 -9.68
C GLU D 24 18.50 51.11 -9.27
N TYR D 25 17.84 49.97 -9.08
CA TYR D 25 18.52 48.71 -8.80
C TYR D 25 19.08 48.19 -10.12
N LEU D 26 20.39 48.35 -10.32
CA LEU D 26 21.00 48.03 -11.61
C LEU D 26 21.18 46.54 -11.82
N LEU D 27 21.13 45.73 -10.76
CA LEU D 27 21.29 44.29 -10.87
C LEU D 27 20.11 43.59 -10.21
N PRO D 28 19.47 42.65 -10.89
CA PRO D 28 18.27 42.00 -10.34
C PRO D 28 18.53 40.78 -9.46
N TRP D 29 19.77 40.52 -9.03
CA TRP D 29 20.01 39.36 -8.18
C TRP D 29 19.36 39.49 -6.81
N THR D 30 19.08 40.72 -6.35
CA THR D 30 18.32 40.87 -5.11
C THR D 30 16.92 40.31 -5.25
N PHE D 31 16.28 40.55 -6.40
CA PHE D 31 14.91 40.08 -6.61
C PHE D 31 14.86 38.57 -6.82
N PHE D 32 15.75 38.04 -7.66
CA PHE D 32 15.56 36.69 -8.17
C PHE D 32 15.86 35.63 -7.12
N HIS D 33 16.80 35.87 -6.22
CA HIS D 33 17.03 34.93 -5.13
C HIS D 33 15.99 35.06 -4.03
N ALA D 34 15.28 36.19 -3.97
CA ALA D 34 14.20 36.34 -2.99
C ALA D 34 13.02 35.46 -3.34
N VAL D 35 12.69 35.41 -4.62
CA VAL D 35 11.52 34.70 -5.10
C VAL D 35 11.88 33.25 -5.36
N LYS D 36 13.10 32.87 -4.97
CA LYS D 36 13.49 31.47 -5.12
C LYS D 36 14.09 30.87 -3.84
N ASP D 37 14.88 31.63 -3.09
CA ASP D 37 15.58 31.05 -1.95
C ASP D 37 15.43 31.84 -0.65
N TYR D 38 15.38 33.17 -0.70
CA TYR D 38 15.35 33.98 0.51
C TYR D 38 14.20 33.60 1.44
N TYR D 39 13.08 33.17 0.87
CA TYR D 39 11.94 32.73 1.66
C TYR D 39 11.89 31.22 1.86
N ASP D 40 12.29 30.44 0.86
CA ASP D 40 11.97 29.02 0.85
C ASP D 40 12.85 28.23 1.80
N MET D 41 14.11 28.61 1.95
CA MET D 41 15.00 27.85 2.82
C MET D 41 14.51 27.77 4.26
N PRO D 42 14.09 28.86 4.91
CA PRO D 42 13.43 28.72 6.21
C PRO D 42 12.03 28.13 6.13
N ALA D 43 11.41 28.10 4.94
CA ALA D 43 10.11 27.45 4.80
C ALA D 43 10.23 25.93 4.86
N TYR D 44 11.40 25.37 4.53
CA TYR D 44 11.66 23.96 4.76
C TYR D 44 11.44 23.59 6.22
N LEU D 45 11.73 24.52 7.13
CA LEU D 45 11.64 24.26 8.57
C LEU D 45 10.24 23.84 9.00
N LYS D 46 9.22 24.19 8.22
CA LYS D 46 7.86 23.80 8.58
C LYS D 46 7.53 22.38 8.14
N ASP D 47 8.01 21.98 6.96
CA ASP D 47 7.68 20.65 6.46
C ASP D 47 8.46 19.56 7.19
N PHE D 48 9.65 19.88 7.68
CA PHE D 48 10.47 18.94 8.45
C PHE D 48 10.86 19.61 9.75
N GLU D 49 10.61 18.93 10.87
CA GLU D 49 10.90 19.51 12.18
C GLU D 49 12.34 19.23 12.62
N ILE D 50 13.30 19.56 11.75
CA ILE D 50 14.72 19.50 12.09
C ILE D 50 15.26 20.91 12.08
N LYS D 51 16.18 21.20 13.00
CA LYS D 51 16.61 22.57 13.24
C LYS D 51 17.48 23.11 12.12
N LEU D 52 17.25 24.38 11.78
CA LEU D 52 18.06 25.11 10.82
C LEU D 52 18.39 26.48 11.38
N ASN D 53 19.56 27.01 11.02
CA ASN D 53 19.98 28.33 11.46
C ASN D 53 20.34 29.18 10.25
N PHE D 54 20.09 30.48 10.35
CA PHE D 54 20.20 31.37 9.21
C PHE D 54 20.91 32.66 9.63
N ASN D 55 21.55 33.28 8.65
CA ASN D 55 22.19 34.58 8.82
C ASN D 55 21.75 35.50 7.68
N LEU D 56 21.25 36.67 8.03
CA LEU D 56 20.79 37.66 7.05
C LEU D 56 21.56 38.96 7.29
N THR D 57 22.29 39.41 6.26
CA THR D 57 23.02 40.66 6.38
C THR D 57 22.04 41.83 6.39
N PRO D 58 22.27 42.84 7.22
CA PRO D 58 21.32 43.97 7.28
C PRO D 58 21.14 44.69 5.97
N VAL D 59 22.17 44.73 5.12
CA VAL D 59 22.03 45.35 3.81
C VAL D 59 21.02 44.58 2.96
N LEU D 60 20.98 43.26 3.11
CA LEU D 60 19.99 42.47 2.40
C LEU D 60 18.57 42.73 2.89
N ILE D 61 18.41 43.00 4.19
CA ILE D 61 17.09 43.26 4.75
C ILE D 61 16.47 44.49 4.08
N ASP D 62 17.24 45.58 3.98
CA ASP D 62 16.70 46.82 3.42
C ASP D 62 16.20 46.63 2.00
N GLN D 63 16.82 45.74 1.23
CA GLN D 63 16.43 45.56 -0.16
C GLN D 63 15.15 44.73 -0.28
N ILE D 64 15.03 43.66 0.50
CA ILE D 64 13.78 42.88 0.49
C ILE D 64 12.62 43.74 0.97
N GLN D 65 12.86 44.56 2.00
CA GLN D 65 11.83 45.47 2.47
C GLN D 65 11.41 46.45 1.37
N GLU D 66 12.39 47.02 0.67
CA GLU D 66 12.08 47.97 -0.39
C GLU D 66 11.33 47.29 -1.53
N TYR D 67 11.69 46.05 -1.85
CA TYR D 67 10.97 45.31 -2.88
C TYR D 67 9.54 45.02 -2.46
N ALA D 68 9.32 44.71 -1.17
CA ALA D 68 7.98 44.38 -0.70
C ALA D 68 7.10 45.62 -0.59
N GLN D 69 7.68 46.78 -0.34
CA GLN D 69 6.93 48.02 -0.17
C GLN D 69 6.49 48.63 -1.49
N GLY D 70 6.92 48.07 -2.62
CA GLY D 70 6.65 48.65 -3.92
C GLY D 70 7.54 49.82 -4.28
N LYS D 71 8.48 50.18 -3.40
CA LYS D 71 9.32 51.35 -3.62
C LYS D 71 10.43 51.10 -4.64
N ALA D 72 10.90 49.87 -4.74
CA ALA D 72 12.11 49.58 -5.52
C ALA D 72 11.88 49.88 -7.00
N LYS D 73 12.95 50.36 -7.64
CA LYS D 73 12.96 50.65 -9.08
C LYS D 73 14.07 49.82 -9.70
N ASP D 74 13.75 48.56 -10.02
CA ASP D 74 14.70 47.64 -10.63
C ASP D 74 14.59 47.80 -12.15
N VAL D 75 15.73 48.09 -12.79
CA VAL D 75 15.71 48.38 -14.22
C VAL D 75 15.39 47.11 -15.02
N PHE D 76 15.92 45.97 -14.60
CA PHE D 76 15.66 44.73 -15.32
C PHE D 76 14.28 44.17 -15.00
N LEU D 77 13.84 44.27 -13.75
CA LEU D 77 12.50 43.83 -13.39
C LEU D 77 11.44 44.59 -14.18
N GLU D 78 11.70 45.86 -14.48
CA GLU D 78 10.82 46.60 -15.38
C GLU D 78 10.92 46.07 -16.81
N ALA D 79 12.13 45.70 -17.24
CA ALA D 79 12.34 45.22 -18.60
C ALA D 79 11.54 43.96 -18.90
N ILE D 80 11.00 43.29 -17.88
CA ILE D 80 10.06 42.21 -18.08
C ILE D 80 8.62 42.70 -18.00
N ARG D 81 8.31 43.48 -16.97
CA ARG D 81 6.93 43.90 -16.72
C ARG D 81 6.34 44.69 -17.88
N LYS D 82 7.18 45.32 -18.70
CA LYS D 82 6.69 46.12 -19.80
C LYS D 82 6.28 45.24 -20.99
N ASP D 83 5.46 45.81 -21.86
CA ASP D 83 5.06 45.20 -23.12
C ASP D 83 6.21 45.28 -24.13
N PRO D 84 6.39 44.25 -24.95
CA PRO D 84 7.50 44.28 -25.93
C PRO D 84 7.41 45.40 -26.94
N ASP D 85 6.23 45.91 -27.25
CA ASP D 85 6.15 47.05 -28.15
C ASP D 85 6.61 48.33 -27.47
N ASP D 86 6.48 48.40 -26.14
CA ASP D 86 6.95 49.56 -25.39
C ASP D 86 8.47 49.56 -25.21
N LEU D 87 9.11 48.39 -25.26
CA LEU D 87 10.56 48.32 -25.11
C LEU D 87 11.26 48.87 -26.35
N GLU D 88 12.50 49.32 -26.16
CA GLU D 88 13.29 49.94 -27.21
C GLU D 88 14.64 49.23 -27.32
N LYS D 89 15.26 49.34 -28.50
CA LYS D 89 16.53 48.68 -28.80
C LYS D 89 17.53 48.75 -27.66
N GLU D 90 17.52 49.85 -26.91
CA GLU D 90 18.47 50.02 -25.81
C GLU D 90 18.19 49.12 -24.62
N GLU D 91 16.96 48.60 -24.50
CA GLU D 91 16.64 47.68 -23.41
C GLU D 91 16.43 46.25 -23.88
N VAL D 92 16.56 45.97 -25.18
CA VAL D 92 16.37 44.61 -25.67
C VAL D 92 17.54 43.72 -25.29
N GLU D 93 18.77 44.19 -25.48
CA GLU D 93 19.93 43.35 -25.23
C GLU D 93 20.09 43.01 -23.75
N LYS D 94 19.46 43.77 -22.86
CA LYS D 94 19.44 43.38 -21.45
C LYS D 94 18.75 42.04 -21.28
N LEU D 95 17.76 41.76 -22.13
CA LEU D 95 17.06 40.49 -22.06
C LEU D 95 17.90 39.35 -22.63
N ILE D 96 18.54 39.56 -23.78
CA ILE D 96 19.29 38.50 -24.42
C ILE D 96 20.54 38.16 -23.61
N GLU D 97 21.20 39.18 -23.04
CA GLU D 97 22.41 38.93 -22.27
C GLU D 97 22.13 38.28 -20.92
N PHE D 98 20.88 38.37 -20.44
CA PHE D 98 20.53 37.69 -19.20
C PHE D 98 20.21 36.22 -19.44
N THR D 99 19.52 35.92 -20.54
CA THR D 99 19.25 34.52 -20.86
C THR D 99 20.50 33.83 -21.40
N LYS D 100 21.34 34.56 -22.14
CA LYS D 100 22.62 34.02 -22.55
C LYS D 100 23.49 33.67 -21.35
N LEU D 101 23.34 34.41 -20.24
CA LEU D 101 24.24 34.24 -19.10
C LEU D 101 23.91 32.97 -18.32
N ASN D 102 22.64 32.81 -17.92
CA ASN D 102 22.22 31.66 -17.14
C ASN D 102 21.85 30.47 -18.00
N TYR D 103 22.42 30.40 -19.20
CA TYR D 103 22.03 29.43 -20.21
C TYR D 103 22.11 28.00 -19.67
N GLU D 104 23.31 27.54 -19.33
CA GLU D 104 23.55 26.13 -19.03
C GLU D 104 23.27 25.85 -17.54
N LYS D 105 22.01 26.02 -17.16
CA LYS D 105 21.60 25.77 -15.79
C LYS D 105 20.34 24.93 -15.75
N PRO D 106 20.21 24.02 -14.79
CA PRO D 106 19.01 23.17 -14.70
C PRO D 106 17.74 23.92 -14.30
N ILE D 107 17.83 25.22 -14.07
CA ILE D 107 16.63 26.05 -13.96
C ILE D 107 16.30 26.69 -15.30
N TYR D 108 17.32 27.06 -16.08
CA TYR D 108 17.13 27.51 -17.46
C TYR D 108 17.24 26.34 -18.43
N ARG D 109 16.49 25.28 -18.15
CA ARG D 109 16.51 24.06 -18.95
C ARG D 109 15.22 23.88 -19.74
N PHE D 110 14.43 24.94 -19.89
CA PHE D 110 13.20 24.83 -20.65
C PHE D 110 13.51 24.70 -22.14
N GLU D 111 12.65 23.98 -22.84
CA GLU D 111 12.84 23.80 -24.28
C GLU D 111 12.70 25.09 -25.07
N ARG D 112 12.05 26.10 -24.51
CA ARG D 112 11.84 27.37 -25.19
C ARG D 112 13.01 28.33 -24.99
N ILE D 113 14.19 27.81 -24.67
CA ILE D 113 15.38 28.61 -24.45
C ILE D 113 16.38 28.47 -25.60
N ARG D 114 16.88 27.26 -25.83
CA ARG D 114 17.98 27.06 -26.78
C ARG D 114 17.56 27.36 -28.21
N GLU D 115 16.32 27.02 -28.57
CA GLU D 115 15.87 27.23 -29.95
C GLU D 115 15.61 28.70 -30.22
N LEU D 116 15.12 29.44 -29.24
CA LEU D 116 14.73 30.83 -29.43
C LEU D 116 15.93 31.75 -29.54
N MET D 117 16.97 31.53 -28.72
CA MET D 117 18.09 32.44 -28.65
C MET D 117 19.02 32.35 -29.85
N ASN D 118 18.88 31.33 -30.69
CA ASN D 118 19.76 31.14 -31.84
C ASN D 118 19.20 31.76 -33.12
N LYS D 119 18.21 32.64 -33.01
CA LYS D 119 17.57 33.19 -34.19
C LYS D 119 18.03 34.62 -34.47
N GLU D 120 17.93 35.01 -35.73
CA GLU D 120 18.42 36.32 -36.16
C GLU D 120 17.55 37.44 -35.59
N LYS D 121 16.23 37.32 -35.71
CA LYS D 121 15.31 38.34 -35.25
C LYS D 121 14.43 37.79 -34.15
N LEU D 122 13.65 38.69 -33.54
CA LEU D 122 12.76 38.32 -32.45
C LEU D 122 11.53 39.21 -32.53
N ASN D 123 10.41 38.65 -33.00
CA ASN D 123 9.19 39.43 -33.16
C ASN D 123 8.51 39.64 -31.80
N ARG D 124 7.41 40.40 -31.81
CA ARG D 124 6.76 40.78 -30.56
C ARG D 124 6.36 39.56 -29.75
N GLU D 125 5.72 38.59 -30.38
CA GLU D 125 5.03 37.54 -29.65
C GLU D 125 5.99 36.62 -28.89
N GLU D 126 7.18 36.36 -29.43
CA GLU D 126 8.16 35.57 -28.70
C GLU D 126 9.02 36.40 -27.76
N LEU D 127 8.94 37.73 -27.82
CA LEU D 127 9.65 38.56 -26.84
C LEU D 127 9.14 38.29 -25.43
N LEU D 128 7.84 38.03 -25.28
CA LEU D 128 7.26 37.76 -23.97
C LEU D 128 7.58 36.35 -23.49
N ASP D 129 7.74 35.39 -24.41
CA ASP D 129 8.17 34.06 -23.99
C ASP D 129 9.53 34.14 -23.29
N LEU D 130 10.45 34.92 -23.84
CA LEU D 130 11.73 35.14 -23.19
C LEU D 130 11.55 35.80 -21.83
N GLN D 131 10.65 36.80 -21.74
CA GLN D 131 10.41 37.47 -20.48
C GLN D 131 9.83 36.52 -19.44
N THR D 132 8.73 35.83 -19.78
CA THR D 132 7.99 35.04 -18.81
C THR D 132 8.84 33.88 -18.27
N LEU D 133 9.61 33.25 -19.17
CA LEU D 133 10.37 32.06 -18.83
C LEU D 133 11.54 32.37 -17.89
N ASN D 134 12.16 33.55 -18.03
CA ASN D 134 13.13 34.01 -17.05
C ASN D 134 12.54 33.95 -15.65
N LEU D 135 11.34 34.52 -15.47
CA LEU D 135 10.71 34.57 -14.15
C LEU D 135 10.35 33.17 -13.66
N LEU D 136 9.82 32.32 -14.55
CA LEU D 136 9.40 30.99 -14.14
C LEU D 136 10.57 30.13 -13.69
N ALA D 137 11.76 30.34 -14.28
CA ALA D 137 12.92 29.55 -13.89
C ALA D 137 13.29 29.79 -12.44
N TRP D 138 13.20 31.04 -11.98
CA TRP D 138 13.53 31.38 -10.60
C TRP D 138 12.31 31.20 -9.68
N CYS D 139 11.72 30.01 -9.74
CA CYS D 139 10.53 29.69 -8.95
C CYS D 139 10.93 28.95 -7.69
N GLY D 140 10.20 29.20 -6.61
CA GLY D 140 10.49 28.59 -5.33
C GLY D 140 9.61 27.39 -5.02
N ARG D 141 10.03 26.61 -4.02
CA ARG D 141 9.28 25.41 -3.65
C ARG D 141 7.87 25.75 -3.22
N THR D 142 7.70 26.84 -2.47
CA THR D 142 6.39 27.20 -1.94
C THR D 142 5.39 27.53 -3.05
N LEU D 143 5.88 28.01 -4.19
CA LEU D 143 5.02 28.37 -5.32
C LEU D 143 5.20 27.41 -6.50
N ARG D 144 5.51 26.14 -6.20
CA ARG D 144 5.73 25.18 -7.28
C ARG D 144 4.41 24.63 -7.81
N LYS D 145 3.53 24.18 -6.93
CA LYS D 145 2.19 23.77 -7.36
C LYS D 145 1.20 24.93 -7.36
N ASP D 146 1.59 26.09 -6.83
CA ASP D 146 0.77 27.30 -6.98
C ASP D 146 0.89 27.86 -8.39
N LEU D 147 2.10 27.82 -8.97
CA LEU D 147 2.32 28.18 -10.36
C LEU D 147 2.42 26.96 -11.26
N LYS D 148 2.03 25.79 -10.75
CA LYS D 148 2.02 24.52 -11.50
C LYS D 148 1.57 24.71 -12.94
N ASP D 149 0.38 25.29 -13.12
CA ASP D 149 -0.26 25.32 -14.42
C ASP D 149 0.63 25.89 -15.51
N LEU D 150 1.45 26.88 -15.17
CA LEU D 150 2.29 27.53 -16.17
C LEU D 150 3.63 26.86 -16.36
N LEU D 151 4.14 26.16 -15.34
CA LEU D 151 5.45 25.53 -15.47
C LEU D 151 5.42 24.37 -16.47
N ASN D 152 4.32 23.64 -16.55
CA ASN D 152 4.18 22.54 -17.50
C ASN D 152 3.65 22.98 -18.85
N LYS D 153 3.03 24.16 -18.92
CA LYS D 153 2.65 24.70 -20.22
C LYS D 153 3.86 24.82 -21.13
N GLY D 154 4.94 25.41 -20.62
CA GLY D 154 6.19 25.45 -21.35
C GLY D 154 6.18 26.41 -22.52
N ARG D 155 5.22 26.24 -23.42
CA ARG D 155 5.17 26.96 -24.70
C ARG D 155 4.12 28.08 -24.64
N ASN D 156 4.33 29.11 -25.47
CA ASN D 156 3.28 30.02 -25.92
C ASN D 156 2.62 30.81 -24.79
N TYR D 157 3.39 31.73 -24.21
CA TYR D 157 2.86 32.65 -23.19
C TYR D 157 2.39 33.95 -23.83
N THR D 158 1.27 34.50 -23.35
CA THR D 158 0.86 35.77 -23.95
C THR D 158 1.25 37.01 -23.16
N GLN D 159 0.45 37.47 -22.19
CA GLN D 159 0.93 38.46 -21.22
C GLN D 159 0.45 38.18 -19.81
N GLU D 160 -0.88 38.15 -19.64
CA GLU D 160 -1.47 38.34 -18.32
C GLU D 160 -1.10 37.23 -17.37
N GLU D 161 -0.64 36.10 -17.90
CA GLU D 161 -0.11 35.04 -17.06
C GLU D 161 1.16 35.49 -16.33
N LYS D 162 2.02 36.26 -17.01
CA LYS D 162 3.23 36.75 -16.35
C LYS D 162 2.89 37.71 -15.22
N GLU D 163 1.95 38.63 -15.45
CA GLU D 163 1.58 39.57 -14.39
C GLU D 163 1.06 38.81 -13.17
N TYR D 164 0.46 37.65 -13.38
CA TYR D 164 0.05 36.79 -12.27
C TYR D 164 1.26 36.30 -11.49
N VAL D 165 2.33 35.89 -12.19
CA VAL D 165 3.50 35.38 -11.47
C VAL D 165 4.25 36.52 -10.78
N LEU D 166 4.22 37.73 -11.36
CA LEU D 166 4.79 38.88 -10.67
C LEU D 166 4.08 39.14 -9.36
N ASN D 167 2.74 39.10 -9.37
CA ASN D 167 1.98 39.31 -8.14
C ASN D 167 2.25 38.20 -7.14
N LYS D 168 2.40 36.96 -7.61
CA LYS D 168 2.74 35.86 -6.71
C LYS D 168 4.11 36.07 -6.09
N TYR D 169 5.08 36.53 -6.87
CA TYR D 169 6.43 36.77 -6.34
C TYR D 169 6.43 37.92 -5.34
N PHE D 170 5.65 38.98 -5.61
CA PHE D 170 5.61 40.10 -4.68
C PHE D 170 4.91 39.72 -3.38
N GLU D 171 3.95 38.81 -3.43
CA GLU D 171 3.34 38.33 -2.19
C GLU D 171 4.29 37.46 -1.40
N ILE D 172 5.12 36.67 -2.09
CA ILE D 172 6.08 35.82 -1.38
C ILE D 172 7.29 36.62 -0.91
N ILE D 173 7.53 37.80 -1.48
CA ILE D 173 8.54 38.70 -0.94
C ILE D 173 8.11 39.25 0.39
N LYS D 174 6.81 39.55 0.54
CA LYS D 174 6.30 40.14 1.77
C LYS D 174 6.37 39.15 2.93
N LYS D 175 6.01 37.89 2.69
CA LYS D 175 6.08 36.88 3.74
C LYS D 175 7.50 36.41 4.01
N THR D 176 8.48 36.89 3.23
CA THR D 176 9.86 36.45 3.41
C THR D 176 10.41 36.85 4.77
N LEU D 177 10.11 38.06 5.24
CA LEU D 177 10.63 38.49 6.54
C LEU D 177 9.85 37.86 7.68
N SER D 178 8.53 37.67 7.52
CA SER D 178 7.76 37.01 8.56
C SER D 178 8.22 35.59 8.77
N ILE D 179 8.68 34.92 7.70
CA ILE D 179 9.11 33.54 7.79
C ILE D 179 10.40 33.36 8.58
N TYR D 180 11.02 34.45 9.04
CA TYR D 180 12.15 34.36 9.96
C TYR D 180 11.79 34.71 11.40
N ARG D 181 10.80 35.58 11.61
CA ARG D 181 10.44 35.95 12.97
C ARG D 181 9.75 34.80 13.70
N GLU D 182 8.85 34.09 13.03
CA GLU D 182 8.22 32.94 13.68
C GLU D 182 9.26 31.93 14.14
N ILE D 183 10.08 31.41 13.22
CA ILE D 183 10.98 30.31 13.55
C ILE D 183 11.84 30.65 14.76
N LYS D 184 12.08 31.94 15.03
CA LYS D 184 12.75 32.33 16.26
C LYS D 184 11.82 32.16 17.47
N GLU D 185 10.52 32.46 17.30
CA GLU D 185 9.57 32.30 18.40
C GLU D 185 9.25 30.83 18.67
N GLU D 186 8.96 30.04 17.62
CA GLU D 186 8.74 28.62 17.83
C GLU D 186 9.97 27.87 18.31
N GLY D 187 11.16 28.47 18.24
CA GLY D 187 12.36 27.79 18.68
C GLY D 187 12.93 26.79 17.70
N LYS D 188 12.39 26.70 16.49
CA LYS D 188 12.90 25.76 15.49
C LYS D 188 14.18 26.22 14.83
N GLY D 189 14.66 27.43 15.14
CA GLY D 189 15.88 27.90 14.52
C GLY D 189 16.37 29.19 15.16
N SER D 190 17.60 29.53 14.84
CA SER D 190 18.22 30.78 15.27
C SER D 190 18.58 31.60 14.05
N VAL D 191 18.26 32.89 14.09
CA VAL D 191 18.59 33.82 13.01
C VAL D 191 19.64 34.78 13.52
N SER D 192 20.74 34.88 12.79
CA SER D 192 21.84 35.77 13.12
C SER D 192 21.92 36.87 12.07
N THR D 193 22.90 37.75 12.24
CA THR D 193 23.18 38.80 11.28
C THR D 193 24.69 39.01 11.19
N SER D 194 25.10 40.00 10.40
CA SER D 194 26.50 40.32 10.21
C SER D 194 26.67 41.83 10.31
N PRO D 195 27.90 42.36 10.33
CA PRO D 195 28.06 43.81 10.25
C PRO D 195 27.38 44.35 9.00
N TYR D 196 26.81 45.55 9.12
CA TYR D 196 25.73 46.00 8.26
C TYR D 196 25.93 45.68 6.77
N TYR D 197 27.05 46.15 6.18
CA TYR D 197 27.26 46.02 4.75
C TYR D 197 28.29 44.96 4.40
N HIS D 198 28.43 43.94 5.26
CA HIS D 198 29.31 42.80 5.02
C HIS D 198 30.76 43.21 4.79
N PRO D 199 31.39 43.93 5.70
CA PRO D 199 32.77 44.37 5.48
C PRO D 199 33.80 43.39 6.07
N LEU D 200 35.03 43.53 5.59
CA LEU D 200 36.16 42.76 6.11
C LEU D 200 36.63 43.42 7.40
N ILE D 201 36.03 43.00 8.52
CA ILE D 201 36.25 43.68 9.79
C ILE D 201 37.72 43.70 10.21
N PRO D 202 38.46 42.59 10.19
CA PRO D 202 39.86 42.66 10.66
C PRO D 202 40.71 43.65 9.90
N ILE D 203 40.44 43.86 8.61
CA ILE D 203 41.15 44.90 7.87
C ILE D 203 40.76 46.28 8.38
N LEU D 204 39.47 46.51 8.63
CA LEU D 204 39.01 47.83 9.03
C LEU D 204 39.54 48.22 10.41
N LEU D 205 39.82 47.25 11.27
CA LEU D 205 40.38 47.55 12.58
C LEU D 205 41.89 47.70 12.52
N ASN D 206 42.58 46.71 11.95
CA ASN D 206 44.03 46.67 11.88
C ASN D 206 44.42 46.09 10.53
N PRO D 207 44.77 46.93 9.55
CA PRO D 207 45.09 46.40 8.22
C PRO D 207 46.26 45.44 8.20
N ASN D 208 47.10 45.45 9.24
CA ASN D 208 48.26 44.56 9.30
C ASN D 208 47.89 43.10 9.47
N CYS D 209 46.60 42.76 9.60
CA CYS D 209 46.21 41.36 9.74
C CYS D 209 46.52 40.55 8.49
N VAL D 210 46.65 41.20 7.33
CA VAL D 210 47.00 40.50 6.10
C VAL D 210 48.39 39.87 6.22
N TYR D 211 49.24 40.42 7.08
CA TYR D 211 50.63 39.96 7.19
C TYR D 211 50.79 38.74 8.09
N GLU D 212 49.72 38.30 8.77
CA GLU D 212 49.81 37.13 9.62
C GLU D 212 49.82 35.83 8.83
N THR D 213 49.16 35.80 7.67
CA THR D 213 49.19 34.65 6.78
C THR D 213 50.01 34.90 5.52
N THR D 214 49.99 36.11 4.98
CA THR D 214 50.80 36.48 3.81
C THR D 214 51.72 37.64 4.18
N PRO D 215 52.97 37.37 4.57
CA PRO D 215 53.82 38.44 5.12
C PRO D 215 54.38 39.43 4.11
N ASN D 216 54.50 39.07 2.83
CA ASN D 216 55.22 39.94 1.90
C ASN D 216 54.34 40.42 0.75
N VAL D 217 53.12 40.88 1.06
CA VAL D 217 52.15 41.29 0.06
C VAL D 217 52.03 42.82 0.08
N LYS D 218 51.88 43.40 -1.10
CA LYS D 218 51.80 44.85 -1.26
C LYS D 218 50.37 45.33 -1.05
N ILE D 219 50.16 46.16 -0.02
CA ILE D 219 48.87 46.80 0.21
C ILE D 219 49.11 48.29 0.42
N PRO D 220 48.10 49.12 0.14
CA PRO D 220 48.31 50.57 0.20
C PRO D 220 48.55 51.08 1.61
N ASP D 221 48.87 52.38 1.68
CA ASP D 221 49.17 53.04 2.94
C ASP D 221 47.88 53.55 3.57
N PHE D 222 47.45 52.90 4.66
CA PHE D 222 46.22 53.28 5.36
C PHE D 222 46.52 54.47 6.27
N ALA D 223 46.49 55.66 5.67
CA ALA D 223 46.70 56.89 6.40
C ALA D 223 45.42 57.45 7.00
N VAL D 224 44.41 56.60 7.22
CA VAL D 224 43.17 56.99 7.88
C VAL D 224 42.68 55.80 8.69
N SER D 225 41.96 56.08 9.76
CA SER D 225 41.50 55.04 10.67
C SER D 225 40.07 54.62 10.32
N PHE D 226 39.85 53.31 10.25
CA PHE D 226 38.52 52.74 10.07
C PHE D 226 37.98 52.10 11.34
N ARG D 227 38.70 52.23 12.46
CA ARG D 227 38.29 51.54 13.68
C ARG D 227 36.92 52.01 14.16
N GLU D 228 36.57 53.28 13.90
CA GLU D 228 35.24 53.76 14.26
C GLU D 228 34.18 53.20 13.31
N ASP D 229 34.51 53.11 12.02
CA ASP D 229 33.54 52.59 11.05
C ASP D 229 33.27 51.12 11.27
N ALA D 230 34.23 50.39 11.84
CA ALA D 230 34.02 48.96 12.12
C ALA D 230 32.90 48.75 13.12
N SER D 231 32.88 49.55 14.19
CA SER D 231 31.80 49.42 15.17
C SER D 231 30.49 49.99 14.65
N LYS D 232 30.56 51.02 13.81
CA LYS D 232 29.35 51.50 13.13
C LYS D 232 28.75 50.44 12.23
N HIS D 233 29.52 49.41 11.88
CA HIS D 233 28.98 48.29 11.12
C HIS D 233 28.28 47.29 12.02
N VAL D 234 28.87 46.99 13.18
CA VAL D 234 28.28 46.02 14.10
C VAL D 234 27.09 46.64 14.83
N GLU D 235 27.26 47.85 15.35
CA GLU D 235 26.20 48.46 16.15
C GLU D 235 24.96 48.77 15.31
N LEU D 236 25.15 49.29 14.10
CA LEU D 236 24.02 49.52 13.21
C LEU D 236 23.32 48.21 12.88
N ALA D 237 24.10 47.13 12.72
CA ALA D 237 23.51 45.83 12.46
C ALA D 237 22.62 45.38 13.61
N LYS D 238 23.04 45.63 14.84
CA LYS D 238 22.27 45.21 16.00
C LYS D 238 20.91 45.89 16.04
N GLU D 239 20.84 47.15 15.62
CA GLU D 239 19.58 47.88 15.66
C GLU D 239 18.67 47.51 14.49
N LYS D 240 19.23 47.16 13.33
CA LYS D 240 18.40 46.60 12.27
C LYS D 240 17.86 45.24 12.68
N TYR D 241 18.67 44.45 13.40
CA TYR D 241 18.16 43.20 13.97
C TYR D 241 17.02 43.49 14.94
N PHE D 242 17.13 44.58 15.71
CA PHE D 242 16.06 44.97 16.62
C PHE D 242 14.78 45.29 15.87
N GLU D 243 14.88 46.00 14.74
CA GLU D 243 13.70 46.42 13.99
C GLU D 243 12.95 45.24 13.40
N ILE D 244 13.52 44.04 13.43
CA ILE D 244 12.90 42.85 12.85
C ILE D 244 12.44 41.88 13.91
N PHE D 245 13.25 41.65 14.95
CA PHE D 245 12.96 40.63 15.95
C PHE D 245 12.78 41.21 17.35
N GLY D 246 12.68 42.52 17.48
CA GLY D 246 12.41 43.14 18.77
C GLY D 246 13.42 42.82 19.85
N GLU D 247 14.67 42.55 19.46
CA GLU D 247 15.69 42.14 20.41
C GLU D 247 17.05 42.28 19.74
N HIS D 248 18.09 42.37 20.57
CA HIS D 248 19.47 42.44 20.12
C HIS D 248 20.03 41.03 19.91
N PRO D 249 20.73 40.79 18.80
CA PRO D 249 21.29 39.47 18.56
C PRO D 249 22.49 39.19 19.44
N VAL D 250 22.77 37.90 19.63
CA VAL D 250 23.87 37.45 20.47
C VAL D 250 24.76 36.51 19.67
N TYR D 251 24.29 36.13 18.47
CA TYR D 251 25.04 35.29 17.55
C TYR D 251 25.22 36.04 16.24
N MET D 252 26.45 36.10 15.75
CA MET D 252 26.80 36.86 14.56
C MET D 252 27.70 36.02 13.66
N TRP D 253 27.53 36.15 12.34
CA TRP D 253 28.40 35.48 11.40
C TRP D 253 29.39 36.47 10.82
N PRO D 254 30.69 36.26 10.98
CA PRO D 254 31.68 37.19 10.42
C PRO D 254 31.77 37.06 8.92
N PRO D 255 31.73 38.17 8.18
CA PRO D 255 31.76 38.09 6.71
C PRO D 255 32.98 37.32 6.21
N GLU D 256 32.72 36.38 5.30
CA GLU D 256 33.75 35.50 4.74
C GLU D 256 34.54 34.78 5.83
N ALA D 257 33.92 34.56 6.98
CA ALA D 257 34.57 33.98 8.16
C ALA D 257 35.77 34.81 8.61
N SER D 258 35.79 36.10 8.25
CA SER D 258 36.92 36.95 8.61
C SER D 258 37.01 37.08 10.12
N VAL D 259 38.16 36.69 10.67
CA VAL D 259 38.37 36.75 12.11
C VAL D 259 39.80 37.20 12.38
N SER D 260 39.97 37.86 13.52
CA SER D 260 41.28 38.23 14.03
C SER D 260 41.12 38.43 15.53
N ASN D 261 42.25 38.47 16.24
CA ASN D 261 42.18 38.73 17.67
C ASN D 261 41.51 40.06 17.96
N GLU D 262 41.86 41.10 17.20
CA GLU D 262 41.24 42.40 17.38
C GLU D 262 39.75 42.37 17.08
N ALA D 263 39.35 41.65 16.03
CA ALA D 263 37.93 41.57 15.68
C ALA D 263 37.14 40.81 16.74
N LEU D 264 37.69 39.72 17.26
CA LEU D 264 36.98 38.93 18.26
C LEU D 264 36.61 39.76 19.47
N GLU D 265 37.54 40.60 19.93
CA GLU D 265 37.27 41.48 21.06
C GLU D 265 36.20 42.50 20.71
N LEU D 266 36.20 43.02 19.49
CA LEU D 266 35.18 43.98 19.08
C LEU D 266 33.79 43.38 19.19
N TYR D 267 33.61 42.15 18.72
CA TYR D 267 32.33 41.47 18.87
C TYR D 267 31.98 41.31 20.35
N TYR D 268 32.96 40.93 21.16
CA TYR D 268 32.72 40.81 22.60
C TYR D 268 32.31 42.15 23.20
N GLU D 269 32.90 43.25 22.72
CA GLU D 269 32.50 44.57 23.18
C GLU D 269 31.06 44.88 22.78
N LYS D 270 30.65 44.44 21.59
CA LYS D 270 29.30 44.68 21.10
C LYS D 270 28.31 43.60 21.52
N GLY D 271 28.59 42.87 22.59
CA GLY D 271 27.65 41.92 23.15
C GLY D 271 27.33 40.72 22.28
N ILE D 272 28.34 40.09 21.69
CA ILE D 272 28.18 38.83 20.96
C ILE D 272 28.71 37.71 21.83
N ASN D 273 27.98 36.59 21.86
CA ASN D 273 28.38 35.44 22.67
C ASN D 273 29.04 34.34 21.84
N MET D 274 28.58 34.11 20.62
CA MET D 274 29.11 33.04 19.78
C MET D 274 29.26 33.56 18.36
N LEU D 275 30.27 33.04 17.66
CA LEU D 275 30.34 33.16 16.20
C LEU D 275 31.09 31.94 15.67
N ALA D 276 31.02 31.78 14.35
CA ALA D 276 31.66 30.66 13.67
C ALA D 276 32.66 31.17 12.65
N THR D 277 33.58 30.29 12.27
CA THR D 277 34.58 30.61 11.26
C THR D 277 35.14 29.32 10.71
N ASP D 278 36.04 29.45 9.72
CA ASP D 278 36.53 28.29 8.98
C ASP D 278 37.62 27.55 9.74
N GLU D 279 37.64 26.22 9.55
CA GLU D 279 38.63 25.38 10.21
C GLU D 279 40.03 25.55 9.65
N VAL D 280 40.17 26.19 8.49
CA VAL D 280 41.52 26.53 8.01
C VAL D 280 42.16 27.56 8.94
N ILE D 281 41.35 28.41 9.56
CA ILE D 281 41.85 29.32 10.59
C ILE D 281 42.22 28.52 11.85
N LEU D 282 41.41 27.53 12.20
CA LEU D 282 41.77 26.63 13.30
C LEU D 282 43.08 25.91 13.01
N LYS D 283 43.30 25.52 11.76
CA LYS D 283 44.53 24.84 11.38
C LYS D 283 45.74 25.74 11.57
N ASN D 284 45.59 27.04 11.27
CA ASN D 284 46.70 27.98 11.37
C ASN D 284 46.91 28.52 12.78
N SER D 285 46.09 28.13 13.74
CA SER D 285 46.18 28.71 15.08
C SER D 285 46.41 27.68 16.18
N VAL D 286 45.78 26.51 16.09
CA VAL D 286 45.95 25.45 17.09
C VAL D 286 46.49 24.21 16.38
N GLU D 287 47.35 23.47 17.09
CA GLU D 287 48.18 22.42 16.47
C GLU D 287 47.38 21.30 15.83
N ARG D 288 46.69 20.49 16.64
CA ARG D 288 45.88 19.38 16.16
C ARG D 288 44.54 19.50 16.87
N ALA D 289 43.66 20.31 16.29
CA ALA D 289 42.37 20.62 16.90
C ALA D 289 41.26 20.18 15.97
N SER D 290 40.33 19.40 16.50
CA SER D 290 39.15 19.03 15.73
C SER D 290 38.32 20.29 15.45
N PRO D 291 37.57 20.31 14.35
CA PRO D 291 36.63 21.41 14.14
C PRO D 291 35.40 21.30 15.02
N TYR D 292 35.10 20.12 15.54
CA TYR D 292 33.86 19.85 16.25
C TYR D 292 34.04 19.95 17.76
N LEU D 293 34.44 21.12 18.23
CA LEU D 293 34.40 21.43 19.66
C LEU D 293 33.88 22.85 19.84
N ARG D 294 33.73 23.23 21.11
CA ARG D 294 33.32 24.56 21.51
C ARG D 294 34.52 25.27 22.12
N TYR D 295 35.07 26.25 21.40
CA TYR D 295 36.22 26.99 21.87
C TYR D 295 35.76 28.28 22.56
N TYR D 296 36.53 28.69 23.56
CA TYR D 296 36.32 29.96 24.23
C TYR D 296 37.55 30.83 23.99
N PHE D 297 37.35 31.97 23.34
CA PHE D 297 38.44 32.91 23.10
C PHE D 297 38.70 33.67 24.40
N ARG D 298 39.75 33.26 25.11
CA ARG D 298 40.16 33.90 26.37
C ARG D 298 39.04 33.87 27.41
N GLU D 299 38.18 32.85 27.36
CA GLU D 299 37.02 32.74 28.23
C GLU D 299 36.12 33.97 28.12
N LEU D 300 36.00 34.50 26.91
CA LEU D 300 35.21 35.70 26.64
C LEU D 300 34.14 35.52 25.59
N ILE D 301 34.41 34.72 24.54
CA ILE D 301 33.47 34.53 23.45
C ILE D 301 33.66 33.14 22.88
N SER D 302 32.56 32.53 22.43
CA SER D 302 32.58 31.16 21.94
C SER D 302 32.77 31.15 20.42
N VAL D 303 33.63 30.24 19.95
CA VAL D 303 33.91 30.09 18.54
C VAL D 303 33.68 28.64 18.14
N PHE D 304 32.93 28.45 17.06
CA PHE D 304 32.73 27.15 16.43
C PHE D 304 33.38 27.18 15.06
N PHE D 305 34.00 26.08 14.67
CA PHE D 305 34.75 26.03 13.41
C PHE D 305 34.01 25.14 12.43
N ARG D 306 33.48 25.74 11.37
CA ARG D 306 32.73 24.99 10.38
C ARG D 306 33.61 23.96 9.70
N ASP D 307 33.10 22.74 9.56
CA ASP D 307 33.84 21.71 8.86
C ASP D 307 33.82 22.05 7.38
N LYS D 308 34.98 22.45 6.86
CA LYS D 308 35.06 22.99 5.51
C LYS D 308 34.68 21.94 4.47
N THR D 309 35.13 20.69 4.66
CA THR D 309 34.85 19.69 3.64
C THR D 309 33.33 19.49 3.50
N LEU D 310 32.64 19.25 4.62
CA LEU D 310 31.20 18.97 4.53
C LEU D 310 30.40 20.14 3.98
N SER D 311 30.82 21.36 4.29
CA SER D 311 30.16 22.53 3.70
C SER D 311 30.51 22.66 2.23
N ASP D 312 31.77 22.38 1.87
CA ASP D 312 32.19 22.52 0.48
C ASP D 312 31.48 21.53 -0.44
N LEU D 313 31.17 20.32 0.03
CA LEU D 313 30.54 19.36 -0.86
C LEU D 313 29.18 19.87 -1.33
N ILE D 314 28.38 20.37 -0.39
CA ILE D 314 27.04 20.86 -0.75
C ILE D 314 27.16 22.03 -1.71
N GLY D 315 28.05 22.98 -1.42
CA GLY D 315 28.11 24.20 -2.20
C GLY D 315 28.79 24.06 -3.55
N PHE D 316 29.62 23.04 -3.75
CA PHE D 316 30.37 22.94 -4.99
C PHE D 316 30.42 21.54 -5.60
N SER D 317 30.00 20.49 -4.91
CA SER D 317 30.24 19.12 -5.38
C SER D 317 28.97 18.34 -5.65
N TYR D 318 27.93 18.50 -4.83
CA TYR D 318 26.72 17.70 -4.94
C TYR D 318 25.79 18.13 -6.07
N HIS D 319 26.23 19.06 -6.94
CA HIS D 319 25.38 19.42 -8.07
C HIS D 319 25.41 18.37 -9.16
N ALA D 320 26.55 17.69 -9.36
CA ALA D 320 26.66 16.61 -10.31
C ALA D 320 26.47 15.24 -9.67
N TRP D 321 26.01 15.21 -8.43
CA TRP D 321 25.82 13.97 -7.68
C TRP D 321 24.34 13.67 -7.57
N ASN D 322 23.96 12.44 -7.88
CA ASN D 322 22.56 12.05 -7.77
C ASN D 322 22.11 12.11 -6.32
N ALA D 323 20.82 12.40 -6.13
CA ALA D 323 20.31 12.76 -4.82
C ALA D 323 20.57 11.67 -3.79
N GLU D 324 20.11 10.45 -4.06
CA GLU D 324 20.24 9.39 -3.07
C GLU D 324 21.68 8.93 -2.86
N ASP D 325 22.59 9.27 -3.76
CA ASP D 325 24.00 8.99 -3.54
C ASP D 325 24.64 10.03 -2.63
N ALA D 326 24.26 11.31 -2.81
CA ALA D 326 24.86 12.38 -2.02
C ALA D 326 24.45 12.28 -0.54
N VAL D 327 23.16 12.03 -0.28
CA VAL D 327 22.71 11.94 1.10
C VAL D 327 23.40 10.78 1.81
N ARG D 328 23.54 9.65 1.14
CA ARG D 328 24.25 8.51 1.75
C ARG D 328 25.71 8.86 2.01
N ASP D 329 26.37 9.52 1.06
CA ASP D 329 27.76 9.93 1.27
C ASP D 329 27.86 10.91 2.43
N PHE D 330 26.93 11.87 2.50
CA PHE D 330 26.96 12.89 3.54
C PHE D 330 26.84 12.27 4.92
N ILE D 331 25.82 11.43 5.13
CA ILE D 331 25.66 10.78 6.43
C ILE D 331 26.81 9.81 6.67
N GLY D 332 27.36 9.22 5.61
CA GLY D 332 28.57 8.42 5.75
C GLY D 332 29.76 9.23 6.23
N ARG D 333 29.81 10.51 5.85
CA ARG D 333 30.87 11.38 6.35
C ARG D 333 30.65 11.72 7.82
N LEU D 334 29.39 11.97 8.22
CA LEU D 334 29.10 12.24 9.63
C LEU D 334 29.30 11.00 10.49
N LYS D 335 28.89 9.83 9.99
CA LYS D 335 29.04 8.62 10.80
C LYS D 335 30.50 8.34 11.11
N LYS D 336 31.41 8.68 10.20
CA LYS D 336 32.84 8.58 10.49
C LYS D 336 33.25 9.52 11.61
N ILE D 337 32.70 10.74 11.63
CA ILE D 337 33.01 11.70 12.68
C ILE D 337 32.52 11.17 14.04
N HIS D 338 31.33 10.57 14.05
CA HIS D 338 30.75 10.09 15.30
C HIS D 338 31.56 8.96 15.92
N GLU D 339 32.33 8.22 15.11
CA GLU D 339 33.09 7.07 15.57
C GLU D 339 34.58 7.33 15.70
N SER D 340 35.07 8.49 15.26
CA SER D 340 36.49 8.79 15.32
C SER D 340 36.91 9.49 16.60
N VAL D 341 35.95 9.88 17.45
CA VAL D 341 36.22 10.69 18.63
C VAL D 341 35.53 10.06 19.84
N ASP D 342 36.06 10.38 21.03
CA ASP D 342 35.57 9.84 22.29
C ASP D 342 34.67 10.80 23.03
N PHE D 343 33.87 11.59 22.30
CA PHE D 343 33.04 12.62 22.88
C PHE D 343 31.93 12.96 21.90
N GLN D 344 31.04 13.86 22.31
CA GLN D 344 29.92 14.27 21.48
C GLN D 344 30.37 15.39 20.54
N PRO D 345 30.33 15.20 19.23
CA PRO D 345 30.84 16.22 18.32
C PRO D 345 29.81 17.32 18.08
N VAL D 346 30.28 18.38 17.43
CA VAL D 346 29.39 19.40 16.92
C VAL D 346 29.85 19.78 15.51
N VAL D 347 29.13 19.28 14.50
CA VAL D 347 29.52 19.49 13.11
C VAL D 347 28.79 20.73 12.60
N PHE D 348 29.56 21.75 12.23
CA PHE D 348 29.01 23.00 11.71
C PHE D 348 29.10 23.01 10.21
N VAL D 349 27.98 23.33 9.56
CA VAL D 349 27.89 23.37 8.11
C VAL D 349 27.43 24.78 7.75
N VAL D 350 28.38 25.65 7.41
CA VAL D 350 28.11 27.05 7.09
C VAL D 350 28.59 27.32 5.67
N LEU D 351 27.72 27.90 4.85
CA LEU D 351 28.05 28.26 3.48
C LEU D 351 26.95 29.18 2.94
N ASP D 352 27.13 29.66 1.74
CA ASP D 352 26.14 30.50 1.12
C ASP D 352 25.06 29.68 0.55
N GLY D 353 23.98 29.59 1.29
CA GLY D 353 22.84 28.80 0.87
C GLY D 353 21.86 29.53 -0.04
N GLU D 354 22.38 30.22 -1.06
CA GLU D 354 21.52 30.85 -2.06
C GLU D 354 22.00 30.69 -3.49
N ASN D 355 23.30 30.51 -3.73
CA ASN D 355 23.85 30.70 -5.07
C ASN D 355 24.34 29.40 -5.69
N CYS D 356 24.18 28.28 -5.00
CA CYS D 356 24.59 26.99 -5.51
C CYS D 356 23.44 26.18 -6.07
N TRP D 357 22.20 26.44 -5.65
CA TRP D 357 21.07 25.62 -6.07
C TRP D 357 20.66 25.84 -7.52
N GLU D 358 21.20 26.85 -8.18
CA GLU D 358 20.95 27.00 -9.61
C GLU D 358 21.80 26.07 -10.45
N TYR D 359 22.71 25.33 -9.83
CA TYR D 359 23.49 24.30 -10.51
C TYR D 359 23.04 22.90 -10.13
N TYR D 360 22.08 22.77 -9.21
CA TYR D 360 21.45 21.50 -8.88
C TYR D 360 20.29 21.23 -9.84
N GLU D 361 19.82 19.99 -9.83
CA GLU D 361 18.67 19.61 -10.64
C GLU D 361 17.39 20.09 -9.95
N GLU D 362 16.62 20.92 -10.67
CA GLU D 362 15.35 21.48 -10.17
C GLU D 362 15.54 22.17 -8.82
N ASN D 363 16.67 22.85 -8.67
CA ASN D 363 16.95 23.73 -7.53
C ASN D 363 17.12 22.93 -6.23
N GLY D 364 17.76 21.77 -6.33
CA GLY D 364 18.16 21.05 -5.15
C GLY D 364 17.02 20.59 -4.26
N ILE D 365 15.79 20.64 -4.78
CA ILE D 365 14.64 20.15 -4.02
C ILE D 365 14.78 18.66 -3.69
N PRO D 366 15.09 17.77 -4.64
CA PRO D 366 15.27 16.36 -4.24
C PRO D 366 16.40 16.11 -3.23
N PHE D 367 17.55 16.79 -3.33
CA PHE D 367 18.60 16.60 -2.32
C PHE D 367 18.17 17.11 -0.95
N LEU D 368 17.67 18.35 -0.90
CA LEU D 368 17.33 18.96 0.39
C LEU D 368 16.16 18.25 1.06
N GLU D 369 15.25 17.67 0.27
CA GLU D 369 14.16 16.91 0.87
C GLU D 369 14.64 15.57 1.41
N LYS D 370 15.44 14.84 0.63
CA LYS D 370 15.99 13.58 1.12
C LYS D 370 16.96 13.79 2.26
N LEU D 371 17.77 14.85 2.20
CA LEU D 371 18.66 15.15 3.30
C LEU D 371 17.85 15.38 4.58
N TYR D 372 16.99 16.41 4.56
CA TYR D 372 16.26 16.80 5.77
C TYR D 372 15.43 15.67 6.34
N SER D 373 14.92 14.77 5.48
CA SER D 373 14.13 13.66 5.99
C SER D 373 15.02 12.63 6.69
N THR D 374 16.24 12.44 6.20
CA THR D 374 17.14 11.46 6.81
C THR D 374 17.54 11.88 8.23
N LEU D 375 17.61 13.18 8.50
CA LEU D 375 17.94 13.62 9.86
C LEU D 375 16.83 13.28 10.84
N GLU D 376 15.60 13.06 10.38
CA GLU D 376 14.51 12.70 11.28
C GLU D 376 14.57 11.24 11.70
N LYS D 377 14.98 10.36 10.78
CA LYS D 377 15.03 8.94 11.11
C LYS D 377 16.24 8.60 11.97
N GLU D 378 17.36 9.28 11.79
CA GLU D 378 18.57 9.02 12.57
C GLU D 378 18.44 9.69 13.93
N GLU D 379 18.34 8.87 14.98
CA GLU D 379 18.20 9.40 16.33
C GLU D 379 19.52 9.88 16.92
N TRP D 380 20.65 9.42 16.39
CA TRP D 380 21.94 9.94 16.85
C TRP D 380 22.20 11.34 16.32
N ILE D 381 21.70 11.65 15.12
CA ILE D 381 21.89 12.97 14.53
C ILE D 381 20.84 13.90 15.14
N GLU D 382 21.24 14.66 16.17
CA GLU D 382 20.39 15.68 16.76
C GLU D 382 20.83 17.02 16.18
N THR D 383 19.99 17.60 15.31
CA THR D 383 20.28 18.91 14.76
C THR D 383 19.90 19.98 15.78
N LEU D 384 20.73 21.00 15.88
CA LEU D 384 20.57 22.02 16.91
C LEU D 384 20.41 23.40 16.28
N THR D 385 20.15 24.36 17.15
CA THR D 385 20.15 25.77 16.84
C THR D 385 21.28 26.44 17.61
N LEU D 386 21.60 27.67 17.19
CA LEU D 386 22.78 28.34 17.74
C LEU D 386 22.65 28.58 19.24
N GLU D 387 21.43 28.69 19.75
CA GLU D 387 21.27 28.72 21.20
C GLU D 387 21.45 27.34 21.82
N GLU D 388 20.90 26.31 21.20
CA GLU D 388 21.04 24.98 21.78
C GLU D 388 22.47 24.48 21.72
N ALA D 389 23.20 24.83 20.67
CA ALA D 389 24.61 24.47 20.60
C ALA D 389 25.44 25.22 21.64
N MET D 390 24.97 26.39 22.08
CA MET D 390 25.69 27.19 23.06
C MET D 390 25.39 26.78 24.50
N ARG D 391 24.20 26.24 24.77
CA ARG D 391 23.81 25.86 26.11
C ARG D 391 24.07 24.40 26.43
N LYS D 392 24.29 23.56 25.41
CA LYS D 392 24.45 22.12 25.63
C LYS D 392 25.71 21.83 26.42
N GLU D 393 25.54 21.40 27.67
CA GLU D 393 26.67 21.25 28.57
C GLU D 393 27.57 20.09 28.15
N ASP D 394 26.98 19.04 27.58
CA ASP D 394 27.71 17.81 27.27
C ASP D 394 28.37 17.96 25.90
N VAL D 395 29.52 18.63 25.89
CA VAL D 395 30.37 18.74 24.70
C VAL D 395 31.74 19.22 25.16
N LYS D 396 32.79 18.73 24.49
CA LYS D 396 34.15 19.07 24.91
C LYS D 396 34.49 20.50 24.51
N THR D 397 35.13 21.21 25.43
CA THR D 397 35.46 22.62 25.27
C THR D 397 36.92 22.85 25.62
N GLU D 398 37.60 23.67 24.81
CA GLU D 398 38.98 24.05 25.05
C GLU D 398 39.12 25.55 24.86
N VAL D 399 40.02 26.15 25.65
CA VAL D 399 40.23 27.59 25.65
C VAL D 399 41.44 27.93 24.79
N ILE D 400 41.31 28.96 23.97
CA ILE D 400 42.38 29.47 23.14
C ILE D 400 42.52 30.96 23.39
N GLU D 401 43.66 31.52 22.98
CA GLU D 401 43.97 32.91 23.24
C GLU D 401 44.29 33.74 22.01
N SER D 402 44.50 33.12 20.87
CA SER D 402 44.81 33.87 19.66
C SER D 402 44.44 33.03 18.46
N VAL D 403 44.18 33.71 17.34
CA VAL D 403 43.91 33.07 16.07
C VAL D 403 44.69 33.81 15.00
N LYS D 404 45.20 33.06 14.02
CA LYS D 404 45.84 33.67 12.87
C LYS D 404 44.76 34.29 12.00
N ALA D 405 44.85 35.60 11.78
CA ALA D 405 43.81 36.31 11.04
C ALA D 405 43.66 35.73 9.63
N GLY D 406 42.42 35.66 9.18
CA GLY D 406 42.17 35.11 7.86
C GLY D 406 40.68 35.07 7.55
N THR D 407 40.38 34.50 6.38
CA THR D 407 39.01 34.31 5.92
C THR D 407 38.82 32.84 5.58
N TRP D 408 37.71 32.48 4.95
CA TRP D 408 37.54 31.11 4.51
C TRP D 408 38.03 30.89 3.08
N PHE D 409 38.54 31.92 2.43
CA PHE D 409 39.23 31.79 1.14
C PHE D 409 40.72 31.65 1.42
N ASP D 410 41.22 30.41 1.37
CA ASP D 410 42.63 30.09 1.58
C ASP D 410 43.12 30.42 2.98
N GLY D 411 42.22 30.93 3.83
CA GLY D 411 42.63 31.39 5.14
C GLY D 411 43.31 32.74 5.17
N ASN D 412 43.27 33.49 4.06
CA ASN D 412 43.94 34.78 3.97
C ASN D 412 43.02 35.77 3.26
N PHE D 413 43.53 36.99 3.08
CA PHE D 413 42.78 38.09 2.51
C PHE D 413 43.17 38.40 1.07
N LEU D 414 43.84 37.46 0.39
CA LEU D 414 44.33 37.74 -0.95
C LEU D 414 43.24 37.82 -2.00
N LYS D 415 42.00 37.46 -1.65
CA LYS D 415 40.89 37.61 -2.57
C LYS D 415 40.29 39.03 -2.55
N TRP D 416 40.72 39.88 -1.61
CA TRP D 416 40.18 41.22 -1.49
C TRP D 416 41.24 42.31 -1.56
N ILE D 417 42.51 41.98 -1.38
CA ILE D 417 43.55 42.99 -1.25
C ILE D 417 44.88 42.34 -1.59
N GLY D 418 45.83 43.14 -2.07
CA GLY D 418 47.19 42.69 -2.25
C GLY D 418 47.71 42.56 -3.67
N ASN D 419 47.03 43.12 -4.66
CA ASN D 419 47.54 43.15 -6.02
C ASN D 419 47.18 44.50 -6.64
N LYS D 420 47.83 44.80 -7.77
CA LYS D 420 47.72 46.13 -8.35
C LYS D 420 46.28 46.54 -8.62
N GLU D 421 45.41 45.58 -8.91
CA GLU D 421 44.00 45.90 -9.19
C GLU D 421 43.18 45.98 -7.90
N LYS D 422 43.29 44.98 -7.02
CA LYS D 422 42.52 45.02 -5.78
C LYS D 422 43.03 46.11 -4.84
N ASN D 423 44.32 46.46 -4.92
CA ASN D 423 44.84 47.59 -4.16
C ASN D 423 44.31 48.92 -4.67
N GLU D 424 43.84 48.97 -5.92
CA GLU D 424 43.38 50.24 -6.48
C GLU D 424 42.02 50.64 -5.92
N TYR D 425 41.13 49.67 -5.71
CA TYR D 425 39.85 49.98 -5.07
C TYR D 425 40.04 50.46 -3.65
N TRP D 426 40.96 49.82 -2.91
CA TRP D 426 41.23 50.23 -1.54
C TRP D 426 41.79 51.65 -1.50
N LYS D 427 42.69 51.99 -2.44
CA LYS D 427 43.22 53.34 -2.49
C LYS D 427 42.11 54.36 -2.71
N ILE D 428 41.14 54.03 -3.57
CA ILE D 428 40.00 54.91 -3.77
C ILE D 428 39.21 55.06 -2.47
N LEU D 429 39.01 53.95 -1.74
CA LEU D 429 38.27 54.02 -0.49
C LEU D 429 38.98 54.88 0.54
N ILE D 430 40.31 54.74 0.65
CA ILE D 430 41.05 55.46 1.69
C ILE D 430 40.97 56.96 1.47
N GLU D 431 41.18 57.42 0.23
CA GLU D 431 41.04 58.85 -0.04
C GLU D 431 39.60 59.30 0.09
N ALA D 432 38.63 58.43 -0.19
CA ALA D 432 37.24 58.75 0.05
C ALA D 432 36.96 58.90 1.54
N LYS D 433 37.52 58.02 2.37
CA LYS D 433 37.30 58.10 3.81
C LYS D 433 37.89 59.38 4.39
N LYS D 434 38.98 59.88 3.81
CA LYS D 434 39.58 61.12 4.32
C LYS D 434 38.64 62.30 4.17
N LYS D 435 37.94 62.39 3.05
CA LYS D 435 37.02 63.48 2.77
C LYS D 435 35.56 63.08 2.95
N ALA D 436 35.30 61.97 3.64
CA ALA D 436 33.95 61.46 3.76
C ALA D 436 33.08 62.37 4.62
N LYS D 437 31.79 62.39 4.31
CA LYS D 437 30.84 63.25 5.02
C LYS D 437 29.57 62.54 5.46
N ASN D 438 29.26 61.35 4.94
CA ASN D 438 28.09 60.62 5.37
C ASN D 438 28.39 59.13 5.35
N ASP D 439 27.48 58.36 5.94
CA ASP D 439 27.66 56.93 6.16
C ASP D 439 27.64 56.11 4.87
N TYR D 440 27.54 56.72 3.70
CA TYR D 440 27.70 55.97 2.45
C TYR D 440 29.10 55.39 2.31
N ILE D 441 30.05 55.86 3.11
CA ILE D 441 31.37 55.24 3.15
C ILE D 441 31.27 53.80 3.63
N LEU D 442 30.31 53.50 4.52
CA LEU D 442 30.13 52.13 4.99
C LEU D 442 29.69 51.21 3.87
N VAL D 443 28.84 51.70 2.97
CA VAL D 443 28.44 50.89 1.81
C VAL D 443 29.65 50.63 0.91
N ALA D 444 30.52 51.64 0.76
CA ALA D 444 31.72 51.50 -0.05
C ALA D 444 32.75 50.58 0.58
N GLU D 445 32.57 50.20 1.85
CA GLU D 445 33.48 49.27 2.51
C GLU D 445 33.03 47.82 2.41
N GLY D 446 31.92 47.55 1.72
CA GLY D 446 31.46 46.18 1.58
C GLY D 446 32.51 45.32 0.91
N SER D 447 32.63 44.08 1.39
CA SER D 447 33.66 43.18 0.87
C SER D 447 33.43 42.81 -0.59
N ASP D 448 32.19 42.94 -1.08
CA ASP D 448 31.86 42.46 -2.42
C ASP D 448 32.57 43.28 -3.50
N TRP D 449 32.73 44.59 -3.29
CA TRP D 449 33.33 45.44 -4.31
C TRP D 449 34.77 45.03 -4.61
N PHE D 450 35.51 44.62 -3.58
CA PHE D 450 36.89 44.21 -3.77
C PHE D 450 37.02 42.77 -4.24
N TRP D 451 36.01 41.93 -4.01
CA TRP D 451 36.05 40.56 -4.49
C TRP D 451 35.96 40.49 -6.00
N TRP D 452 35.10 41.31 -6.60
CA TRP D 452 34.83 41.26 -8.04
C TRP D 452 35.78 42.15 -8.83
N GLN D 453 37.08 41.94 -8.62
CA GLN D 453 38.11 42.73 -9.28
C GLN D 453 39.28 41.82 -9.62
N GLY D 454 40.19 42.34 -10.44
CA GLY D 454 41.33 41.58 -10.89
C GLY D 454 41.08 40.90 -12.23
N GLU D 455 41.91 39.90 -12.51
CA GLU D 455 41.86 39.21 -13.79
C GLU D 455 40.65 38.28 -13.93
N GLU D 456 39.85 38.12 -12.89
CA GLU D 456 38.64 37.29 -12.96
C GLU D 456 37.58 38.06 -13.76
N LYS D 457 37.53 37.79 -15.06
CA LYS D 457 36.62 38.47 -15.98
C LYS D 457 35.28 37.73 -15.97
N ALA D 458 34.48 38.02 -14.95
CA ALA D 458 33.24 37.36 -14.57
C ALA D 458 32.07 38.32 -14.83
N PRO D 459 30.80 37.95 -14.59
CA PRO D 459 29.71 38.75 -15.16
C PRO D 459 29.60 40.16 -14.57
N PHE D 460 29.16 41.08 -15.43
CA PHE D 460 28.74 42.44 -15.06
C PHE D 460 29.75 43.12 -14.14
N VAL D 461 30.95 43.34 -14.67
CA VAL D 461 31.97 44.07 -13.93
C VAL D 461 31.86 45.58 -14.12
N GLU D 462 31.20 46.04 -15.18
CA GLU D 462 30.97 47.47 -15.34
C GLU D 462 29.95 47.98 -14.32
N VAL D 463 28.90 47.20 -14.07
CA VAL D 463 27.89 47.59 -13.10
C VAL D 463 28.49 47.63 -11.69
N PHE D 464 29.31 46.64 -11.35
CA PHE D 464 29.94 46.63 -10.03
C PHE D 464 30.88 47.83 -9.85
N ASP D 465 31.55 48.24 -10.92
CA ASP D 465 32.43 49.41 -10.82
C ASP D 465 31.62 50.70 -10.73
N LYS D 466 30.58 50.85 -11.55
CA LYS D 466 29.78 52.07 -11.52
C LYS D 466 29.12 52.24 -10.16
N LEU D 467 28.62 51.15 -9.58
CA LEU D 467 27.98 51.22 -8.27
C LEU D 467 29.00 51.62 -7.20
N PHE D 468 30.21 51.07 -7.25
CA PHE D 468 31.21 51.41 -6.25
C PHE D 468 31.61 52.87 -6.33
N ARG D 469 31.78 53.40 -7.54
CA ARG D 469 32.14 54.81 -7.69
C ARG D 469 31.03 55.72 -7.18
N SER D 470 29.77 55.32 -7.41
CA SER D 470 28.64 56.14 -6.98
C SER D 470 28.58 56.26 -5.46
N PHE D 471 28.78 55.15 -4.74
CA PHE D 471 28.77 55.21 -3.28
C PHE D 471 29.93 56.05 -2.76
N VAL D 472 31.09 55.97 -3.41
CA VAL D 472 32.25 56.74 -2.99
C VAL D 472 32.03 58.23 -3.27
N ARG D 473 31.46 58.56 -4.43
CA ARG D 473 31.15 59.96 -4.71
C ARG D 473 30.07 60.50 -3.78
N ARG D 474 29.03 59.70 -3.53
CA ARG D 474 27.96 60.12 -2.64
C ARG D 474 28.46 60.34 -1.22
N ALA D 475 29.49 59.59 -0.81
CA ALA D 475 29.99 59.67 0.56
C ALA D 475 30.74 60.96 0.85
N GLN D 476 31.03 61.78 -0.16
CA GLN D 476 31.81 63.00 0.03
C GLN D 476 30.99 64.27 -0.24
N GLU D 477 29.68 64.18 -0.16
CA GLU D 477 28.80 65.31 -0.47
C GLU D 477 28.31 66.01 0.79
N LEU D 478 28.06 67.30 0.64
CA LEU D 478 27.47 68.16 1.66
C LEU D 478 25.95 68.09 1.56
N GLU D 479 25.24 69.07 2.14
CA GLU D 479 23.80 69.21 1.93
C GLU D 479 23.45 70.61 1.39
N HIS D 480 23.30 70.71 0.06
CA HIS D 480 22.51 71.73 -0.63
C HIS D 480 23.00 73.16 -0.40
N HIS D 481 24.12 73.47 -1.05
CA HIS D 481 24.83 74.74 -0.91
C HIS D 481 25.08 75.37 -2.28
N HIS D 482 25.66 76.58 -2.26
CA HIS D 482 26.26 77.21 -3.43
C HIS D 482 27.24 78.26 -2.95
N HIS D 483 28.12 78.70 -3.85
CA HIS D 483 29.11 79.72 -3.53
C HIS D 483 28.50 81.11 -3.46
#